data_9B6W
#
_entry.id   9B6W
#
_cell.length_a   1.00
_cell.length_b   1.00
_cell.length_c   1.00
_cell.angle_alpha   90.00
_cell.angle_beta   90.00
_cell.angle_gamma   90.00
#
_symmetry.space_group_name_H-M   'P 1'
#
loop_
_entity.id
_entity.type
_entity.pdbx_description
1 polymer 'Envelope protein'
2 polymer '2C9 Fab heavy chain'
3 polymer '2C9 Fab light chain'
#
loop_
_entity_poly.entity_id
_entity_poly.type
_entity_poly.pdbx_seq_one_letter_code
_entity_poly.pdbx_strand_id
1 'polypeptide(L)'
;AHCIGITDRDFIEGVHGGTWVSATLEQDKCVTVMAPDKPSLDISLETVAIDGPAEARKVCYSAVLTNVKINDKCPSTGEA
HLEEENEGDNACKRTYSDRGWGNGCGLFGKGSIVACAKFTCAKSMSLFEVDQTKIQYVIRAQLHVGAKQENWNTDIKTLK
FDALSGSQEAEFTGYGRATLECQVQTAVDFSNSYIAEMEKESWIVDKQWAQDLTLPWQSGSGGVWREMHHLVEFEPPHAA
TIKVLALGNQEGSLKTALTGAMRVTKDTNNSKLYKLHGGHVACRVKLSALTLKGTSYKICTDKMFFVKNPTDTGHGTVVM
QVKVSKGAPCRIPVIVADDLTAAINKGILVTVNPIASTNDDEVLIEVNPPFGDSYIIVGRGDSRLTYQWHK
;
A,B,C
2 'polypeptide(L)'
;EVKLVESGGGLVKPGGSLKLSCAASGFTFTNYAMSWVRQTPEKRLEWVASISSGHTPYYPDSVKGRFTISRDNARNILFL
QMSSLRSEDTAMYYCARGDYYGSVYSAMDYWGQGTSLTVS
;
D,F,H
3 'polypeptide(L)'
;EIRMTQSPSSMYASLGERVTVTCKASQDINSYLSWLQQKPGKSPKTLIYRANRLFDGVPSRFSGSGSGQDYSLTISSLEY
EDMGIFYCLQYDEFPFTFGSGTKLELK
;
E,G,I
#
# COMPACT_ATOMS: atom_id res chain seq x y z
N ALA A 1 -10.81 -36.81 13.02
CA ALA A 1 -11.35 -35.67 13.82
C ALA A 1 -10.78 -34.37 13.31
N HIS A 2 -11.57 -33.31 13.45
CA HIS A 2 -11.12 -31.98 13.07
C HIS A 2 -9.74 -31.70 13.63
N CYS A 3 -9.45 -32.22 14.81
CA CYS A 3 -8.24 -31.91 15.52
C CYS A 3 -6.95 -32.24 14.77
N ILE A 4 -6.99 -33.14 13.81
CA ILE A 4 -5.77 -33.48 13.09
C ILE A 4 -5.10 -32.26 12.46
N GLY A 5 -5.88 -31.26 12.07
CA GLY A 5 -5.32 -30.08 11.43
C GLY A 5 -4.62 -29.09 12.34
N ILE A 6 -4.74 -29.24 13.65
CA ILE A 6 -4.08 -28.31 14.55
C ILE A 6 -2.57 -28.51 14.50
N THR A 7 -1.83 -27.40 14.52
CA THR A 7 -0.38 -27.47 14.46
C THR A 7 0.21 -27.98 15.77
N ASP A 8 -0.31 -27.50 16.89
CA ASP A 8 0.21 -27.88 18.20
C ASP A 8 -0.73 -28.87 18.88
N ARG A 9 -0.22 -30.09 19.10
CA ARG A 9 -0.94 -31.23 19.62
C ARG A 9 -0.14 -31.84 20.75
N ASP A 10 -0.80 -32.19 21.87
CA ASP A 10 -0.16 -33.02 22.89
C ASP A 10 -1.11 -34.07 23.46
N PHE A 11 -0.52 -35.16 23.92
CA PHE A 11 -1.23 -36.36 24.39
C PHE A 11 -1.30 -36.39 25.91
N ILE A 12 -2.50 -36.60 26.44
CA ILE A 12 -2.70 -37.04 27.83
C ILE A 12 -3.14 -38.50 27.78
N GLU A 13 -2.49 -39.37 28.57
CA GLU A 13 -2.90 -40.76 28.70
C GLU A 13 -3.41 -41.03 30.11
N GLY A 14 -4.68 -41.45 30.20
CA GLY A 14 -5.28 -41.78 31.48
C GLY A 14 -4.74 -43.08 32.07
N VAL A 15 -4.53 -43.08 33.39
CA VAL A 15 -4.25 -44.32 34.11
C VAL A 15 -5.42 -45.29 33.94
N HIS A 16 -5.09 -46.58 33.87
CA HIS A 16 -6.12 -47.60 33.72
C HIS A 16 -7.13 -47.56 34.86
N GLY A 17 -8.41 -47.62 34.49
CA GLY A 17 -9.50 -47.47 35.46
C GLY A 17 -9.68 -46.10 36.04
N GLY A 18 -8.98 -45.08 35.51
CA GLY A 18 -9.37 -43.70 35.75
C GLY A 18 -10.63 -43.32 34.99
N THR A 19 -11.78 -43.34 35.68
CA THR A 19 -13.04 -43.03 35.01
C THR A 19 -13.10 -41.57 34.56
N TRP A 20 -12.52 -40.66 35.34
CA TRP A 20 -12.21 -39.31 34.88
C TRP A 20 -10.80 -39.20 34.32
N VAL A 21 -10.64 -38.28 33.37
CA VAL A 21 -9.37 -37.62 33.08
C VAL A 21 -9.63 -36.12 33.04
N SER A 22 -8.59 -35.35 32.74
CA SER A 22 -8.75 -33.90 32.59
C SER A 22 -7.76 -33.37 31.55
N ALA A 23 -8.05 -32.16 31.06
CA ALA A 23 -7.20 -31.52 30.08
C ALA A 23 -7.22 -30.01 30.27
N THR A 24 -6.09 -29.37 29.95
CA THR A 24 -5.95 -27.92 29.91
C THR A 24 -5.86 -27.44 28.48
N LEU A 25 -6.54 -26.33 28.18
CA LEU A 25 -7.01 -26.01 26.84
C LEU A 25 -6.62 -24.59 26.47
N GLU A 26 -6.20 -24.41 25.22
CA GLU A 26 -5.68 -23.13 24.76
C GLU A 26 -5.89 -23.03 23.25
N GLN A 27 -6.33 -21.85 22.81
CA GLN A 27 -6.86 -21.70 21.46
C GLN A 27 -5.82 -22.07 20.40
N ASP A 28 -4.56 -21.83 20.68
CA ASP A 28 -3.50 -22.16 19.72
C ASP A 28 -3.27 -23.65 19.57
N LYS A 29 -3.82 -24.49 20.44
CA LYS A 29 -3.39 -25.87 20.51
C LYS A 29 -4.56 -26.80 20.77
N CYS A 30 -4.27 -28.10 20.73
CA CYS A 30 -5.26 -29.13 21.00
C CYS A 30 -4.66 -30.23 21.86
N VAL A 31 -5.54 -31.02 22.46
CA VAL A 31 -5.17 -32.20 23.25
C VAL A 31 -5.83 -33.43 22.65
N THR A 32 -5.10 -34.54 22.68
CA THR A 32 -5.64 -35.86 22.35
C THR A 32 -5.56 -36.79 23.56
N VAL A 33 -6.63 -37.55 23.78
CA VAL A 33 -6.83 -38.34 24.99
C VAL A 33 -6.73 -39.82 24.64
N MET A 34 -5.82 -40.51 25.33
CA MET A 34 -5.62 -41.95 25.17
C MET A 34 -5.98 -42.71 26.45
N ALA A 35 -6.61 -43.87 26.28
CA ALA A 35 -6.87 -44.80 27.37
C ALA A 35 -6.81 -46.22 26.81
N PRO A 36 -6.55 -47.21 27.67
CA PRO A 36 -6.10 -48.52 27.16
C PRO A 36 -7.09 -49.24 26.25
N ASP A 37 -8.40 -48.99 26.37
CA ASP A 37 -9.38 -49.81 25.66
C ASP A 37 -10.60 -48.99 25.28
N LYS A 38 -10.37 -47.75 24.85
CA LYS A 38 -11.42 -46.77 24.61
C LYS A 38 -11.18 -46.07 23.28
N PRO A 39 -12.23 -45.58 22.60
CA PRO A 39 -12.01 -44.72 21.44
C PRO A 39 -11.31 -43.44 21.86
N SER A 40 -10.26 -43.07 21.15
CA SER A 40 -9.54 -41.85 21.50
C SER A 40 -10.37 -40.60 21.21
N LEU A 41 -10.24 -39.62 22.09
CA LEU A 41 -10.97 -38.35 22.06
C LEU A 41 -10.02 -37.19 21.85
N ASP A 42 -10.33 -36.30 20.90
CA ASP A 42 -9.60 -35.05 20.74
C ASP A 42 -10.42 -33.84 21.20
N ILE A 43 -9.74 -32.90 21.87
CA ILE A 43 -10.36 -31.74 22.51
C ILE A 43 -9.60 -30.49 22.11
N SER A 44 -10.36 -29.42 21.82
CA SER A 44 -9.80 -28.16 21.38
C SER A 44 -10.62 -26.98 21.91
N LEU A 45 -9.94 -25.97 22.45
CA LEU A 45 -10.59 -24.73 22.85
C LEU A 45 -11.05 -23.93 21.64
N GLU A 46 -12.35 -23.61 21.58
CA GLU A 46 -12.90 -22.77 20.53
C GLU A 46 -13.09 -21.33 21.07
N THR A 47 -13.92 -20.54 20.39
CA THR A 47 -14.08 -19.12 20.70
C THR A 47 -14.46 -18.86 22.16
N VAL A 48 -13.80 -17.88 22.76
CA VAL A 48 -14.18 -17.30 24.05
C VAL A 48 -14.71 -15.89 23.80
N ALA A 49 -15.88 -15.55 24.36
CA ALA A 49 -16.57 -14.36 23.89
C ALA A 49 -17.46 -13.71 24.95
N ILE A 50 -17.83 -12.46 24.68
CA ILE A 50 -18.84 -11.69 25.41
C ILE A 50 -19.77 -11.05 24.39
N ASP A 51 -21.06 -10.98 24.72
CA ASP A 51 -22.02 -10.20 23.94
C ASP A 51 -22.49 -8.98 24.71
N GLY A 52 -22.30 -7.80 24.13
CA GLY A 52 -22.79 -6.55 24.68
C GLY A 52 -22.36 -6.15 26.08
N PRO A 53 -21.06 -6.21 26.36
CA PRO A 53 -20.56 -5.64 27.61
C PRO A 53 -20.89 -4.15 27.70
N ALA A 54 -20.99 -3.64 28.92
CA ALA A 54 -21.48 -2.29 29.16
C ALA A 54 -20.39 -1.23 28.94
N GLU A 55 -20.79 -0.09 28.38
CA GLU A 55 -19.88 1.05 28.16
C GLU A 55 -19.27 1.55 29.46
N ALA A 56 -17.94 1.60 29.51
CA ALA A 56 -17.24 2.21 30.64
C ALA A 56 -16.96 3.69 30.39
N ARG A 57 -16.19 3.97 29.35
CA ARG A 57 -15.65 5.29 29.04
C ARG A 57 -15.56 5.42 27.53
N LYS A 58 -15.55 6.66 27.04
CA LYS A 58 -15.10 6.93 25.69
C LYS A 58 -13.96 7.93 25.72
N VAL A 59 -13.00 7.74 24.82
CA VAL A 59 -11.82 8.59 24.73
C VAL A 59 -11.72 9.10 23.29
N CYS A 60 -11.62 10.43 23.15
CA CYS A 60 -11.42 11.05 21.85
C CYS A 60 -9.93 11.11 21.56
N TYR A 61 -9.47 10.22 20.67
CA TYR A 61 -8.09 10.26 20.21
C TYR A 61 -7.88 11.26 19.09
N SER A 62 -8.94 11.86 18.55
CA SER A 62 -8.77 13.01 17.68
C SER A 62 -9.93 13.97 17.88
N ALA A 63 -9.65 15.24 17.64
CA ALA A 63 -10.64 16.30 17.76
C ALA A 63 -10.28 17.43 16.81
N VAL A 64 -11.25 18.30 16.58
CA VAL A 64 -11.06 19.47 15.72
C VAL A 64 -11.58 20.70 16.44
N LEU A 65 -10.97 21.84 16.15
CA LEU A 65 -11.22 23.10 16.83
C LEU A 65 -11.66 24.17 15.84
N THR A 66 -12.70 24.92 16.20
CA THR A 66 -13.18 25.97 15.30
C THR A 66 -13.98 27.00 16.08
N ASN A 67 -14.37 28.06 15.38
CA ASN A 67 -15.01 29.25 15.95
C ASN A 67 -14.14 30.01 16.95
N VAL A 68 -12.82 29.87 16.88
CA VAL A 68 -11.93 30.35 17.94
C VAL A 68 -12.17 31.82 18.27
N LYS A 69 -12.31 32.13 19.56
CA LYS A 69 -12.63 33.45 20.09
C LYS A 69 -11.50 33.96 20.98
N ILE A 70 -11.29 35.28 21.00
CA ILE A 70 -10.30 35.90 21.89
C ILE A 70 -10.88 37.18 22.50
N ASN A 71 -10.53 37.45 23.76
CA ASN A 71 -10.89 38.72 24.38
C ASN A 71 -9.78 39.18 25.34
N ASP A 72 -9.70 40.49 25.60
CA ASP A 72 -8.51 41.05 26.23
C ASP A 72 -8.84 42.25 27.12
N LYS A 73 -7.95 42.54 28.07
CA LYS A 73 -8.10 43.65 29.01
C LYS A 73 -6.78 44.38 29.23
N CYS A 74 -6.85 45.71 29.33
CA CYS A 74 -5.70 46.50 29.72
C CYS A 74 -5.28 46.23 31.16
N PRO A 75 -3.97 46.22 31.44
CA PRO A 75 -3.48 45.68 32.71
C PRO A 75 -4.16 46.19 33.96
N SER A 76 -4.48 47.48 34.04
CA SER A 76 -5.12 47.96 35.26
C SER A 76 -6.56 47.49 35.39
N THR A 77 -7.23 47.23 34.28
CA THR A 77 -8.69 47.10 34.26
C THR A 77 -9.18 45.73 34.71
N GLY A 78 -8.35 44.94 35.35
CA GLY A 78 -8.80 43.67 35.89
C GLY A 78 -9.07 42.57 34.87
N GLU A 79 -9.62 41.48 35.39
CA GLU A 79 -9.65 40.21 34.67
C GLU A 79 -10.68 40.18 33.54
N ALA A 80 -10.25 39.69 32.38
CA ALA A 80 -11.11 39.53 31.22
C ALA A 80 -12.02 38.30 31.34
N HIS A 81 -13.19 38.39 30.70
CA HIS A 81 -14.09 37.25 30.57
C HIS A 81 -14.76 37.25 29.21
N LEU A 82 -15.41 36.13 28.88
CA LEU A 82 -16.04 35.94 27.59
C LEU A 82 -17.33 35.15 27.75
N GLU A 83 -18.27 35.34 26.81
CA GLU A 83 -19.52 34.59 26.86
C GLU A 83 -19.32 33.11 26.59
N GLU A 84 -18.54 32.78 25.57
CA GLU A 84 -18.32 31.40 25.16
C GLU A 84 -17.61 30.58 26.23
N GLU A 85 -16.89 31.25 27.12
CA GLU A 85 -16.26 30.60 28.26
C GLU A 85 -17.25 29.90 29.17
N ASN A 86 -18.53 30.28 29.12
CA ASN A 86 -19.51 29.84 30.10
C ASN A 86 -19.80 28.34 30.06
N GLU A 87 -19.41 27.62 29.01
CA GLU A 87 -19.75 26.22 28.88
C GLU A 87 -18.55 25.40 28.42
N GLY A 88 -18.40 24.20 29.01
CA GLY A 88 -17.23 23.37 28.78
C GLY A 88 -17.05 22.93 27.35
N ASP A 89 -18.12 22.91 26.57
CA ASP A 89 -18.04 22.54 25.17
C ASP A 89 -17.04 23.36 24.38
N ASN A 90 -16.58 24.50 24.89
CA ASN A 90 -15.62 25.34 24.16
C ASN A 90 -14.21 25.36 24.75
N ALA A 91 -13.89 24.45 25.67
CA ALA A 91 -12.50 24.11 25.99
C ALA A 91 -11.56 25.32 26.15
N CYS A 92 -11.95 26.24 27.02
CA CYS A 92 -11.32 27.56 27.14
C CYS A 92 -9.88 27.47 27.67
N LYS A 93 -9.08 28.51 27.36
CA LYS A 93 -7.87 28.84 28.13
C LYS A 93 -7.82 30.32 28.49
N ARG A 94 -7.22 30.61 29.65
CA ARG A 94 -7.03 31.94 30.21
C ARG A 94 -5.56 32.19 30.51
N THR A 95 -5.07 33.41 30.23
CA THR A 95 -3.68 33.75 30.54
C THR A 95 -3.50 35.26 30.56
N TYR A 96 -2.25 35.72 30.56
CA TYR A 96 -1.90 37.13 30.52
C TYR A 96 -0.98 37.47 29.36
N SER A 97 -1.13 38.67 28.84
CA SER A 97 -0.34 39.20 27.74
C SER A 97 0.34 40.49 28.16
N ASP A 98 1.46 40.80 27.52
CA ASP A 98 1.90 42.19 27.44
C ASP A 98 0.80 43.07 26.89
N ARG A 99 0.69 44.28 27.43
CA ARG A 99 0.14 45.41 26.70
C ARG A 99 0.94 46.68 26.96
N GLY A 100 0.74 47.66 26.07
CA GLY A 100 1.35 48.96 26.20
C GLY A 100 0.83 49.91 25.15
N TRP A 101 1.35 51.13 25.14
CA TRP A 101 0.90 52.09 24.14
C TRP A 101 1.17 51.58 22.75
N GLY A 102 2.23 50.81 22.57
CA GLY A 102 2.54 50.21 21.28
C GLY A 102 1.55 49.18 20.81
N ASN A 103 0.57 48.86 21.63
CA ASN A 103 -0.59 48.09 21.17
C ASN A 103 -1.87 48.79 21.61
N GLY A 104 -1.83 50.11 21.65
CA GLY A 104 -3.00 50.94 21.87
C GLY A 104 -3.47 51.01 23.30
N CYS A 105 -2.78 50.37 24.22
CA CYS A 105 -3.22 50.31 25.61
C CYS A 105 -3.02 51.64 26.32
N GLY A 106 -3.72 51.80 27.44
CA GLY A 106 -3.57 52.98 28.29
C GLY A 106 -2.40 52.93 29.24
N LEU A 107 -1.87 51.74 29.52
CA LEU A 107 -0.77 51.58 30.47
C LEU A 107 0.04 50.37 30.06
N PHE A 108 1.33 50.39 30.35
CA PHE A 108 2.18 49.23 30.10
C PHE A 108 2.07 48.20 31.20
N GLY A 109 2.08 46.93 30.83
CA GLY A 109 2.13 45.86 31.79
C GLY A 109 1.47 44.59 31.27
N LYS A 110 1.41 43.59 32.15
CA LYS A 110 0.68 42.36 31.87
C LYS A 110 -0.83 42.59 31.96
N GLY A 111 -1.53 42.24 30.89
CA GLY A 111 -2.98 42.31 30.86
C GLY A 111 -3.64 40.95 30.68
N SER A 112 -4.85 40.83 31.22
CA SER A 112 -5.60 39.59 31.13
C SER A 112 -6.07 39.33 29.70
N ILE A 113 -5.99 38.07 29.27
CA ILE A 113 -6.46 37.64 27.95
C ILE A 113 -7.06 36.24 28.04
N VAL A 114 -8.10 35.98 27.26
CA VAL A 114 -8.87 34.74 27.34
C VAL A 114 -9.24 34.27 25.94
N ALA A 115 -9.27 32.95 25.74
CA ALA A 115 -9.67 32.40 24.45
C ALA A 115 -10.49 31.12 24.58
N CYS A 116 -11.37 30.91 23.60
CA CYS A 116 -12.23 29.73 23.52
C CYS A 116 -12.33 29.24 22.08
N ALA A 117 -12.72 27.97 21.93
CA ALA A 117 -13.16 27.45 20.64
C ALA A 117 -14.04 26.24 20.88
N LYS A 118 -15.07 26.06 20.05
CA LYS A 118 -15.85 24.84 20.21
C LYS A 118 -14.97 23.65 19.88
N PHE A 119 -15.09 22.63 20.72
CA PHE A 119 -14.33 21.40 20.67
C PHE A 119 -15.23 20.25 20.26
N THR A 120 -14.84 19.50 19.22
CA THR A 120 -15.59 18.32 18.83
C THR A 120 -14.64 17.16 18.61
N CYS A 121 -14.94 16.02 19.24
CA CYS A 121 -14.24 14.78 18.92
C CYS A 121 -14.49 14.40 17.48
N ALA A 122 -13.41 14.13 16.75
CA ALA A 122 -13.55 13.58 15.41
C ALA A 122 -13.69 12.06 15.46
N LYS A 123 -12.77 11.38 16.14
CA LYS A 123 -12.82 9.93 16.27
C LYS A 123 -12.48 9.54 17.68
N SER A 124 -13.23 8.56 18.21
CA SER A 124 -13.12 8.12 19.58
C SER A 124 -13.02 6.61 19.68
N MET A 125 -12.15 6.13 20.55
CA MET A 125 -12.22 4.75 21.01
C MET A 125 -13.15 4.65 22.22
N SER A 126 -13.79 3.48 22.36
CA SER A 126 -14.71 3.19 23.44
C SER A 126 -14.18 2.07 24.31
N LEU A 127 -14.60 2.06 25.57
CA LEU A 127 -14.24 1.02 26.53
C LEU A 127 -15.48 0.33 27.10
N PHE A 128 -15.37 -0.97 27.34
CA PHE A 128 -16.47 -1.78 27.85
C PHE A 128 -15.96 -2.73 28.92
N GLU A 129 -16.71 -2.86 30.02
CA GLU A 129 -16.25 -3.56 31.22
C GLU A 129 -16.59 -5.05 31.18
N VAL A 130 -15.67 -5.87 31.67
CA VAL A 130 -15.80 -7.33 31.67
C VAL A 130 -16.65 -7.82 32.85
N ASP A 131 -17.87 -8.30 32.55
CA ASP A 131 -18.64 -9.14 33.47
C ASP A 131 -18.18 -10.59 33.36
N GLN A 132 -17.44 -11.09 34.36
CA GLN A 132 -16.96 -12.46 34.29
C GLN A 132 -18.11 -13.45 34.13
N THR A 133 -19.27 -13.14 34.73
CA THR A 133 -20.47 -13.96 34.55
C THR A 133 -20.85 -14.16 33.10
N LYS A 134 -20.60 -13.17 32.25
CA LYS A 134 -21.01 -13.22 30.85
C LYS A 134 -20.02 -13.95 29.95
N ILE A 135 -18.83 -14.29 30.46
CA ILE A 135 -17.85 -15.08 29.73
C ILE A 135 -18.49 -16.36 29.20
N GLN A 136 -18.55 -16.51 27.89
CA GLN A 136 -19.00 -17.73 27.25
C GLN A 136 -17.84 -18.39 26.52
N TYR A 137 -17.45 -19.58 26.97
CA TYR A 137 -16.62 -20.46 26.17
C TYR A 137 -17.45 -21.14 25.08
N VAL A 138 -16.79 -21.48 23.98
CA VAL A 138 -17.21 -22.56 23.11
C VAL A 138 -16.06 -23.56 23.07
N ILE A 139 -16.40 -24.84 22.98
CA ILE A 139 -15.41 -25.90 22.92
C ILE A 139 -15.74 -26.88 21.80
N ARG A 140 -14.71 -27.35 21.12
CA ARG A 140 -14.80 -28.35 20.05
C ARG A 140 -14.18 -29.66 20.51
N ALA A 141 -14.94 -30.76 20.39
CA ALA A 141 -14.42 -32.07 20.72
C ALA A 141 -15.03 -33.13 19.81
N GLN A 142 -14.24 -34.17 19.54
CA GLN A 142 -14.54 -35.16 18.50
C GLN A 142 -13.77 -36.44 18.75
N LEU A 143 -14.45 -37.59 18.66
CA LEU A 143 -13.79 -38.88 18.74
C LEU A 143 -13.09 -39.25 17.44
N HIS A 144 -12.05 -40.08 17.58
CA HIS A 144 -11.38 -40.73 16.44
C HIS A 144 -12.23 -41.81 15.79
N VAL A 145 -13.39 -41.40 15.28
CA VAL A 145 -14.27 -42.29 14.53
C VAL A 145 -13.57 -42.87 13.31
N GLY A 146 -12.43 -42.31 12.91
CA GLY A 146 -11.85 -42.65 11.63
C GLY A 146 -12.64 -42.09 10.48
N ALA A 147 -13.48 -41.10 10.74
CA ALA A 147 -14.28 -40.45 9.72
C ALA A 147 -13.41 -39.76 8.67
N LYS A 148 -13.92 -39.75 7.44
CA LYS A 148 -13.26 -39.04 6.34
C LYS A 148 -12.90 -37.62 6.74
N GLN A 149 -11.79 -37.12 6.20
CA GLN A 149 -11.37 -35.74 6.39
C GLN A 149 -12.54 -34.78 6.28
N GLU A 150 -13.37 -35.00 5.28
CA GLU A 150 -14.47 -34.07 4.99
C GLU A 150 -15.53 -34.14 6.08
N ASN A 151 -15.88 -35.34 6.52
CA ASN A 151 -17.00 -35.49 7.43
C ASN A 151 -16.72 -34.85 8.78
N TRP A 152 -15.47 -34.48 9.02
CA TRP A 152 -15.11 -33.83 10.27
C TRP A 152 -15.99 -32.64 10.59
N ASN A 153 -16.26 -31.81 9.59
CA ASN A 153 -17.09 -30.63 9.80
C ASN A 153 -18.51 -30.94 10.26
N THR A 154 -18.99 -32.15 10.02
CA THR A 154 -20.37 -32.46 10.38
C THR A 154 -20.46 -33.34 11.63
N ASP A 155 -19.50 -34.24 11.83
CA ASP A 155 -19.45 -34.99 13.10
C ASP A 155 -19.12 -34.08 14.27
N ILE A 156 -18.28 -33.08 14.06
CA ILE A 156 -17.78 -32.24 15.15
C ILE A 156 -18.92 -31.77 16.04
N LYS A 157 -18.72 -31.95 17.36
CA LYS A 157 -19.62 -31.40 18.38
C LYS A 157 -19.09 -30.06 18.87
N THR A 158 -19.95 -29.04 18.78
CA THR A 158 -19.66 -27.70 19.27
C THR A 158 -20.53 -27.40 20.48
N LEU A 159 -19.92 -27.11 21.62
CA LEU A 159 -20.64 -26.92 22.86
C LEU A 159 -20.26 -25.57 23.46
N LYS A 160 -21.23 -24.88 24.06
CA LYS A 160 -20.97 -23.64 24.79
C LYS A 160 -21.02 -23.84 26.30
N PHE A 161 -20.10 -23.17 26.99
CA PHE A 161 -19.85 -23.29 28.42
C PHE A 161 -19.66 -21.91 29.02
N ASP A 162 -20.16 -21.72 30.25
CA ASP A 162 -20.19 -20.39 30.85
C ASP A 162 -20.33 -20.53 32.36
N ALA A 163 -20.18 -19.40 33.06
CA ALA A 163 -20.32 -19.34 34.50
C ALA A 163 -21.69 -19.77 35.02
N LEU A 164 -22.64 -20.04 34.13
CA LEU A 164 -23.96 -20.55 34.53
C LEU A 164 -24.11 -22.05 34.32
N SER A 165 -23.11 -22.72 33.77
CA SER A 165 -23.22 -24.11 33.35
C SER A 165 -22.03 -24.94 33.82
N GLY A 166 -22.32 -26.16 34.28
CA GLY A 166 -21.29 -27.09 34.74
C GLY A 166 -20.84 -28.05 33.66
N SER A 167 -21.76 -28.87 33.14
CA SER A 167 -21.54 -29.66 31.94
C SER A 167 -22.80 -29.69 31.09
N GLN A 168 -22.61 -29.75 29.78
CA GLN A 168 -23.69 -29.94 28.82
C GLN A 168 -23.20 -30.91 27.74
N GLU A 169 -23.08 -32.18 28.13
CA GLU A 169 -22.45 -33.24 27.36
C GLU A 169 -23.24 -33.60 26.09
N ALA A 170 -22.62 -34.46 25.27
CA ALA A 170 -23.19 -34.95 24.03
C ALA A 170 -22.80 -36.42 23.82
N GLU A 171 -23.45 -37.08 22.86
CA GLU A 171 -23.23 -38.49 22.56
C GLU A 171 -22.68 -38.70 21.15
N PHE A 172 -21.78 -39.67 21.03
CA PHE A 172 -21.31 -40.18 19.75
C PHE A 172 -21.90 -41.57 19.50
N THR A 173 -22.53 -41.73 18.35
CA THR A 173 -23.29 -42.93 18.04
C THR A 173 -22.44 -44.19 18.16
N GLY A 174 -22.87 -45.11 19.02
CA GLY A 174 -22.17 -46.34 19.28
C GLY A 174 -20.94 -46.22 20.14
N TYR A 175 -20.19 -45.14 19.94
CA TYR A 175 -19.04 -44.86 20.78
C TYR A 175 -19.42 -44.37 22.17
N GLY A 176 -20.70 -44.10 22.42
CA GLY A 176 -21.17 -43.77 23.75
C GLY A 176 -21.00 -42.31 24.16
N ARG A 177 -20.66 -42.04 25.42
CA ARG A 177 -20.73 -40.69 25.95
C ARG A 177 -19.47 -40.33 26.74
N ALA A 178 -19.21 -39.02 26.83
CA ALA A 178 -18.24 -38.45 27.77
C ALA A 178 -18.78 -37.16 28.38
N THR A 179 -18.75 -37.08 29.71
CA THR A 179 -19.12 -35.86 30.42
C THR A 179 -17.95 -34.88 30.51
N LEU A 180 -18.26 -33.58 30.48
CA LEU A 180 -17.26 -32.52 30.36
C LEU A 180 -17.52 -31.40 31.37
N GLU A 181 -16.82 -31.43 32.52
CA GLU A 181 -16.94 -30.39 33.54
C GLU A 181 -15.86 -29.33 33.37
N CYS A 182 -16.19 -28.23 32.70
CA CYS A 182 -15.24 -27.16 32.41
C CYS A 182 -15.04 -26.21 33.59
N GLN A 183 -13.84 -25.62 33.65
CA GLN A 183 -13.46 -24.65 34.68
C GLN A 183 -13.98 -23.24 34.41
N VAL A 184 -15.29 -23.12 34.16
CA VAL A 184 -15.93 -21.85 33.81
C VAL A 184 -15.76 -20.77 34.88
N GLN A 185 -15.51 -21.15 36.13
CA GLN A 185 -15.46 -20.20 37.24
C GLN A 185 -14.14 -19.45 37.38
N THR A 186 -13.04 -19.93 36.78
CA THR A 186 -11.71 -19.66 37.31
C THR A 186 -10.66 -19.24 36.27
N ALA A 187 -10.88 -19.45 34.97
CA ALA A 187 -9.79 -19.46 34.01
C ALA A 187 -9.15 -18.09 33.72
N VAL A 188 -9.79 -16.95 34.03
CA VAL A 188 -9.22 -15.64 33.69
C VAL A 188 -9.55 -14.58 34.74
N ASP A 189 -8.68 -13.57 34.82
CA ASP A 189 -8.71 -12.53 35.86
C ASP A 189 -9.23 -11.18 35.36
N PHE A 190 -9.95 -11.16 34.24
CA PHE A 190 -10.23 -9.94 33.47
C PHE A 190 -11.22 -8.98 34.13
N SER A 191 -11.80 -9.30 35.28
CA SER A 191 -12.73 -8.38 35.94
C SER A 191 -12.13 -6.99 36.19
N ASN A 192 -10.82 -6.89 36.23
CA ASN A 192 -10.08 -5.65 36.41
C ASN A 192 -9.88 -4.85 35.13
N SER A 193 -10.56 -5.19 34.03
CA SER A 193 -10.16 -4.69 32.73
C SER A 193 -11.35 -4.25 31.89
N TYR A 194 -11.05 -3.41 30.90
CA TYR A 194 -11.96 -3.05 29.83
C TYR A 194 -11.58 -3.75 28.53
N ILE A 195 -12.60 -4.09 27.75
CA ILE A 195 -12.42 -4.23 26.32
C ILE A 195 -12.31 -2.84 25.70
N ALA A 196 -11.24 -2.64 24.95
CA ALA A 196 -11.01 -1.42 24.19
C ALA A 196 -11.41 -1.62 22.73
N GLU A 197 -12.30 -0.76 22.24
CA GLU A 197 -12.74 -0.75 20.86
C GLU A 197 -12.20 0.49 20.17
N MET A 198 -11.39 0.27 19.13
CA MET A 198 -11.09 1.29 18.15
C MET A 198 -11.91 1.02 16.89
N GLU A 199 -11.59 1.71 15.80
CA GLU A 199 -12.26 1.42 14.54
C GLU A 199 -11.84 0.05 14.02
N LYS A 200 -12.75 -0.92 14.14
CA LYS A 200 -12.58 -2.26 13.61
C LYS A 200 -11.32 -2.93 14.15
N GLU A 201 -10.87 -2.52 15.33
CA GLU A 201 -9.77 -3.15 16.01
C GLU A 201 -10.00 -2.98 17.50
N SER A 202 -9.53 -3.95 18.29
CA SER A 202 -9.85 -3.91 19.70
C SER A 202 -8.87 -4.72 20.53
N TRP A 203 -8.88 -4.44 21.83
CA TRP A 203 -7.87 -4.90 22.78
C TRP A 203 -8.55 -5.12 24.12
N ILE A 204 -7.91 -5.88 24.99
CA ILE A 204 -8.26 -5.91 26.41
C ILE A 204 -7.19 -5.19 27.19
N VAL A 205 -7.62 -4.26 28.04
CA VAL A 205 -6.72 -3.39 28.78
C VAL A 205 -7.25 -3.21 30.20
N ASP A 206 -6.33 -3.14 31.16
CA ASP A 206 -6.73 -2.97 32.55
C ASP A 206 -7.31 -1.58 32.79
N LYS A 207 -8.27 -1.53 33.71
CA LYS A 207 -8.95 -0.28 34.00
C LYS A 207 -7.99 0.82 34.43
N GLN A 208 -6.96 0.47 35.20
CA GLN A 208 -5.98 1.47 35.63
C GLN A 208 -5.27 2.10 34.45
N TRP A 209 -4.71 1.27 33.56
CA TRP A 209 -4.05 1.79 32.36
C TRP A 209 -4.95 2.78 31.63
N ALA A 210 -6.17 2.36 31.35
CA ALA A 210 -7.09 3.20 30.60
C ALA A 210 -7.41 4.50 31.33
N GLN A 211 -7.74 4.38 32.60
CA GLN A 211 -8.08 5.56 33.38
C GLN A 211 -6.89 6.50 33.51
N ASP A 212 -5.68 5.96 33.44
CA ASP A 212 -4.49 6.80 33.45
C ASP A 212 -4.19 7.50 32.13
N LEU A 213 -4.87 7.16 31.04
CA LEU A 213 -4.57 7.80 29.76
C LEU A 213 -4.95 9.28 29.80
N THR A 214 -4.06 10.12 29.27
CA THR A 214 -4.16 11.57 29.38
C THR A 214 -5.09 12.21 28.37
N LEU A 215 -5.43 11.52 27.29
CA LEU A 215 -6.28 12.11 26.29
C LEU A 215 -7.64 12.46 26.89
N PRO A 216 -8.36 13.41 26.30
CA PRO A 216 -9.63 13.83 26.89
C PRO A 216 -10.67 12.73 26.81
N TRP A 217 -11.48 12.61 27.86
CA TRP A 217 -12.34 11.46 28.05
C TRP A 217 -13.73 11.86 28.53
N GLN A 218 -14.64 10.89 28.40
CA GLN A 218 -16.07 11.10 28.58
C GLN A 218 -16.67 9.83 29.19
N SER A 219 -17.71 10.01 30.00
CA SER A 219 -18.38 8.88 30.62
C SER A 219 -19.03 7.99 29.57
N GLY A 220 -19.35 6.76 29.99
CA GLY A 220 -20.19 5.89 29.18
C GLY A 220 -21.54 6.49 28.87
N SER A 221 -21.99 7.45 29.67
CA SER A 221 -23.20 8.22 29.40
C SER A 221 -23.00 9.30 28.35
N GLY A 222 -21.78 9.53 27.89
CA GLY A 222 -21.54 10.52 26.87
C GLY A 222 -21.57 11.95 27.38
N GLY A 223 -21.30 12.16 28.66
CA GLY A 223 -21.25 13.50 29.20
C GLY A 223 -20.12 14.32 28.61
N VAL A 224 -20.26 15.64 28.72
CA VAL A 224 -19.33 16.54 28.04
C VAL A 224 -17.89 16.27 28.44
N TRP A 225 -17.01 16.33 27.45
CA TRP A 225 -15.61 15.96 27.57
C TRP A 225 -14.90 16.70 28.69
N ARG A 226 -14.02 15.99 29.39
CA ARG A 226 -13.49 16.42 30.67
C ARG A 226 -12.12 17.11 30.65
N GLU A 227 -11.22 16.83 29.70
CA GLU A 227 -9.80 17.13 29.92
C GLU A 227 -9.09 17.66 28.67
N MET A 228 -9.75 18.54 27.93
CA MET A 228 -9.25 18.94 26.62
C MET A 228 -7.85 19.55 26.67
N HIS A 229 -7.40 20.02 27.83
CA HIS A 229 -6.04 20.51 27.97
C HIS A 229 -4.98 19.56 27.43
N HIS A 230 -5.24 18.28 27.39
CA HIS A 230 -4.23 17.35 26.90
C HIS A 230 -4.24 17.19 25.40
N LEU A 231 -5.26 17.70 24.72
CA LEU A 231 -5.30 17.69 23.27
C LEU A 231 -5.10 19.07 22.67
N VAL A 232 -5.57 20.11 23.32
CA VAL A 232 -5.52 21.47 22.80
C VAL A 232 -4.40 22.23 23.48
N GLU A 233 -3.61 22.97 22.69
CA GLU A 233 -2.53 23.79 23.21
C GLU A 233 -2.61 25.20 22.63
N PHE A 234 -1.93 26.13 23.29
CA PHE A 234 -2.02 27.54 22.98
C PHE A 234 -0.63 28.15 22.90
N GLU A 235 -0.42 28.98 21.89
CA GLU A 235 0.79 29.79 21.84
C GLU A 235 0.84 30.74 23.02
N PRO A 236 2.03 31.12 23.48
CA PRO A 236 2.13 32.35 24.24
C PRO A 236 1.58 33.51 23.44
N PRO A 237 0.78 34.37 24.06
CA PRO A 237 0.09 35.40 23.28
C PRO A 237 1.03 36.32 22.54
N HIS A 238 0.69 36.62 21.29
CA HIS A 238 1.09 37.89 20.73
C HIS A 238 0.15 38.96 21.25
N ALA A 239 0.63 40.20 21.27
CA ALA A 239 -0.09 41.24 21.98
C ALA A 239 -1.54 41.35 21.52
N ALA A 240 -1.79 41.09 20.23
CA ALA A 240 -3.16 41.13 19.75
C ALA A 240 -3.94 39.85 20.02
N THR A 241 -3.30 38.69 20.05
CA THR A 241 -4.08 37.45 19.93
C THR A 241 -3.25 36.24 20.32
N ILE A 242 -3.94 35.12 20.47
CA ILE A 242 -3.35 33.80 20.65
C ILE A 242 -3.78 32.90 19.50
N LYS A 243 -2.82 32.26 18.85
CA LYS A 243 -3.12 31.12 17.98
C LYS A 243 -3.36 29.88 18.83
N VAL A 244 -4.39 29.11 18.47
CA VAL A 244 -4.76 27.88 19.17
C VAL A 244 -4.37 26.67 18.32
N LEU A 245 -3.71 25.70 18.96
CA LEU A 245 -3.12 24.54 18.30
C LEU A 245 -3.89 23.28 18.66
N ALA A 246 -4.41 22.58 17.64
CA ALA A 246 -4.91 21.22 17.82
C ALA A 246 -3.77 20.23 17.65
N LEU A 247 -3.49 19.42 18.67
CA LEU A 247 -2.63 18.27 18.46
C LEU A 247 -3.26 17.28 17.48
N GLY A 248 -2.41 16.56 16.77
CA GLY A 248 -2.87 15.64 15.74
C GLY A 248 -3.63 14.44 16.26
N ASN A 249 -4.16 13.67 15.32
CA ASN A 249 -4.80 12.40 15.67
C ASN A 249 -3.80 11.52 16.41
N GLN A 250 -4.18 11.03 17.56
CA GLN A 250 -3.28 10.27 18.39
C GLN A 250 -3.33 8.77 18.13
N GLU A 251 -4.27 8.30 17.33
CA GLU A 251 -4.49 6.86 17.25
C GLU A 251 -3.23 6.11 16.90
N GLY A 252 -2.35 6.68 16.07
CA GLY A 252 -1.10 6.01 15.82
C GLY A 252 -0.29 5.80 17.08
N SER A 253 -0.18 6.84 17.90
CA SER A 253 0.51 6.69 19.16
C SER A 253 -0.16 5.67 20.04
N LEU A 254 -1.46 5.79 20.22
CA LEU A 254 -2.16 4.91 21.13
C LEU A 254 -2.09 3.45 20.69
N LYS A 255 -2.30 3.21 19.39
CA LYS A 255 -2.17 1.88 18.84
C LYS A 255 -0.75 1.35 18.94
N THR A 256 0.25 2.23 19.00
CA THR A 256 1.59 1.79 19.35
C THR A 256 1.67 1.36 20.80
N ALA A 257 1.15 2.18 21.71
CA ALA A 257 1.20 1.84 23.13
C ALA A 257 0.44 0.55 23.43
N LEU A 258 -0.66 0.31 22.73
CA LEU A 258 -1.45 -0.90 22.89
C LEU A 258 -0.76 -2.18 22.43
N THR A 259 0.42 -2.10 21.81
CA THR A 259 1.05 -3.30 21.26
C THR A 259 1.25 -4.40 22.29
N GLY A 260 1.38 -4.05 23.57
CA GLY A 260 1.52 -5.05 24.62
C GLY A 260 0.24 -5.75 25.05
N ALA A 261 -0.92 -5.26 24.64
CA ALA A 261 -2.19 -5.85 25.02
C ALA A 261 -2.53 -7.10 24.21
N MET A 262 -3.38 -7.95 24.79
CA MET A 262 -4.01 -9.04 24.05
C MET A 262 -5.08 -8.48 23.12
N ARG A 263 -5.08 -9.00 21.89
CA ARG A 263 -6.02 -8.59 20.86
C ARG A 263 -7.42 -9.15 21.08
N VAL A 264 -8.40 -8.45 20.49
CA VAL A 264 -9.81 -8.79 20.60
C VAL A 264 -10.49 -8.54 19.27
N THR A 265 -11.59 -9.25 18.99
CA THR A 265 -12.18 -9.20 17.66
C THR A 265 -13.70 -9.06 17.67
N LYS A 266 -14.18 -8.25 16.73
CA LYS A 266 -15.59 -8.06 16.42
C LYS A 266 -16.15 -9.21 15.59
N ASP A 267 -17.40 -9.60 15.86
CA ASP A 267 -18.18 -10.42 14.92
C ASP A 267 -19.04 -9.56 14.02
N THR A 268 -19.02 -9.85 12.72
CA THR A 268 -19.92 -9.19 11.77
C THR A 268 -21.37 -9.65 11.93
N ASN A 269 -21.59 -10.88 12.36
CA ASN A 269 -22.96 -11.41 12.43
C ASN A 269 -23.75 -10.78 13.57
N ASN A 270 -23.08 -10.37 14.63
CA ASN A 270 -23.67 -9.59 15.71
C ASN A 270 -22.62 -8.62 16.20
N SER A 271 -22.82 -7.34 15.89
CA SER A 271 -21.82 -6.32 16.21
C SER A 271 -21.58 -6.19 17.70
N LYS A 272 -22.48 -6.69 18.53
CA LYS A 272 -22.27 -6.66 19.96
C LYS A 272 -21.51 -7.87 20.48
N LEU A 273 -21.35 -8.90 19.68
CA LEU A 273 -20.54 -10.05 20.06
C LEU A 273 -19.05 -9.78 19.86
N TYR A 274 -18.29 -9.83 20.96
CA TYR A 274 -16.84 -9.67 20.96
C TYR A 274 -16.15 -10.98 21.32
N LYS A 275 -15.09 -11.30 20.58
CA LYS A 275 -14.37 -12.56 20.72
C LYS A 275 -12.95 -12.31 21.25
N LEU A 276 -12.60 -12.98 22.35
CA LEU A 276 -11.27 -12.88 22.96
C LEU A 276 -10.31 -13.86 22.32
N HIS A 277 -9.12 -13.38 21.97
CA HIS A 277 -8.14 -14.17 21.25
C HIS A 277 -7.07 -14.70 22.21
N GLY A 278 -6.77 -16.00 22.11
CA GLY A 278 -5.72 -16.64 22.90
C GLY A 278 -6.04 -16.99 24.33
N GLY A 279 -7.31 -17.16 24.69
CA GLY A 279 -7.68 -17.57 26.05
C GLY A 279 -7.30 -19.00 26.42
N HIS A 280 -7.42 -19.29 27.74
CA HIS A 280 -7.22 -20.63 28.31
C HIS A 280 -8.47 -21.14 29.01
N VAL A 281 -8.65 -22.47 28.97
CA VAL A 281 -9.73 -23.15 29.69
C VAL A 281 -9.19 -24.51 30.10
N ALA A 282 -9.85 -25.14 31.08
CA ALA A 282 -9.58 -26.54 31.41
C ALA A 282 -10.89 -27.27 31.68
N CYS A 283 -10.82 -28.61 31.63
CA CYS A 283 -12.02 -29.42 31.82
C CYS A 283 -11.69 -30.79 32.41
N ARG A 284 -12.64 -31.34 33.18
CA ARG A 284 -12.62 -32.72 33.64
C ARG A 284 -13.50 -33.58 32.75
N VAL A 285 -12.98 -34.74 32.34
CA VAL A 285 -13.59 -35.56 31.30
C VAL A 285 -13.80 -36.99 31.81
N LYS A 286 -15.03 -37.51 31.68
CA LYS A 286 -15.28 -38.93 31.92
C LYS A 286 -15.10 -39.74 30.64
N LEU A 287 -14.31 -40.80 30.72
CA LEU A 287 -14.07 -41.72 29.59
C LEU A 287 -14.80 -43.06 29.68
N SER A 288 -15.23 -43.48 30.88
CA SER A 288 -15.77 -44.82 31.05
C SER A 288 -17.05 -45.06 30.25
N ALA A 289 -17.85 -44.03 30.01
CA ALA A 289 -19.04 -44.12 29.16
C ALA A 289 -18.73 -44.20 27.67
N LEU A 290 -17.47 -44.18 27.27
CA LEU A 290 -17.09 -44.44 25.88
C LEU A 290 -17.10 -45.92 25.54
N THR A 291 -17.16 -46.19 24.23
CA THR A 291 -17.34 -47.52 23.66
C THR A 291 -16.52 -47.65 22.38
N LEU A 292 -15.85 -48.79 22.19
CA LEU A 292 -15.32 -49.15 20.86
C LEU A 292 -16.43 -49.80 20.03
N LYS A 293 -16.98 -49.02 19.09
CA LYS A 293 -18.20 -49.40 18.38
C LYS A 293 -18.08 -50.68 17.55
N GLY A 294 -16.99 -50.83 16.81
CA GLY A 294 -16.91 -51.79 15.71
C GLY A 294 -16.69 -53.25 16.05
N THR A 295 -16.51 -53.59 17.32
CA THR A 295 -16.03 -54.92 17.70
C THR A 295 -16.86 -56.06 17.12
N SER A 296 -18.16 -55.84 16.86
CA SER A 296 -18.99 -56.88 16.26
C SER A 296 -18.53 -57.35 14.88
N TYR A 297 -17.94 -56.47 14.07
CA TYR A 297 -17.68 -56.79 12.67
C TYR A 297 -16.48 -57.73 12.46
N LYS A 298 -16.40 -58.26 11.24
CA LYS A 298 -15.46 -59.29 10.78
C LYS A 298 -14.07 -58.71 10.49
N ILE A 299 -13.13 -59.64 10.21
CA ILE A 299 -11.88 -59.36 9.50
C ILE A 299 -11.88 -60.15 8.18
N CYS A 300 -11.75 -59.44 7.04
CA CYS A 300 -11.78 -60.09 5.73
C CYS A 300 -10.53 -59.88 4.86
N THR A 301 -9.72 -58.84 5.12
CA THR A 301 -8.56 -58.47 4.29
C THR A 301 -8.86 -58.46 2.78
N ASP A 302 -10.12 -58.17 2.42
CA ASP A 302 -10.65 -58.40 1.08
C ASP A 302 -10.25 -57.30 0.08
N LYS A 303 -9.02 -57.42 -0.45
CA LYS A 303 -8.49 -56.55 -1.52
C LYS A 303 -8.73 -55.06 -1.28
N MET A 304 -8.49 -54.62 -0.05
CA MET A 304 -8.44 -53.21 0.32
C MET A 304 -7.46 -52.39 -0.52
N PHE A 305 -7.64 -51.07 -0.58
CA PHE A 305 -6.62 -50.20 -1.18
C PHE A 305 -6.71 -48.79 -0.61
N PHE A 306 -5.61 -48.06 -0.74
CA PHE A 306 -5.52 -46.66 -0.33
C PHE A 306 -6.32 -45.73 -1.24
N VAL A 307 -7.16 -44.91 -0.62
CA VAL A 307 -7.66 -43.70 -1.28
C VAL A 307 -6.63 -42.58 -1.19
N LYS A 308 -5.93 -42.47 -0.06
CA LYS A 308 -4.73 -41.65 0.03
C LYS A 308 -3.71 -42.36 0.90
N ASN A 309 -2.48 -42.44 0.40
CA ASN A 309 -1.46 -43.26 1.01
C ASN A 309 -1.04 -42.74 2.38
N PRO A 310 -0.36 -43.58 3.17
CA PRO A 310 0.12 -43.14 4.48
C PRO A 310 1.02 -41.92 4.37
N THR A 311 0.88 -41.02 5.33
CA THR A 311 1.75 -39.85 5.38
C THR A 311 1.88 -39.35 6.81
N ASP A 312 2.99 -38.67 7.07
CA ASP A 312 3.24 -38.04 8.37
C ASP A 312 2.30 -36.86 8.61
N THR A 313 1.81 -36.75 9.85
CA THR A 313 1.04 -35.58 10.24
C THR A 313 1.95 -34.37 10.47
N GLY A 314 1.34 -33.26 10.87
CA GLY A 314 2.06 -32.16 11.46
C GLY A 314 2.63 -32.42 12.83
N HIS A 315 2.34 -33.57 13.42
CA HIS A 315 2.61 -33.83 14.84
C HIS A 315 3.17 -35.23 15.07
N GLY A 316 3.83 -35.80 14.06
CA GLY A 316 4.70 -36.94 14.23
C GLY A 316 4.05 -38.30 14.26
N THR A 317 2.75 -38.39 14.48
CA THR A 317 2.04 -39.61 14.10
C THR A 317 1.81 -39.63 12.59
N VAL A 318 1.41 -40.79 12.09
CA VAL A 318 1.20 -40.98 10.66
C VAL A 318 -0.25 -41.34 10.42
N VAL A 319 -0.77 -40.98 9.24
CA VAL A 319 -2.15 -41.20 8.89
C VAL A 319 -2.27 -41.70 7.45
N MET A 320 -3.40 -42.35 7.17
CA MET A 320 -3.67 -42.89 5.85
C MET A 320 -5.18 -42.94 5.63
N GLN A 321 -5.58 -42.94 4.37
CA GLN A 321 -6.99 -43.01 4.00
C GLN A 321 -7.21 -44.13 2.99
N VAL A 322 -8.19 -44.99 3.28
CA VAL A 322 -8.27 -46.33 2.71
C VAL A 322 -9.74 -46.69 2.52
N LYS A 323 -10.02 -47.58 1.57
CA LYS A 323 -11.31 -48.25 1.54
C LYS A 323 -11.18 -49.74 1.29
N VAL A 324 -12.15 -50.48 1.81
CA VAL A 324 -12.58 -51.76 1.26
C VAL A 324 -13.86 -51.48 0.48
N SER A 325 -13.72 -51.21 -0.80
CA SER A 325 -14.88 -51.28 -1.67
C SER A 325 -15.38 -52.72 -1.75
N LYS A 326 -16.66 -52.87 -2.10
CA LYS A 326 -17.33 -54.17 -2.11
C LYS A 326 -17.15 -54.80 -0.72
N GLY A 327 -16.69 -56.05 -0.63
CA GLY A 327 -16.40 -56.66 0.65
C GLY A 327 -17.61 -56.65 1.58
N ALA A 328 -17.37 -56.28 2.83
CA ALA A 328 -18.42 -56.22 3.85
C ALA A 328 -18.02 -55.20 4.90
N PRO A 329 -18.97 -54.74 5.71
CA PRO A 329 -18.60 -53.99 6.92
C PRO A 329 -17.68 -54.81 7.81
N CYS A 330 -16.49 -54.27 8.06
CA CYS A 330 -15.33 -55.03 8.49
C CYS A 330 -14.39 -54.10 9.24
N ARG A 331 -13.52 -54.67 10.08
CA ARG A 331 -12.63 -53.89 10.94
C ARG A 331 -11.16 -54.34 10.85
N ILE A 332 -10.60 -54.25 9.65
CA ILE A 332 -9.26 -54.76 9.32
C ILE A 332 -8.14 -54.31 10.27
N PRO A 333 -7.23 -55.22 10.65
CA PRO A 333 -6.24 -54.95 11.69
C PRO A 333 -5.04 -54.11 11.24
N VAL A 334 -4.40 -53.46 12.21
CA VAL A 334 -3.26 -52.58 11.95
C VAL A 334 -2.19 -52.73 13.04
N ILE A 335 -0.92 -52.82 12.62
CA ILE A 335 0.21 -52.92 13.55
C ILE A 335 1.44 -52.24 12.95
N VAL A 336 2.32 -51.76 13.83
CA VAL A 336 3.66 -51.31 13.48
C VAL A 336 4.67 -52.10 14.31
N ALA A 337 5.71 -52.65 13.66
CA ALA A 337 6.61 -53.62 14.30
C ALA A 337 8.06 -53.42 13.87
N ASP A 338 8.96 -54.10 14.61
CA ASP A 338 10.41 -53.99 14.41
C ASP A 338 10.86 -54.41 13.01
N ASP A 339 10.21 -55.41 12.42
CA ASP A 339 10.70 -56.06 11.21
C ASP A 339 9.50 -56.48 10.38
N LEU A 340 9.78 -56.89 9.14
CA LEU A 340 8.77 -57.60 8.37
C LEU A 340 8.40 -58.93 8.99
N THR A 341 9.28 -59.50 9.82
CA THR A 341 8.85 -60.61 10.68
C THR A 341 7.79 -60.17 11.68
N ALA A 342 7.71 -58.87 11.98
CA ALA A 342 6.69 -58.28 12.85
C ALA A 342 6.59 -58.97 14.22
N ALA A 343 7.73 -59.10 14.91
CA ALA A 343 7.74 -59.84 16.16
C ALA A 343 6.99 -59.11 17.27
N ILE A 344 7.20 -57.80 17.42
CA ILE A 344 6.54 -56.99 18.44
C ILE A 344 5.92 -55.75 17.79
N ASN A 345 4.69 -55.44 18.19
CA ASN A 345 4.03 -54.19 17.82
C ASN A 345 4.63 -53.00 18.58
N LYS A 346 5.89 -52.69 18.26
CA LYS A 346 6.76 -51.89 19.12
C LYS A 346 6.23 -50.47 19.37
N GLY A 347 5.45 -49.89 18.45
CA GLY A 347 4.83 -48.60 18.68
C GLY A 347 3.34 -48.67 18.95
N ILE A 348 2.72 -47.48 19.09
CA ILE A 348 1.35 -47.38 19.60
C ILE A 348 0.37 -47.14 18.47
N LEU A 349 -0.73 -47.92 18.49
CA LEU A 349 -1.89 -47.70 17.64
C LEU A 349 -2.78 -46.60 18.22
N VAL A 350 -3.16 -45.62 17.39
CA VAL A 350 -3.79 -44.41 17.90
C VAL A 350 -5.31 -44.36 17.74
N THR A 351 -5.86 -44.97 16.68
CA THR A 351 -7.28 -45.33 16.65
C THR A 351 -7.43 -46.83 16.46
N VAL A 352 -8.25 -47.45 17.31
CA VAL A 352 -8.12 -48.88 17.56
C VAL A 352 -8.81 -49.74 16.50
N ASN A 353 -10.03 -49.38 16.05
CA ASN A 353 -10.74 -50.18 15.04
C ASN A 353 -11.29 -49.30 13.92
N PRO A 354 -11.03 -49.64 12.65
CA PRO A 354 -11.84 -49.09 11.56
C PRO A 354 -13.22 -49.73 11.49
N ILE A 355 -14.10 -49.08 10.74
CA ILE A 355 -15.40 -49.65 10.41
C ILE A 355 -15.73 -49.36 8.95
N ALA A 356 -15.62 -50.37 8.10
CA ALA A 356 -15.97 -50.24 6.67
C ALA A 356 -17.48 -50.21 6.45
N SER A 357 -18.16 -49.30 7.14
CA SER A 357 -19.59 -49.44 7.40
C SER A 357 -20.47 -49.55 6.16
N THR A 358 -20.03 -49.08 5.00
CA THR A 358 -20.76 -49.34 3.75
C THR A 358 -19.79 -49.61 2.62
N ASN A 359 -20.21 -50.48 1.70
CA ASN A 359 -19.32 -51.07 0.71
C ASN A 359 -18.77 -50.08 -0.30
N ASP A 360 -19.16 -48.80 -0.23
CA ASP A 360 -18.65 -47.78 -1.16
C ASP A 360 -17.71 -46.78 -0.52
N ASP A 361 -17.45 -46.84 0.79
CA ASP A 361 -16.86 -45.72 1.50
C ASP A 361 -15.51 -46.06 2.15
N GLU A 362 -14.70 -45.02 2.35
CA GLU A 362 -13.33 -45.10 2.87
C GLU A 362 -13.25 -44.81 4.36
N VAL A 363 -12.09 -45.13 4.93
CA VAL A 363 -11.78 -44.90 6.34
C VAL A 363 -10.43 -44.20 6.47
N LEU A 364 -10.29 -43.38 7.51
CA LEU A 364 -9.05 -42.70 7.85
C LEU A 364 -8.46 -43.25 9.15
N ILE A 365 -7.15 -43.54 9.15
CA ILE A 365 -6.49 -44.21 10.27
C ILE A 365 -5.23 -43.44 10.71
N GLU A 366 -4.88 -43.57 12.01
CA GLU A 366 -3.69 -42.96 12.61
C GLU A 366 -2.88 -43.94 13.44
N VAL A 367 -1.54 -43.85 13.34
CA VAL A 367 -0.62 -44.72 14.07
C VAL A 367 0.60 -43.94 14.58
N ASN A 368 1.22 -44.47 15.65
CA ASN A 368 2.37 -43.84 16.29
C ASN A 368 3.57 -44.80 16.32
N PRO A 369 4.37 -44.82 15.26
CA PRO A 369 5.58 -45.63 15.25
C PRO A 369 6.52 -45.33 16.40
N PRO A 370 7.33 -46.31 16.81
CA PRO A 370 8.30 -46.11 17.90
C PRO A 370 9.48 -45.27 17.45
N PHE A 371 10.20 -44.75 18.44
CA PHE A 371 11.42 -43.99 18.19
C PHE A 371 12.41 -44.83 17.37
N GLY A 372 13.17 -44.14 16.50
CA GLY A 372 13.92 -44.78 15.43
C GLY A 372 13.09 -45.01 14.16
N ASP A 373 12.96 -46.27 13.75
CA ASP A 373 12.21 -46.61 12.53
C ASP A 373 11.49 -47.94 12.72
N SER A 374 10.43 -48.14 11.93
CA SER A 374 9.54 -49.27 12.12
C SER A 374 8.66 -49.47 10.90
N TYR A 375 8.05 -50.66 10.83
CA TYR A 375 7.32 -51.14 9.65
C TYR A 375 5.82 -51.22 9.96
N ILE A 376 4.97 -50.75 9.04
CA ILE A 376 3.52 -50.70 9.27
C ILE A 376 2.77 -51.75 8.46
N ILE A 377 1.75 -52.34 9.10
CA ILE A 377 0.93 -53.40 8.53
C ILE A 377 -0.54 -52.97 8.53
N VAL A 378 -1.25 -53.27 7.45
CA VAL A 378 -2.69 -53.46 7.49
C VAL A 378 -3.07 -54.65 6.60
N GLY A 379 -4.04 -55.44 7.06
CA GLY A 379 -4.47 -56.66 6.38
C GLY A 379 -3.61 -57.89 6.68
N ARG A 380 -3.93 -58.97 5.97
CA ARG A 380 -3.37 -60.29 6.29
C ARG A 380 -2.97 -61.03 5.02
N GLY A 381 -2.05 -61.99 5.20
CA GLY A 381 -1.53 -62.79 4.09
C GLY A 381 -0.54 -62.02 3.24
N ASP A 382 -0.16 -62.66 2.12
CA ASP A 382 0.62 -61.96 1.11
C ASP A 382 -0.15 -60.78 0.54
N SER A 383 -1.47 -60.78 0.67
CA SER A 383 -2.35 -59.70 0.21
C SER A 383 -2.45 -58.52 1.17
N ARG A 384 -1.70 -58.52 2.27
CA ARG A 384 -1.67 -57.38 3.19
C ARG A 384 -0.89 -56.20 2.61
N LEU A 385 -1.23 -54.99 3.07
CA LEU A 385 -0.68 -53.72 2.61
C LEU A 385 0.23 -53.10 3.67
N THR A 386 1.35 -52.49 3.24
CA THR A 386 2.44 -52.13 4.15
C THR A 386 3.19 -50.87 3.69
N TYR A 387 3.99 -50.31 4.60
CA TYR A 387 4.84 -49.14 4.35
C TYR A 387 5.95 -49.12 5.41
N GLN A 388 6.82 -48.09 5.35
CA GLN A 388 7.89 -47.91 6.33
C GLN A 388 7.91 -46.50 6.92
N TRP A 389 8.33 -46.37 8.18
CA TRP A 389 8.36 -45.07 8.86
C TRP A 389 9.54 -44.94 9.82
N HIS A 390 9.97 -43.68 10.02
CA HIS A 390 10.82 -43.28 11.13
C HIS A 390 9.99 -42.94 12.37
N LYS A 391 10.68 -42.64 13.47
CA LYS A 391 10.07 -42.23 14.74
C LYS A 391 8.83 -41.35 14.57
N ALA B 1 8.92 55.93 19.52
CA ALA B 1 9.12 54.88 18.47
C ALA B 1 8.49 53.57 18.90
N HIS B 2 8.11 52.78 17.90
CA HIS B 2 7.40 51.54 18.19
C HIS B 2 8.16 50.63 19.13
N CYS B 3 9.47 50.72 19.16
CA CYS B 3 10.25 49.90 20.08
C CYS B 3 9.88 50.13 21.54
N ILE B 4 9.23 51.23 21.89
CA ILE B 4 8.67 51.35 23.23
C ILE B 4 7.78 50.17 23.57
N GLY B 5 7.02 49.68 22.61
CA GLY B 5 6.03 48.66 22.92
C GLY B 5 6.55 47.24 23.00
N ILE B 6 7.72 46.98 22.52
CA ILE B 6 8.22 45.61 22.46
C ILE B 6 8.62 45.13 23.84
N THR B 7 8.44 43.83 24.06
CA THR B 7 8.70 43.21 25.35
C THR B 7 10.17 43.28 25.77
N ASP B 8 11.08 43.62 24.86
CA ASP B 8 12.49 43.62 25.20
C ASP B 8 13.25 44.58 24.30
N ARG B 9 13.93 45.55 24.90
CA ARG B 9 14.86 46.41 24.19
C ARG B 9 16.30 46.14 24.59
N ASP B 10 17.16 46.08 23.59
CA ASP B 10 18.60 46.21 23.78
C ASP B 10 19.05 47.62 23.40
N PHE B 11 19.83 48.26 24.27
CA PHE B 11 20.36 49.60 24.02
C PHE B 11 21.81 49.50 23.57
N ILE B 12 22.18 50.27 22.55
CA ILE B 12 23.59 50.43 22.18
C ILE B 12 23.88 51.91 21.94
N GLU B 13 25.03 52.38 22.44
CA GLU B 13 25.44 53.77 22.31
C GLU B 13 26.72 53.88 21.48
N GLY B 14 26.67 54.65 20.40
CA GLY B 14 27.85 54.86 19.58
C GLY B 14 28.88 55.77 20.23
N VAL B 15 30.15 55.41 20.06
CA VAL B 15 31.24 56.31 20.43
C VAL B 15 31.15 57.59 19.60
N HIS B 16 31.53 58.71 20.21
CA HIS B 16 31.50 59.99 19.51
C HIS B 16 32.37 59.96 18.27
N GLY B 17 31.82 60.45 17.17
CA GLY B 17 32.48 60.40 15.87
C GLY B 17 32.61 59.02 15.27
N GLY B 18 32.04 58.00 15.91
CA GLY B 18 32.00 56.67 15.32
C GLY B 18 31.07 56.61 14.12
N THR B 19 31.61 56.30 12.94
CA THR B 19 30.75 56.24 11.76
C THR B 19 29.76 55.08 11.86
N TRP B 20 30.18 53.96 12.41
CA TRP B 20 29.38 52.74 12.42
C TRP B 20 29.13 52.27 13.84
N VAL B 21 27.99 51.59 14.02
CA VAL B 21 27.82 50.65 15.11
C VAL B 21 27.12 49.41 14.58
N SER B 22 27.23 48.33 15.35
CA SER B 22 26.70 47.02 14.97
C SER B 22 25.69 46.54 16.00
N ALA B 23 24.72 45.74 15.55
CA ALA B 23 23.74 45.16 16.44
C ALA B 23 23.29 43.80 15.90
N THR B 24 22.82 42.95 16.81
CA THR B 24 22.20 41.68 16.46
C THR B 24 20.71 41.75 16.76
N LEU B 25 19.89 41.43 15.76
CA LEU B 25 18.45 41.53 15.86
C LEU B 25 17.83 40.14 15.86
N GLU B 26 16.89 39.90 16.78
CA GLU B 26 16.19 38.64 16.84
C GLU B 26 14.70 38.92 17.07
N GLN B 27 13.86 38.13 16.41
CA GLN B 27 12.48 38.55 16.14
C GLN B 27 11.73 38.95 17.40
N ASP B 28 11.94 38.27 18.50
CA ASP B 28 11.18 38.66 19.69
C ASP B 28 11.65 39.95 20.33
N LYS B 29 12.69 40.58 19.81
CA LYS B 29 13.25 41.75 20.49
C LYS B 29 13.66 42.79 19.47
N CYS B 30 14.02 43.97 19.96
CA CYS B 30 14.42 45.07 19.11
C CYS B 30 15.51 45.89 19.78
N VAL B 31 16.11 46.77 18.99
CA VAL B 31 17.29 47.53 19.40
C VAL B 31 17.04 49.02 19.25
N THR B 32 17.59 49.79 20.18
CA THR B 32 17.62 51.24 20.11
C THR B 32 19.06 51.74 20.12
N VAL B 33 19.35 52.72 19.28
CA VAL B 33 20.70 53.25 19.09
C VAL B 33 20.78 54.69 19.57
N MET B 34 21.70 54.94 20.49
CA MET B 34 22.00 56.27 21.00
C MET B 34 23.29 56.77 20.36
N ALA B 35 23.36 58.06 20.06
CA ALA B 35 24.63 58.66 19.68
C ALA B 35 24.68 60.11 20.14
N PRO B 36 25.88 60.63 20.41
CA PRO B 36 25.97 61.76 21.35
C PRO B 36 25.26 63.01 20.92
N ASP B 37 25.05 63.24 19.64
CA ASP B 37 24.31 64.43 19.22
C ASP B 37 23.50 64.14 17.97
N LYS B 38 22.94 62.93 17.90
CA LYS B 38 22.17 62.51 16.75
C LYS B 38 20.85 61.91 17.21
N PRO B 39 19.77 62.11 16.47
CA PRO B 39 18.48 61.56 16.89
C PRO B 39 18.60 60.05 17.05
N SER B 40 18.02 59.55 18.12
CA SER B 40 18.10 58.12 18.39
C SER B 40 17.26 57.30 17.40
N LEU B 41 17.82 56.16 17.01
CA LEU B 41 17.31 55.33 15.93
C LEU B 41 17.05 53.92 16.44
N ASP B 42 15.87 53.36 16.15
CA ASP B 42 15.51 52.02 16.59
C ASP B 42 15.13 51.13 15.41
N ILE B 43 15.50 49.86 15.51
CA ILE B 43 15.46 48.91 14.41
C ILE B 43 15.01 47.55 14.90
N SER B 44 14.42 46.77 14.00
CA SER B 44 13.79 45.52 14.38
C SER B 44 13.55 44.66 13.15
N LEU B 45 13.48 43.35 13.36
CA LEU B 45 13.00 42.43 12.33
C LEU B 45 11.50 42.48 12.24
N GLU B 46 10.97 42.64 11.03
CA GLU B 46 9.57 42.30 10.82
C GLU B 46 9.41 40.80 10.59
N THR B 47 10.21 40.25 9.68
CA THR B 47 10.11 38.85 9.31
C THR B 47 11.35 38.45 8.52
N VAL B 48 11.59 37.16 8.46
CA VAL B 48 12.44 36.56 7.44
C VAL B 48 11.62 35.52 6.70
N ALA B 49 11.89 35.36 5.41
CA ALA B 49 10.97 34.63 4.55
C ALA B 49 11.70 33.89 3.43
N ILE B 50 11.03 32.87 2.92
CA ILE B 50 11.44 32.11 1.75
C ILE B 50 10.28 32.14 0.77
N ASP B 51 10.60 32.23 -0.53
CA ASP B 51 9.58 32.27 -1.56
C ASP B 51 9.60 30.97 -2.38
N GLY B 52 8.47 30.26 -2.36
CA GLY B 52 8.25 29.08 -3.18
C GLY B 52 9.36 28.06 -3.28
N PRO B 53 9.95 27.66 -2.15
CA PRO B 53 11.02 26.67 -2.18
C PRO B 53 10.57 25.36 -2.81
N ALA B 54 11.56 24.62 -3.33
CA ALA B 54 11.29 23.43 -4.15
C ALA B 54 10.95 22.20 -3.33
N GLU B 55 10.00 21.39 -3.85
CA GLU B 55 9.56 20.14 -3.21
C GLU B 55 10.66 19.10 -3.09
N ALA B 56 11.13 18.84 -1.88
CA ALA B 56 12.10 17.78 -1.64
C ALA B 56 11.44 16.40 -1.65
N ARG B 57 10.37 16.24 -0.88
CA ARG B 57 9.72 14.95 -0.67
C ARG B 57 8.29 15.21 -0.27
N LYS B 58 7.44 14.20 -0.40
CA LYS B 58 6.22 14.11 0.39
C LYS B 58 6.24 12.84 1.23
N VAL B 59 5.66 12.94 2.41
CA VAL B 59 5.63 11.83 3.35
C VAL B 59 4.20 11.62 3.81
N CYS B 60 3.74 10.37 3.76
CA CYS B 60 2.42 10.04 4.30
C CYS B 60 2.54 9.80 5.79
N TYR B 61 1.54 10.27 6.52
CA TYR B 61 1.40 9.97 7.94
C TYR B 61 0.11 9.24 8.23
N SER B 62 -0.73 9.01 7.22
CA SER B 62 -1.84 8.08 7.35
C SER B 62 -2.13 7.46 6.00
N ALA B 63 -2.66 6.25 6.03
CA ALA B 63 -3.01 5.54 4.81
C ALA B 63 -4.17 4.60 5.10
N VAL B 64 -4.83 4.18 4.03
CA VAL B 64 -5.98 3.29 4.12
C VAL B 64 -5.81 2.17 3.09
N LEU B 65 -6.16 0.96 3.49
CA LEU B 65 -5.89 -0.25 2.73
C LEU B 65 -7.21 -0.92 2.30
N THR B 66 -7.23 -1.44 1.08
CA THR B 66 -8.46 -2.00 0.55
C THR B 66 -8.15 -3.04 -0.52
N ASN B 67 -9.19 -3.77 -0.91
CA ASN B 67 -9.09 -4.81 -1.94
C ASN B 67 -8.07 -5.89 -1.60
N VAL B 68 -7.95 -6.21 -0.31
CA VAL B 68 -6.90 -7.10 0.17
C VAL B 68 -7.00 -8.48 -0.47
N LYS B 69 -5.87 -9.00 -0.96
CA LYS B 69 -5.79 -10.24 -1.73
C LYS B 69 -4.90 -11.26 -1.01
N ILE B 70 -5.20 -12.55 -1.23
CA ILE B 70 -4.43 -13.65 -0.65
C ILE B 70 -4.19 -14.69 -1.72
N ASN B 71 -3.03 -15.37 -1.66
CA ASN B 71 -2.89 -16.64 -2.37
C ASN B 71 -1.97 -17.58 -1.60
N ASP B 72 -2.10 -18.87 -1.88
CA ASP B 72 -1.47 -19.93 -1.09
C ASP B 72 -1.01 -21.08 -1.98
N LYS B 73 -0.14 -21.94 -1.44
CA LYS B 73 0.30 -23.16 -2.10
C LYS B 73 0.49 -24.31 -1.11
N CYS B 74 0.16 -25.52 -1.55
CA CYS B 74 0.40 -26.72 -0.75
C CYS B 74 1.89 -26.97 -0.55
N PRO B 75 2.30 -27.44 0.63
CA PRO B 75 3.67 -27.16 1.10
C PRO B 75 4.78 -27.52 0.13
N SER B 76 4.79 -28.71 -0.44
CA SER B 76 5.89 -29.07 -1.32
C SER B 76 5.70 -28.59 -2.76
N THR B 77 4.56 -28.04 -3.11
CA THR B 77 4.16 -27.97 -4.50
C THR B 77 4.66 -26.74 -5.24
N GLY B 78 5.32 -25.80 -4.57
CA GLY B 78 5.80 -24.62 -5.26
C GLY B 78 5.93 -23.45 -4.30
N GLU B 79 5.88 -22.25 -4.88
CA GLU B 79 5.93 -21.01 -4.12
C GLU B 79 4.82 -20.07 -4.60
N ALA B 80 4.08 -19.50 -3.67
CA ALA B 80 2.88 -18.75 -4.02
C ALA B 80 3.22 -17.46 -4.76
N HIS B 81 2.32 -17.04 -5.64
CA HIS B 81 2.50 -15.83 -6.42
C HIS B 81 1.17 -15.13 -6.65
N LEU B 82 1.23 -13.83 -6.88
CA LEU B 82 0.05 -13.08 -7.25
C LEU B 82 0.44 -11.92 -8.15
N GLU B 83 -0.39 -11.66 -9.17
CA GLU B 83 -0.09 -10.61 -10.13
C GLU B 83 0.24 -9.29 -9.47
N GLU B 84 -0.53 -8.91 -8.46
CA GLU B 84 -0.32 -7.64 -7.78
C GLU B 84 1.08 -7.47 -7.21
N GLU B 85 1.82 -8.55 -6.97
CA GLU B 85 3.18 -8.38 -6.49
C GLU B 85 3.99 -7.48 -7.39
N ASN B 86 3.76 -7.54 -8.69
CA ASN B 86 4.72 -7.02 -9.64
C ASN B 86 4.70 -5.50 -9.76
N GLU B 87 3.85 -4.82 -9.00
CA GLU B 87 3.79 -3.37 -9.03
C GLU B 87 3.63 -2.84 -7.60
N GLY B 88 4.41 -1.80 -7.27
CA GLY B 88 4.49 -1.35 -5.88
C GLY B 88 3.20 -0.80 -5.34
N ASP B 89 2.29 -0.44 -6.21
CA ASP B 89 1.01 0.13 -5.82
C ASP B 89 0.21 -0.77 -4.87
N ASN B 90 0.58 -2.04 -4.73
CA ASN B 90 -0.22 -2.99 -3.95
C ASN B 90 0.42 -3.46 -2.65
N ALA B 91 1.54 -2.87 -2.24
CA ALA B 91 2.05 -3.02 -0.88
C ALA B 91 2.04 -4.46 -0.34
N CYS B 92 2.79 -5.32 -1.02
CA CYS B 92 2.76 -6.76 -0.81
C CYS B 92 3.42 -7.19 0.51
N LYS B 93 3.08 -8.40 0.97
CA LYS B 93 3.93 -9.18 1.87
C LYS B 93 3.81 -10.67 1.58
N ARG B 94 4.87 -11.41 1.95
CA ARG B 94 5.03 -12.83 1.70
C ARG B 94 5.41 -13.57 2.98
N THR B 95 4.91 -14.80 3.15
CA THR B 95 5.17 -15.56 4.37
C THR B 95 4.81 -17.03 4.16
N TYR B 96 4.92 -17.83 5.24
CA TYR B 96 4.49 -19.22 5.24
C TYR B 96 3.56 -19.52 6.41
N SER B 97 2.61 -20.43 6.17
CA SER B 97 1.83 -21.08 7.22
C SER B 97 1.93 -22.59 7.05
N ASP B 98 1.90 -23.31 8.17
CA ASP B 98 1.59 -24.73 8.07
C ASP B 98 0.20 -24.94 7.48
N ARG B 99 0.07 -25.99 6.68
CA ARG B 99 -1.22 -26.53 6.29
C ARG B 99 -1.22 -28.04 6.39
N GLY B 100 -2.42 -28.59 6.52
CA GLY B 100 -2.58 -30.03 6.51
C GLY B 100 -3.98 -30.42 6.08
N TRP B 101 -4.30 -31.71 6.27
CA TRP B 101 -5.56 -32.21 5.75
C TRP B 101 -6.76 -31.48 6.34
N GLY B 102 -6.63 -30.96 7.55
CA GLY B 102 -7.70 -30.15 8.10
C GLY B 102 -7.95 -28.89 7.30
N ASN B 103 -6.93 -28.40 6.61
CA ASN B 103 -7.09 -27.29 5.69
C ASN B 103 -7.47 -27.78 4.31
N GLY B 104 -7.81 -29.05 4.18
CA GLY B 104 -7.98 -29.67 2.89
C GLY B 104 -6.68 -29.83 2.12
N CYS B 105 -5.56 -29.50 2.74
CA CYS B 105 -4.29 -29.52 2.04
C CYS B 105 -3.85 -30.96 1.82
N GLY B 106 -3.32 -31.24 0.63
CA GLY B 106 -3.01 -32.60 0.24
C GLY B 106 -1.83 -33.21 0.96
N LEU B 107 -1.12 -32.44 1.77
CA LEU B 107 0.06 -32.94 2.48
C LEU B 107 0.27 -32.01 3.68
N PHE B 108 1.06 -32.47 4.64
CA PHE B 108 1.30 -31.68 5.85
C PHE B 108 2.61 -30.91 5.75
N GLY B 109 2.57 -29.63 6.12
CA GLY B 109 3.77 -28.82 6.21
C GLY B 109 3.49 -27.35 5.96
N LYS B 110 4.57 -26.57 5.99
CA LYS B 110 4.56 -25.13 5.70
C LYS B 110 4.16 -24.82 4.27
N GLY B 111 2.93 -24.36 4.07
CA GLY B 111 2.55 -23.73 2.80
C GLY B 111 3.03 -22.29 2.67
N SER B 112 3.36 -21.93 1.43
CA SER B 112 3.70 -20.55 1.10
C SER B 112 2.45 -19.69 1.02
N ILE B 113 2.54 -18.44 1.47
CA ILE B 113 1.44 -17.47 1.42
C ILE B 113 1.95 -16.12 0.93
N VAL B 114 1.14 -15.44 0.12
CA VAL B 114 1.37 -14.03 -0.23
C VAL B 114 0.09 -13.23 -0.06
N ALA B 115 0.24 -11.93 0.18
CA ALA B 115 -0.90 -11.04 0.25
C ALA B 115 -0.53 -9.64 -0.23
N CYS B 116 -1.55 -8.89 -0.66
CA CYS B 116 -1.40 -7.53 -1.18
C CYS B 116 -2.61 -6.71 -0.80
N ALA B 117 -2.44 -5.39 -0.81
CA ALA B 117 -3.58 -4.48 -0.75
C ALA B 117 -3.30 -3.19 -1.50
N LYS B 118 -4.34 -2.67 -2.16
CA LYS B 118 -4.26 -1.33 -2.74
C LYS B 118 -3.95 -0.35 -1.62
N PHE B 119 -2.90 0.45 -1.80
CA PHE B 119 -2.49 1.44 -0.82
C PHE B 119 -2.81 2.83 -1.32
N THR B 120 -3.40 3.66 -0.48
CA THR B 120 -3.46 5.09 -0.74
C THR B 120 -3.12 5.85 0.53
N CYS B 121 -2.29 6.87 0.41
CA CYS B 121 -2.14 7.85 1.48
C CYS B 121 -3.43 8.62 1.69
N ALA B 122 -3.87 8.69 2.95
CA ALA B 122 -5.01 9.53 3.29
C ALA B 122 -4.60 10.98 3.55
N LYS B 123 -3.59 11.18 4.39
CA LYS B 123 -3.07 12.52 4.66
C LYS B 123 -1.56 12.49 4.68
N SER B 124 -0.94 13.46 4.00
CA SER B 124 0.50 13.51 3.82
C SER B 124 1.05 14.89 4.08
N MET B 125 2.20 14.94 4.75
CA MET B 125 2.99 16.16 4.83
C MET B 125 3.89 16.32 3.61
N SER B 126 4.29 17.56 3.35
CA SER B 126 5.20 17.90 2.27
C SER B 126 6.49 18.51 2.83
N LEU B 127 7.57 18.40 2.06
CA LEU B 127 8.86 18.98 2.42
C LEU B 127 9.43 19.83 1.29
N PHE B 128 10.11 20.92 1.65
CA PHE B 128 10.75 21.80 0.67
C PHE B 128 12.16 22.17 1.11
N GLU B 129 13.07 22.30 0.14
CA GLU B 129 14.48 22.62 0.41
C GLU B 129 14.73 24.14 0.44
N VAL B 130 15.60 24.54 1.38
CA VAL B 130 16.04 25.94 1.58
C VAL B 130 17.10 26.34 0.57
N ASP B 131 16.71 27.08 -0.48
CA ASP B 131 17.67 27.89 -1.26
C ASP B 131 18.12 29.08 -0.44
N GLN B 132 19.29 28.98 0.19
CA GLN B 132 19.75 30.07 1.05
C GLN B 132 19.76 31.40 0.30
N THR B 133 20.15 31.37 -0.97
CA THR B 133 20.15 32.56 -1.81
C THR B 133 18.76 33.18 -1.94
N LYS B 134 17.70 32.41 -1.80
CA LYS B 134 16.36 32.97 -1.91
C LYS B 134 15.85 33.59 -0.61
N ILE B 135 16.58 33.47 0.49
CA ILE B 135 16.15 34.10 1.74
C ILE B 135 15.93 35.59 1.55
N GLN B 136 14.91 36.13 2.21
CA GLN B 136 14.73 37.57 2.36
C GLN B 136 14.67 37.95 3.83
N TYR B 137 15.18 39.14 4.16
CA TYR B 137 14.92 39.78 5.45
C TYR B 137 14.11 41.06 5.25
N VAL B 138 13.27 41.37 6.24
CA VAL B 138 12.61 42.66 6.33
C VAL B 138 12.97 43.32 7.65
N ILE B 139 13.53 44.52 7.58
CA ILE B 139 13.87 45.31 8.75
C ILE B 139 12.92 46.49 8.88
N ARG B 140 12.40 46.66 10.10
CA ARG B 140 11.58 47.80 10.49
C ARG B 140 12.46 48.82 11.19
N ALA B 141 12.46 50.05 10.69
CA ALA B 141 13.27 51.11 11.27
C ALA B 141 12.40 52.33 11.57
N GLN B 142 12.69 52.98 12.69
CA GLN B 142 11.96 54.15 13.11
C GLN B 142 12.87 55.06 13.90
N LEU B 143 12.56 56.36 13.88
CA LEU B 143 13.34 57.36 14.56
C LEU B 143 12.51 57.98 15.69
N HIS B 144 13.17 58.29 16.82
CA HIS B 144 12.50 58.89 17.96
C HIS B 144 12.21 60.37 17.77
N VAL B 145 11.57 60.71 16.66
CA VAL B 145 11.12 62.06 16.43
C VAL B 145 10.20 62.55 17.53
N GLY B 146 9.60 61.64 18.29
CA GLY B 146 8.54 62.01 19.20
C GLY B 146 7.22 62.24 18.51
N ALA B 147 7.06 61.69 17.32
CA ALA B 147 5.76 61.64 16.66
C ALA B 147 4.77 60.78 17.44
N LYS B 148 3.51 61.20 17.42
CA LYS B 148 2.47 60.54 18.20
C LYS B 148 2.36 59.06 17.84
N GLN B 149 2.06 58.23 18.84
CA GLN B 149 1.92 56.79 18.63
C GLN B 149 0.95 56.47 17.49
N GLU B 150 -0.15 57.21 17.42
CA GLU B 150 -1.11 57.04 16.34
C GLU B 150 -0.49 57.13 14.95
N ASN B 151 0.64 57.81 14.82
CA ASN B 151 1.28 58.01 13.53
C ASN B 151 2.37 56.99 13.23
N TRP B 152 2.73 56.13 14.17
CA TRP B 152 3.90 55.29 13.99
C TRP B 152 3.81 54.41 12.74
N ASN B 153 2.67 53.77 12.52
CA ASN B 153 2.56 52.89 11.37
C ASN B 153 2.65 53.62 10.04
N THR B 154 2.49 54.94 10.01
CA THR B 154 2.73 55.65 8.77
C THR B 154 4.13 56.23 8.68
N ASP B 155 4.76 56.53 9.81
CA ASP B 155 6.12 57.04 9.76
C ASP B 155 7.16 55.94 9.61
N ILE B 156 6.88 54.75 10.13
CA ILE B 156 7.85 53.66 10.16
C ILE B 156 8.31 53.27 8.76
N LYS B 157 9.61 52.99 8.64
CA LYS B 157 10.25 52.63 7.37
C LYS B 157 10.51 51.14 7.34
N THR B 158 10.16 50.48 6.24
CA THR B 158 10.37 49.05 6.03
C THR B 158 11.39 48.82 4.92
N LEU B 159 12.45 48.10 5.24
CA LEU B 159 13.54 47.85 4.29
C LEU B 159 13.61 46.38 3.95
N LYS B 160 13.69 46.08 2.66
CA LYS B 160 13.98 44.73 2.18
C LYS B 160 15.48 44.46 2.23
N PHE B 161 15.84 43.20 2.43
CA PHE B 161 17.22 42.76 2.23
C PHE B 161 17.29 41.39 1.58
N ASP B 162 18.33 41.22 0.75
CA ASP B 162 18.47 40.06 -0.11
C ASP B 162 19.95 39.74 -0.28
N ALA B 163 20.25 38.45 -0.44
CA ALA B 163 21.63 37.99 -0.57
C ALA B 163 22.41 38.73 -1.66
N LEU B 164 21.73 39.20 -2.69
CA LEU B 164 22.35 39.99 -3.76
C LEU B 164 21.63 41.31 -3.96
N SER B 165 21.05 41.83 -2.88
CA SER B 165 20.79 43.26 -2.72
C SER B 165 21.12 43.62 -1.28
N GLY B 166 22.40 43.60 -0.97
CA GLY B 166 22.92 43.51 0.37
C GLY B 166 23.07 44.81 1.12
N SER B 167 22.78 45.95 0.50
CA SER B 167 22.92 47.25 1.13
C SER B 167 21.65 48.06 0.92
N GLN B 168 21.23 48.79 1.95
CA GLN B 168 20.03 49.61 1.82
C GLN B 168 20.11 50.82 2.74
N GLU B 169 19.33 51.85 2.41
CA GLU B 169 19.29 53.07 3.21
C GLU B 169 17.87 53.59 3.38
N ALA B 170 17.69 54.39 4.43
CA ALA B 170 16.41 54.99 4.80
C ALA B 170 16.56 56.49 4.96
N GLU B 171 15.47 57.21 4.75
CA GLU B 171 15.46 58.66 4.85
C GLU B 171 14.30 59.13 5.71
N PHE B 172 14.57 60.13 6.55
CA PHE B 172 13.59 60.69 7.46
C PHE B 172 13.52 62.20 7.25
N THR B 173 12.33 62.70 7.00
CA THR B 173 12.16 64.09 6.57
C THR B 173 12.83 65.06 7.53
N GLY B 174 13.79 65.82 7.02
CA GLY B 174 14.57 66.73 7.84
C GLY B 174 15.56 66.07 8.76
N TYR B 175 15.24 64.90 9.29
CA TYR B 175 16.16 64.20 10.16
C TYR B 175 17.32 63.56 9.41
N GLY B 176 17.24 63.50 8.08
CA GLY B 176 18.38 63.09 7.27
C GLY B 176 18.34 61.64 6.83
N ARG B 177 19.50 61.03 6.61
CA ARG B 177 19.59 59.72 6.00
C ARG B 177 20.28 58.74 6.95
N ALA B 178 19.92 57.46 6.82
CA ALA B 178 20.58 56.38 7.53
C ALA B 178 20.79 55.20 6.58
N THR B 179 21.90 54.48 6.75
CA THR B 179 22.27 53.39 5.85
C THR B 179 22.65 52.14 6.63
N LEU B 180 22.25 50.98 6.10
CA LEU B 180 22.28 49.71 6.82
C LEU B 180 22.90 48.58 6.01
N GLU B 181 23.68 47.72 6.70
CA GLU B 181 24.31 46.53 6.13
C GLU B 181 24.01 45.32 7.00
N CYS B 182 23.77 44.17 6.39
CA CYS B 182 23.40 42.99 7.18
C CYS B 182 23.82 41.70 6.49
N GLN B 183 23.99 40.67 7.32
CA GLN B 183 24.66 39.42 6.96
C GLN B 183 23.73 38.40 6.28
N VAL B 184 23.22 38.82 5.12
CA VAL B 184 22.40 37.96 4.27
C VAL B 184 23.10 36.68 3.82
N GLN B 185 24.43 36.69 3.67
CA GLN B 185 25.14 35.47 3.26
C GLN B 185 25.34 34.46 4.38
N THR B 186 25.18 34.84 5.65
CA THR B 186 25.86 34.15 6.75
C THR B 186 25.00 33.92 8.00
N ALA B 187 23.91 34.65 8.22
CA ALA B 187 23.26 34.63 9.53
C ALA B 187 22.62 33.28 9.91
N VAL B 188 22.27 32.40 8.96
CA VAL B 188 21.66 31.11 9.30
C VAL B 188 22.23 29.98 8.45
N ASP B 189 22.18 28.77 9.02
CA ASP B 189 22.76 27.55 8.45
C ASP B 189 21.80 26.73 7.57
N PHE B 190 20.59 27.25 7.33
CA PHE B 190 19.41 26.45 7.00
C PHE B 190 19.45 25.73 5.65
N SER B 191 20.46 25.93 4.81
CA SER B 191 20.58 25.09 3.62
C SER B 191 20.75 23.60 3.93
N ASN B 192 21.12 23.27 5.15
CA ASN B 192 21.10 21.91 5.67
C ASN B 192 19.68 21.39 6.00
N SER B 193 18.59 22.07 5.64
CA SER B 193 17.29 21.77 6.22
C SER B 193 16.17 21.86 5.20
N TYR B 194 15.03 21.24 5.55
CA TYR B 194 13.78 21.36 4.82
C TYR B 194 12.75 22.15 5.63
N ILE B 195 11.93 22.92 4.92
CA ILE B 195 10.64 23.33 5.43
C ILE B 195 9.69 22.14 5.44
N ALA B 196 9.03 21.93 6.57
CA ALA B 196 8.05 20.87 6.76
C ALA B 196 6.62 21.44 6.78
N GLU B 197 5.74 20.86 5.98
CA GLU B 197 4.40 21.38 5.77
C GLU B 197 3.35 20.31 6.06
N MET B 198 2.40 20.62 6.93
CA MET B 198 1.16 19.88 7.11
C MET B 198 -0.01 20.77 6.74
N GLU B 199 -1.22 20.30 7.01
CA GLU B 199 -2.39 21.15 6.80
C GLU B 199 -2.34 22.39 7.68
N LYS B 200 -2.08 23.55 7.07
CA LYS B 200 -2.07 24.86 7.74
C LYS B 200 -1.07 24.98 8.89
N GLU B 201 -0.06 24.12 8.98
CA GLU B 201 0.94 24.25 10.03
C GLU B 201 2.28 23.75 9.51
N SER B 202 3.38 24.29 10.03
CA SER B 202 4.68 24.01 9.41
C SER B 202 5.86 24.30 10.33
N TRP B 203 6.97 23.61 10.03
CA TRP B 203 8.20 23.65 10.81
C TRP B 203 9.38 23.68 9.86
N ILE B 204 10.58 23.93 10.41
CA ILE B 204 11.83 23.75 9.70
C ILE B 204 12.68 22.72 10.43
N VAL B 205 13.19 21.73 9.70
CA VAL B 205 13.99 20.65 10.26
C VAL B 205 15.10 20.28 9.30
N ASP B 206 16.19 19.75 9.84
CA ASP B 206 17.32 19.34 9.02
C ASP B 206 16.94 18.17 8.12
N LYS B 207 17.64 18.07 7.00
CA LYS B 207 17.35 17.05 6.01
C LYS B 207 17.57 15.64 6.55
N GLN B 208 18.61 15.46 7.35
CA GLN B 208 18.95 14.13 7.84
C GLN B 208 17.81 13.52 8.66
N TRP B 209 17.25 14.29 9.57
CA TRP B 209 16.08 13.84 10.33
C TRP B 209 14.98 13.32 9.42
N ALA B 210 14.58 14.13 8.45
CA ALA B 210 13.50 13.74 7.55
C ALA B 210 13.86 12.50 6.76
N GLN B 211 15.08 12.44 6.25
CA GLN B 211 15.52 11.27 5.51
C GLN B 211 15.55 10.03 6.39
N ASP B 212 15.75 10.20 7.70
CA ASP B 212 15.72 9.08 8.62
C ASP B 212 14.32 8.66 9.07
N LEU B 213 13.29 9.44 8.77
CA LEU B 213 11.94 9.06 9.22
C LEU B 213 11.48 7.73 8.62
N THR B 214 11.05 6.84 9.49
CA THR B 214 10.67 5.47 9.17
C THR B 214 9.27 5.37 8.57
N LEU B 215 8.96 6.20 7.58
CA LEU B 215 7.61 6.30 7.05
C LEU B 215 7.63 6.32 5.54
N PRO B 216 6.53 5.92 4.90
CA PRO B 216 6.51 5.88 3.44
C PRO B 216 6.51 7.27 2.85
N TRP B 217 7.22 7.42 1.74
CA TRP B 217 7.42 8.70 1.11
C TRP B 217 7.32 8.61 -0.40
N GLN B 218 7.12 9.77 -1.01
CA GLN B 218 6.95 9.95 -2.43
C GLN B 218 7.78 11.15 -2.83
N SER B 219 8.18 11.20 -4.10
CA SER B 219 8.94 12.33 -4.59
C SER B 219 8.55 12.63 -6.03
N GLY B 220 8.97 13.78 -6.50
CA GLY B 220 8.44 14.29 -7.75
C GLY B 220 6.94 14.39 -7.66
N SER B 221 6.25 13.74 -8.59
CA SER B 221 4.81 13.63 -8.50
C SER B 221 4.36 12.30 -9.08
N GLY B 222 3.23 11.80 -8.58
CA GLY B 222 2.53 10.66 -9.15
C GLY B 222 3.22 9.31 -9.01
N GLY B 223 4.52 9.31 -8.75
CA GLY B 223 5.24 8.06 -8.62
C GLY B 223 4.79 7.22 -7.43
N VAL B 224 5.07 5.93 -7.54
CA VAL B 224 4.69 4.98 -6.50
C VAL B 224 5.37 5.29 -5.19
N TRP B 225 4.61 5.19 -4.10
CA TRP B 225 5.15 5.38 -2.77
C TRP B 225 6.24 4.37 -2.48
N ARG B 226 7.43 4.85 -2.16
CA ARG B 226 8.65 4.06 -2.25
C ARG B 226 8.98 3.25 -1.00
N GLU B 227 8.19 3.28 0.06
CA GLU B 227 8.65 2.68 1.31
C GLU B 227 7.49 2.20 2.18
N MET B 228 6.62 1.36 1.60
CA MET B 228 5.39 0.91 2.26
C MET B 228 5.66 0.21 3.59
N HIS B 229 6.88 -0.23 3.81
CA HIS B 229 7.18 -1.21 4.84
C HIS B 229 6.62 -0.89 6.21
N HIS B 230 6.54 0.38 6.58
CA HIS B 230 6.35 0.70 7.99
C HIS B 230 4.91 0.93 8.37
N LEU B 231 4.16 1.63 7.53
CA LEU B 231 2.83 2.04 7.89
C LEU B 231 1.85 0.89 7.85
N VAL B 232 2.15 -0.14 7.07
CA VAL B 232 1.35 -1.35 6.95
C VAL B 232 2.10 -2.50 7.62
N GLU B 233 1.37 -3.31 8.38
CA GLU B 233 1.90 -4.58 8.85
C GLU B 233 0.81 -5.64 8.81
N PHE B 234 1.23 -6.89 8.54
CA PHE B 234 0.33 -8.02 8.49
C PHE B 234 0.52 -8.94 9.68
N GLU B 235 -0.59 -9.44 10.24
CA GLU B 235 -0.60 -10.45 11.27
C GLU B 235 0.16 -11.69 10.87
N PRO B 236 0.50 -12.58 11.79
CA PRO B 236 0.81 -13.95 11.43
C PRO B 236 -0.34 -14.58 10.68
N PRO B 237 -0.08 -15.40 9.68
CA PRO B 237 -1.16 -16.12 9.01
C PRO B 237 -1.87 -17.04 9.99
N HIS B 238 -3.16 -17.23 9.76
CA HIS B 238 -3.97 -18.01 10.67
C HIS B 238 -5.03 -18.78 9.90
N ALA B 239 -5.23 -20.05 10.27
CA ALA B 239 -6.20 -20.92 9.60
C ALA B 239 -6.03 -20.92 8.08
N ALA B 240 -4.79 -20.91 7.63
CA ALA B 240 -4.44 -20.83 6.21
C ALA B 240 -5.07 -19.62 5.52
N THR B 241 -5.36 -18.58 6.28
CA THR B 241 -5.79 -17.31 5.71
C THR B 241 -5.05 -16.21 6.46
N ILE B 242 -5.19 -14.98 5.99
CA ILE B 242 -4.53 -13.84 6.63
C ILE B 242 -5.41 -12.62 6.47
N LYS B 243 -5.32 -11.73 7.45
CA LYS B 243 -5.86 -10.39 7.32
C LYS B 243 -4.81 -9.39 7.79
N VAL B 244 -5.03 -8.11 7.43
CA VAL B 244 -3.98 -7.10 7.47
C VAL B 244 -4.44 -5.92 8.31
N LEU B 245 -3.65 -5.59 9.33
CA LEU B 245 -3.77 -4.33 10.05
C LEU B 245 -3.36 -3.15 9.17
N ALA B 246 -3.71 -1.95 9.63
CA ALA B 246 -3.01 -0.73 9.30
C ALA B 246 -2.70 0.02 10.58
N LEU B 247 -1.51 0.61 10.67
CA LEU B 247 -1.25 1.50 11.79
C LEU B 247 -2.14 2.74 11.70
N GLY B 248 -2.42 3.34 12.85
CA GLY B 248 -3.15 4.58 12.89
C GLY B 248 -2.38 5.75 12.32
N ASN B 249 -3.09 6.84 12.06
CA ASN B 249 -2.45 8.07 11.65
C ASN B 249 -1.32 8.39 12.59
N GLN B 250 -0.12 8.47 12.06
CA GLN B 250 1.02 8.81 12.89
C GLN B 250 1.10 10.29 13.20
N GLU B 251 0.16 11.08 12.68
CA GLU B 251 0.20 12.52 12.80
C GLU B 251 0.54 13.01 14.20
N GLY B 252 -0.13 12.49 15.21
CA GLY B 252 0.17 12.91 16.56
C GLY B 252 1.59 12.59 16.97
N SER B 253 2.07 11.40 16.62
CA SER B 253 3.44 11.05 16.96
C SER B 253 4.41 12.00 16.30
N LEU B 254 4.23 12.21 14.99
CA LEU B 254 5.10 13.10 14.26
C LEU B 254 5.08 14.51 14.84
N LYS B 255 3.90 15.05 15.08
CA LYS B 255 3.79 16.40 15.61
C LYS B 255 4.34 16.51 17.03
N THR B 256 4.31 15.42 17.79
CA THR B 256 5.01 15.41 19.06
C THR B 256 6.52 15.52 18.86
N ALA B 257 7.07 14.70 17.96
CA ALA B 257 8.52 14.70 17.75
C ALA B 257 9.03 16.06 17.27
N LEU B 258 8.24 16.78 16.50
CA LEU B 258 8.60 18.12 16.04
C LEU B 258 8.53 19.20 17.11
N THR B 259 8.19 18.88 18.36
CA THR B 259 8.09 19.91 19.39
C THR B 259 9.37 20.70 19.56
N GLY B 260 10.53 20.10 19.27
CA GLY B 260 11.79 20.82 19.32
C GLY B 260 12.15 21.64 18.09
N ALA B 261 11.38 21.53 17.02
CA ALA B 261 11.68 22.26 15.79
C ALA B 261 11.22 23.72 15.87
N MET B 262 11.90 24.57 15.10
CA MET B 262 11.49 25.95 14.94
C MET B 262 10.30 26.04 14.00
N ARG B 263 9.37 26.95 14.33
CA ARG B 263 8.08 27.03 13.63
C ARG B 263 8.09 27.96 12.43
N VAL B 264 7.17 27.70 11.50
CA VAL B 264 7.08 28.38 10.22
C VAL B 264 5.62 28.69 9.93
N THR B 265 5.37 29.70 9.10
CA THR B 265 3.99 30.07 8.81
C THR B 265 3.82 30.57 7.38
N LYS B 266 2.55 30.62 6.98
CA LYS B 266 2.10 30.86 5.61
C LYS B 266 1.53 32.26 5.46
N ASP B 267 1.95 33.00 4.44
CA ASP B 267 1.25 34.23 4.08
C ASP B 267 -0.10 33.93 3.46
N THR B 268 -1.16 34.38 4.10
CA THR B 268 -2.51 34.23 3.55
C THR B 268 -2.65 34.92 2.21
N ASN B 269 -1.89 35.99 1.97
CA ASN B 269 -1.93 36.71 0.70
C ASN B 269 -1.14 36.03 -0.41
N ASN B 270 -0.26 35.09 -0.07
CA ASN B 270 0.64 34.52 -1.07
C ASN B 270 0.99 33.09 -0.66
N SER B 271 0.31 32.13 -1.29
CA SER B 271 0.52 30.72 -0.99
C SER B 271 1.95 30.27 -1.21
N LYS B 272 2.73 30.99 -2.02
CA LYS B 272 4.12 30.61 -2.19
C LYS B 272 5.02 31.19 -1.11
N LEU B 273 4.64 32.30 -0.50
CA LEU B 273 5.51 32.98 0.44
C LEU B 273 5.42 32.38 1.83
N TYR B 274 6.53 31.80 2.30
CA TYR B 274 6.62 31.25 3.65
C TYR B 274 7.40 32.21 4.53
N LYS B 275 6.91 32.41 5.76
CA LYS B 275 7.56 33.24 6.75
C LYS B 275 8.08 32.37 7.88
N LEU B 276 9.36 32.53 8.21
CA LEU B 276 10.03 31.70 9.19
C LEU B 276 10.08 32.46 10.51
N HIS B 277 9.64 31.82 11.58
CA HIS B 277 9.52 32.44 12.88
C HIS B 277 10.63 31.95 13.80
N GLY B 278 11.43 32.89 14.31
CA GLY B 278 12.56 32.59 15.16
C GLY B 278 13.95 32.80 14.56
N GLY B 279 14.07 33.36 13.38
CA GLY B 279 15.37 33.71 12.82
C GLY B 279 16.01 34.92 13.45
N HIS B 280 17.29 35.13 13.14
CA HIS B 280 18.02 36.31 13.63
C HIS B 280 19.04 36.75 12.59
N VAL B 281 19.49 38.01 12.71
CA VAL B 281 20.47 38.58 11.78
C VAL B 281 21.44 39.50 12.52
N ALA B 282 22.64 39.61 11.98
CA ALA B 282 23.63 40.62 12.38
C ALA B 282 23.62 41.79 11.40
N CYS B 283 23.72 43.00 11.93
CA CYS B 283 23.54 44.20 11.11
C CYS B 283 24.40 45.35 11.62
N ARG B 284 24.71 46.29 10.71
CA ARG B 284 25.55 47.45 11.00
C ARG B 284 24.93 48.69 10.34
N VAL B 285 25.10 49.84 10.97
CA VAL B 285 24.40 51.07 10.58
C VAL B 285 25.30 52.29 10.55
N LYS B 286 25.20 53.07 9.48
CA LYS B 286 25.73 54.44 9.44
C LYS B 286 24.77 55.40 10.13
N LEU B 287 25.22 56.00 11.23
CA LEU B 287 24.51 57.10 11.87
C LEU B 287 24.84 58.46 11.30
N SER B 288 25.96 58.58 10.60
CA SER B 288 26.56 59.87 10.36
C SER B 288 25.61 60.86 9.71
N ALA B 289 24.86 60.44 8.71
CA ALA B 289 24.02 61.33 7.92
C ALA B 289 22.72 61.75 8.60
N LEU B 290 22.55 61.55 9.90
CA LEU B 290 21.40 62.05 10.61
C LEU B 290 21.59 63.50 11.08
N THR B 291 20.48 64.15 11.46
CA THR B 291 20.51 65.50 12.03
C THR B 291 19.32 65.70 12.97
N LEU B 292 19.50 66.54 13.99
CA LEU B 292 18.42 66.91 14.90
C LEU B 292 17.58 68.05 14.35
N LYS B 293 16.35 67.73 13.92
CA LYS B 293 15.55 68.64 13.10
C LYS B 293 15.39 70.03 13.70
N GLY B 294 14.95 70.13 14.94
CA GLY B 294 14.54 71.41 15.49
C GLY B 294 15.62 72.23 16.18
N THR B 295 16.88 71.83 16.07
CA THR B 295 17.90 72.31 16.99
C THR B 295 17.90 73.83 17.10
N SER B 296 17.63 74.52 16.01
CA SER B 296 17.70 75.98 16.03
C SER B 296 16.61 76.64 16.86
N TYR B 297 15.57 75.91 17.25
CA TYR B 297 14.39 76.54 17.82
C TYR B 297 14.66 77.18 19.19
N LYS B 298 13.80 78.14 19.53
CA LYS B 298 13.72 78.73 20.86
C LYS B 298 13.13 77.75 21.88
N ILE B 299 13.27 78.10 23.18
CA ILE B 299 12.47 77.52 24.25
C ILE B 299 11.15 78.27 24.40
N CYS B 300 10.11 77.56 24.87
CA CYS B 300 8.76 78.14 24.90
C CYS B 300 8.53 79.04 26.11
N THR B 301 9.00 78.63 27.28
CA THR B 301 8.59 79.22 28.55
C THR B 301 7.09 79.49 28.62
N ASP B 302 6.26 78.55 28.17
CA ASP B 302 4.82 78.77 28.16
C ASP B 302 4.09 77.50 28.59
N LYS B 303 2.82 77.68 28.94
CA LYS B 303 2.06 76.71 29.73
C LYS B 303 1.66 75.45 28.97
N MET B 304 2.61 74.57 28.67
CA MET B 304 2.29 73.24 28.17
C MET B 304 1.55 72.41 29.23
N PHE B 305 0.98 71.29 28.79
CA PHE B 305 0.36 70.34 29.71
C PHE B 305 0.47 68.91 29.18
N PHE B 306 0.35 67.94 30.09
CA PHE B 306 0.39 66.53 29.72
C PHE B 306 -0.90 66.08 29.03
N VAL B 307 -0.74 65.54 27.82
CA VAL B 307 -1.82 64.78 27.21
C VAL B 307 -1.95 63.42 27.85
N LYS B 308 -0.84 62.81 28.24
CA LYS B 308 -0.86 61.57 28.99
C LYS B 308 0.27 61.57 29.99
N ASN B 309 -0.01 61.14 31.22
CA ASN B 309 0.91 61.34 32.31
C ASN B 309 2.23 60.56 32.14
N PRO B 310 3.31 61.06 32.73
CA PRO B 310 4.55 60.27 32.83
C PRO B 310 4.32 58.89 33.39
N THR B 311 4.84 57.88 32.69
CA THR B 311 4.44 56.50 32.95
C THR B 311 5.60 55.55 32.71
N ASP B 312 5.58 54.43 33.44
CA ASP B 312 6.61 53.41 33.36
C ASP B 312 6.63 52.64 32.04
N THR B 313 7.82 52.35 31.54
CA THR B 313 7.98 51.45 30.40
C THR B 313 8.19 50.02 30.86
N GLY B 314 8.43 49.14 29.89
CA GLY B 314 8.95 47.82 30.16
C GLY B 314 10.42 47.73 30.48
N HIS B 315 11.14 48.86 30.42
CA HIS B 315 12.60 48.83 30.34
C HIS B 315 13.25 49.80 31.32
N GLY B 316 12.51 50.22 32.34
CA GLY B 316 13.04 51.12 33.33
C GLY B 316 13.15 52.57 32.91
N THR B 317 12.88 52.89 31.66
CA THR B 317 12.70 54.27 31.24
C THR B 317 11.25 54.69 31.46
N VAL B 318 10.95 55.96 31.20
CA VAL B 318 9.61 56.50 31.33
C VAL B 318 9.26 57.30 30.08
N VAL B 319 7.96 57.48 29.85
CA VAL B 319 7.47 58.17 28.67
C VAL B 319 6.37 59.16 29.03
N MET B 320 6.17 60.13 28.13
CA MET B 320 5.20 61.19 28.31
C MET B 320 4.56 61.57 26.98
N GLN B 321 3.34 62.10 27.05
CA GLN B 321 2.78 62.88 25.95
C GLN B 321 2.50 64.29 26.44
N VAL B 322 3.08 65.28 25.76
CA VAL B 322 2.94 66.67 26.16
C VAL B 322 2.63 67.53 24.95
N LYS B 323 1.84 68.58 25.14
CA LYS B 323 1.62 69.57 24.09
C LYS B 323 1.68 71.00 24.63
N VAL B 324 2.18 71.90 23.78
CA VAL B 324 2.58 73.24 24.18
C VAL B 324 1.43 74.25 24.22
N SER B 325 0.39 74.06 23.44
CA SER B 325 -0.62 75.12 23.20
C SER B 325 0.07 76.37 22.66
N LYS B 326 -0.31 77.56 23.11
CA LYS B 326 0.32 78.79 22.65
C LYS B 326 1.83 78.70 22.77
N GLY B 327 2.50 78.99 21.67
CA GLY B 327 3.92 78.73 21.57
C GLY B 327 4.41 78.94 20.16
N ALA B 328 5.38 78.13 19.74
CA ALA B 328 6.00 78.27 18.44
C ALA B 328 6.58 76.93 18.07
N PRO B 329 7.05 76.77 16.85
CA PRO B 329 8.10 75.78 16.65
C PRO B 329 9.16 75.97 17.71
N CYS B 330 9.28 75.00 18.60
CA CYS B 330 9.99 75.20 19.86
C CYS B 330 10.64 73.91 20.29
N ARG B 331 11.79 74.03 20.94
CA ARG B 331 12.39 72.92 21.66
C ARG B 331 12.16 73.15 23.15
N ILE B 332 11.64 72.16 23.84
CA ILE B 332 11.25 72.30 25.24
C ILE B 332 12.27 71.62 26.13
N PRO B 333 12.72 72.27 27.20
CA PRO B 333 13.68 71.66 28.11
C PRO B 333 13.04 70.56 28.93
N VAL B 334 13.76 69.45 29.08
CA VAL B 334 13.38 68.38 29.99
C VAL B 334 14.58 68.01 30.86
N ILE B 335 14.36 67.95 32.16
CA ILE B 335 15.41 67.70 33.14
C ILE B 335 14.91 66.65 34.10
N VAL B 336 15.75 65.68 34.43
CA VAL B 336 15.52 64.80 35.56
C VAL B 336 16.58 65.09 36.60
N ALA B 337 16.16 65.30 37.84
CA ALA B 337 17.05 65.85 38.85
C ALA B 337 16.70 65.35 40.25
N ASP B 338 17.67 65.49 41.14
CA ASP B 338 17.49 65.06 42.52
C ASP B 338 16.50 65.95 43.23
N ASP B 339 16.53 67.24 42.95
CA ASP B 339 15.78 68.23 43.70
C ASP B 339 15.06 69.15 42.73
N LEU B 340 13.98 69.74 43.20
CA LEU B 340 13.32 70.74 42.38
C LEU B 340 14.20 71.96 42.16
N THR B 341 15.32 72.07 42.86
CA THR B 341 16.36 73.02 42.47
C THR B 341 16.96 72.66 41.12
N ALA B 342 16.88 71.40 40.72
CA ALA B 342 17.35 70.95 39.42
C ALA B 342 18.79 71.35 39.13
N ALA B 343 19.69 70.95 40.01
CA ALA B 343 21.08 71.35 39.86
C ALA B 343 21.75 70.62 38.70
N ILE B 344 21.48 69.33 38.53
CA ILE B 344 22.07 68.55 37.45
C ILE B 344 20.99 67.73 36.77
N ASN B 345 21.07 67.65 35.44
CA ASN B 345 20.29 66.67 34.67
C ASN B 345 20.84 65.27 34.91
N LYS B 346 20.47 64.72 36.06
CA LYS B 346 21.10 63.50 36.56
C LYS B 346 20.97 62.33 35.59
N GLY B 347 19.90 62.29 34.79
CA GLY B 347 19.64 61.19 33.89
C GLY B 347 19.64 61.58 32.42
N ILE B 348 19.34 60.60 31.57
CA ILE B 348 19.61 60.66 30.14
C ILE B 348 18.30 60.87 29.39
N LEU B 349 18.28 61.91 28.57
CA LEU B 349 17.21 62.19 27.61
C LEU B 349 17.34 61.30 26.37
N VAL B 350 16.30 60.53 26.04
CA VAL B 350 16.40 59.59 24.92
C VAL B 350 15.98 60.19 23.59
N THR B 351 14.89 60.97 23.51
CA THR B 351 14.67 61.79 22.32
C THR B 351 15.47 63.07 22.43
N VAL B 352 16.61 63.11 21.73
CA VAL B 352 17.68 64.03 22.08
C VAL B 352 17.29 65.50 21.89
N ASN B 353 16.27 65.82 21.10
CA ASN B 353 15.49 67.03 21.35
C ASN B 353 14.01 66.73 21.29
N PRO B 354 13.25 66.96 22.36
CA PRO B 354 11.81 67.04 22.21
C PRO B 354 11.46 68.34 21.50
N ILE B 355 10.75 68.24 20.38
CA ILE B 355 10.40 69.38 19.57
C ILE B 355 8.89 69.44 19.47
N ALA B 356 8.32 70.56 19.87
CA ALA B 356 6.94 70.86 19.49
C ALA B 356 6.98 71.47 18.10
N SER B 357 6.72 70.66 17.09
CA SER B 357 6.81 71.17 15.72
C SER B 357 5.67 72.11 15.36
N THR B 358 4.54 72.02 16.05
CA THR B 358 3.48 73.01 15.86
C THR B 358 2.61 73.10 17.09
N ASN B 359 2.05 74.28 17.28
CA ASN B 359 1.28 74.57 18.48
C ASN B 359 0.11 73.61 18.65
N ASP B 360 -0.40 73.05 17.57
CA ASP B 360 -1.53 72.14 17.69
C ASP B 360 -1.17 70.77 18.25
N ASP B 361 0.09 70.35 18.17
CA ASP B 361 0.42 68.93 18.18
C ASP B 361 1.26 68.51 19.38
N GLU B 362 0.79 67.49 20.10
CA GLU B 362 1.59 66.87 21.14
C GLU B 362 2.87 66.26 20.59
N VAL B 363 3.84 66.12 21.47
CA VAL B 363 5.10 65.42 21.22
C VAL B 363 5.32 64.36 22.28
N LEU B 364 5.89 63.24 21.87
CA LEU B 364 6.14 62.10 22.74
C LEU B 364 7.60 62.07 23.17
N ILE B 365 7.83 61.88 24.46
CA ILE B 365 9.17 61.95 25.05
C ILE B 365 9.47 60.65 25.79
N GLU B 366 10.72 60.20 25.72
CA GLU B 366 11.27 59.18 26.60
C GLU B 366 12.51 59.69 27.31
N VAL B 367 12.64 59.35 28.60
CA VAL B 367 13.88 59.59 29.34
C VAL B 367 14.21 58.40 30.23
N ASN B 368 15.51 58.26 30.52
CA ASN B 368 16.01 57.25 31.46
C ASN B 368 16.35 57.89 32.80
N PRO B 369 15.43 57.91 33.75
CA PRO B 369 15.69 58.54 35.03
C PRO B 369 16.66 57.73 35.87
N PRO B 370 17.27 58.36 36.85
CA PRO B 370 18.21 57.66 37.73
C PRO B 370 17.50 56.69 38.66
N PHE B 371 18.31 55.86 39.32
CA PHE B 371 17.83 55.08 40.45
C PHE B 371 17.33 55.98 41.57
N GLY B 372 16.49 55.40 42.44
CA GLY B 372 15.94 56.09 43.59
C GLY B 372 14.92 57.18 43.27
N ASP B 373 14.68 58.02 44.26
CA ASP B 373 13.78 59.16 44.08
C ASP B 373 14.35 60.16 43.10
N SER B 374 13.47 60.76 42.30
CA SER B 374 13.84 61.90 41.50
C SER B 374 12.58 62.67 41.10
N TYR B 375 12.79 63.88 40.63
CA TYR B 375 11.75 64.65 39.96
C TYR B 375 12.01 64.72 38.46
N ILE B 376 10.98 64.42 37.68
CA ILE B 376 10.89 64.84 36.28
C ILE B 376 10.49 66.30 36.21
N ILE B 377 11.18 67.07 35.38
CA ILE B 377 10.86 68.47 35.14
C ILE B 377 10.72 68.69 33.65
N VAL B 378 9.70 69.41 33.24
CA VAL B 378 9.57 69.88 31.86
C VAL B 378 9.07 71.31 31.84
N GLY B 379 9.60 72.11 30.94
CA GLY B 379 9.31 73.53 30.90
C GLY B 379 10.00 74.34 31.99
N ARG B 380 9.67 75.64 32.01
CA ARG B 380 10.38 76.60 32.84
C ARG B 380 9.43 77.67 33.36
N GLY B 381 9.93 78.48 34.31
CA GLY B 381 9.15 79.44 35.08
C GLY B 381 8.20 78.76 36.05
N ASP B 382 7.31 79.55 36.65
CA ASP B 382 6.25 78.96 37.45
C ASP B 382 5.30 78.15 36.58
N SER B 383 5.34 78.38 35.27
CA SER B 383 4.71 77.54 34.28
C SER B 383 5.33 76.15 34.19
N ARG B 384 6.39 75.86 34.95
CA ARG B 384 6.95 74.52 34.99
C ARG B 384 5.94 73.44 35.33
N LEU B 385 6.23 72.21 34.92
CA LEU B 385 5.42 71.03 35.15
C LEU B 385 6.33 69.90 35.65
N THR B 386 5.92 69.18 36.70
CA THR B 386 6.83 68.30 37.43
C THR B 386 6.13 67.05 37.92
N TYR B 387 6.91 66.00 38.16
CA TYR B 387 6.37 64.73 38.61
C TYR B 387 7.44 63.92 39.35
N GLN B 388 7.08 63.32 40.48
CA GLN B 388 7.98 62.45 41.22
C GLN B 388 8.11 61.09 40.55
N TRP B 389 9.31 60.52 40.62
CA TRP B 389 9.54 59.19 40.05
C TRP B 389 10.46 58.38 40.95
N HIS B 390 10.40 57.06 40.82
CA HIS B 390 11.18 56.17 41.66
C HIS B 390 11.90 55.09 40.85
N LYS B 391 13.21 55.02 41.01
CA LYS B 391 14.09 54.05 40.35
C LYS B 391 13.66 53.75 38.93
N ALA C 1 26.00 -68.00 -15.07
CA ALA C 1 25.27 -67.67 -16.32
C ALA C 1 24.77 -66.22 -16.33
N HIS C 2 25.57 -65.28 -15.84
CA HIS C 2 25.28 -63.87 -16.08
C HIS C 2 26.50 -63.01 -15.77
N CYS C 3 26.29 -61.70 -15.76
CA CYS C 3 27.21 -60.76 -15.14
C CYS C 3 28.64 -60.90 -15.66
N ILE C 4 28.77 -60.87 -16.99
CA ILE C 4 30.09 -60.82 -17.61
C ILE C 4 30.83 -59.57 -17.12
N GLY C 5 32.02 -59.79 -16.57
CA GLY C 5 33.00 -58.75 -16.31
C GLY C 5 32.58 -57.63 -15.38
N ILE C 6 31.55 -57.83 -14.59
CA ILE C 6 31.00 -56.74 -13.80
C ILE C 6 31.99 -56.25 -12.75
N THR C 7 32.01 -54.92 -12.56
CA THR C 7 33.02 -54.24 -11.76
C THR C 7 33.15 -54.79 -10.35
N ASP C 8 32.09 -55.34 -9.79
CA ASP C 8 32.23 -56.30 -8.70
C ASP C 8 31.19 -57.39 -8.84
N ARG C 9 31.55 -58.59 -8.39
CA ARG C 9 30.82 -59.80 -8.72
C ARG C 9 30.81 -60.72 -7.51
N ASP C 10 30.70 -60.12 -6.33
CA ASP C 10 30.89 -60.75 -5.04
C ASP C 10 29.87 -61.86 -4.75
N PHE C 11 30.29 -62.78 -3.88
CA PHE C 11 29.50 -63.94 -3.46
C PHE C 11 28.99 -63.74 -2.03
N ILE C 12 27.71 -64.07 -1.79
CA ILE C 12 27.18 -64.32 -0.46
C ILE C 12 26.68 -65.75 -0.38
N GLU C 13 27.15 -66.49 0.63
CA GLU C 13 26.74 -67.88 0.86
C GLU C 13 25.81 -67.99 2.06
N GLY C 14 24.60 -68.53 1.84
CA GLY C 14 23.66 -68.76 2.92
C GLY C 14 24.09 -69.87 3.85
N VAL C 15 23.73 -69.72 5.14
CA VAL C 15 23.78 -70.85 6.06
C VAL C 15 22.75 -71.89 5.63
N HIS C 16 23.09 -73.16 5.84
CA HIS C 16 22.16 -74.23 5.48
C HIS C 16 20.87 -74.14 6.29
N GLY C 17 19.74 -74.24 5.59
CA GLY C 17 18.42 -74.06 6.16
C GLY C 17 18.02 -72.64 6.49
N GLY C 18 18.86 -71.66 6.19
CA GLY C 18 18.50 -70.27 6.38
C GLY C 18 17.56 -69.77 5.30
N THR C 19 16.31 -69.45 5.67
CA THR C 19 15.34 -69.05 4.66
C THR C 19 15.72 -67.73 3.98
N TRP C 20 16.31 -66.80 4.72
CA TRP C 20 16.65 -65.48 4.19
C TRP C 20 18.15 -65.27 4.10
N VAL C 21 18.57 -64.41 3.17
CA VAL C 21 19.82 -63.66 3.28
C VAL C 21 19.57 -62.20 2.91
N SER C 22 20.51 -61.36 3.33
CA SER C 22 20.47 -59.92 3.10
C SER C 22 21.63 -59.46 2.22
N ALA C 23 21.38 -58.42 1.41
CA ALA C 23 22.39 -57.88 0.51
C ALA C 23 22.20 -56.36 0.36
N THR C 24 23.32 -55.68 0.14
CA THR C 24 23.35 -54.24 -0.15
C THR C 24 23.94 -54.06 -1.53
N LEU C 25 23.22 -53.38 -2.42
CA LEU C 25 23.59 -53.27 -3.82
C LEU C 25 23.86 -51.82 -4.19
N GLU C 26 24.78 -51.65 -5.13
CA GLU C 26 25.17 -50.36 -5.64
C GLU C 26 25.32 -50.48 -7.15
N GLN C 27 24.81 -49.48 -7.88
CA GLN C 27 24.47 -49.67 -9.28
C GLN C 27 25.66 -50.08 -10.13
N ASP C 28 26.88 -49.83 -9.67
CA ASP C 28 28.06 -50.37 -10.33
C ASP C 28 28.08 -51.90 -10.43
N LYS C 29 27.49 -52.63 -9.47
CA LYS C 29 27.90 -54.01 -9.25
C LYS C 29 26.71 -54.97 -9.19
N CYS C 30 27.02 -56.25 -9.00
CA CYS C 30 26.03 -57.27 -8.70
C CYS C 30 26.55 -58.15 -7.57
N VAL C 31 25.67 -58.94 -6.98
CA VAL C 31 26.03 -59.93 -5.96
C VAL C 31 25.34 -61.26 -6.25
N THR C 32 26.13 -62.33 -6.29
CA THR C 32 25.63 -63.69 -6.50
C THR C 32 25.51 -64.46 -5.18
N VAL C 33 24.44 -65.25 -5.07
CA VAL C 33 24.09 -66.00 -3.86
C VAL C 33 24.37 -67.48 -4.08
N MET C 34 25.05 -68.09 -3.11
CA MET C 34 25.13 -69.55 -2.99
C MET C 34 24.12 -70.04 -1.96
N ALA C 35 23.27 -70.99 -2.36
CA ALA C 35 22.36 -71.68 -1.44
C ALA C 35 22.82 -73.12 -1.28
N PRO C 36 23.10 -73.60 -0.06
CA PRO C 36 24.02 -74.74 0.08
C PRO C 36 23.64 -76.02 -0.65
N ASP C 37 22.39 -76.22 -1.05
CA ASP C 37 22.07 -77.31 -1.98
C ASP C 37 21.02 -76.89 -2.98
N LYS C 38 21.07 -75.64 -3.40
CA LYS C 38 20.06 -75.05 -4.27
C LYS C 38 20.72 -74.14 -5.28
N PRO C 39 20.11 -73.94 -6.44
CA PRO C 39 20.80 -73.24 -7.53
C PRO C 39 21.24 -71.85 -7.11
N SER C 40 22.40 -71.44 -7.60
CA SER C 40 22.92 -70.12 -7.27
C SER C 40 22.17 -69.01 -8.01
N LEU C 41 22.05 -67.86 -7.34
CA LEU C 41 21.28 -66.72 -7.80
C LEU C 41 22.17 -65.49 -7.93
N ASP C 42 21.73 -64.51 -8.73
CA ASP C 42 22.46 -63.25 -8.80
C ASP C 42 21.51 -62.08 -9.06
N ILE C 43 21.86 -60.91 -8.50
CA ILE C 43 20.96 -59.74 -8.43
C ILE C 43 21.75 -58.44 -8.60
N SER C 44 21.12 -57.43 -9.23
CA SER C 44 21.76 -56.15 -9.47
C SER C 44 20.74 -55.03 -9.67
N LEU C 45 21.16 -53.80 -9.34
CA LEU C 45 20.34 -52.61 -9.55
C LEU C 45 20.41 -52.13 -10.98
N GLU C 46 19.32 -52.25 -11.72
CA GLU C 46 19.25 -51.61 -13.03
C GLU C 46 19.18 -50.09 -12.90
N THR C 47 18.29 -49.59 -12.06
CA THR C 47 18.19 -48.16 -11.81
C THR C 47 17.38 -47.91 -10.54
N VAL C 48 17.52 -46.71 -10.01
CA VAL C 48 16.48 -46.06 -9.21
C VAL C 48 15.99 -44.84 -9.97
N ALA C 49 14.72 -44.50 -9.81
CA ALA C 49 14.10 -43.55 -10.72
C ALA C 49 12.97 -42.76 -10.09
N ILE C 50 12.72 -41.59 -10.68
CA ILE C 50 11.54 -40.76 -10.43
C ILE C 50 10.89 -40.48 -11.76
N ASP C 51 9.57 -40.41 -11.79
CA ASP C 51 8.84 -39.95 -12.96
C ASP C 51 8.12 -38.63 -12.65
N GLY C 52 8.37 -37.62 -13.48
CA GLY C 52 7.67 -36.35 -13.45
C GLY C 52 7.54 -35.64 -12.12
N PRO C 53 8.63 -35.49 -11.39
CA PRO C 53 8.62 -34.60 -10.22
C PRO C 53 8.19 -33.19 -10.58
N ALA C 54 7.64 -32.49 -9.59
CA ALA C 54 6.96 -31.22 -9.83
C ALA C 54 7.92 -30.09 -10.22
N GLU C 55 7.50 -29.31 -11.23
CA GLU C 55 8.30 -28.30 -11.93
C GLU C 55 8.47 -27.00 -11.16
N ALA C 56 8.92 -27.09 -9.91
CA ALA C 56 8.73 -26.02 -8.95
C ALA C 56 9.35 -24.68 -9.36
N ARG C 57 10.55 -24.68 -9.94
CA ARG C 57 11.30 -23.44 -10.04
C ARG C 57 12.26 -23.49 -11.22
N LYS C 58 12.51 -22.33 -11.83
CA LYS C 58 13.53 -22.18 -12.86
C LYS C 58 14.51 -21.07 -12.52
N VAL C 59 15.75 -21.24 -12.97
CA VAL C 59 16.83 -20.30 -12.73
C VAL C 59 17.51 -19.98 -14.06
N CYS C 60 17.77 -18.70 -14.31
CA CYS C 60 18.46 -18.28 -15.53
C CYS C 60 19.95 -18.21 -15.27
N TYR C 61 20.72 -19.01 -16.00
CA TYR C 61 22.16 -18.87 -15.97
C TYR C 61 22.68 -17.89 -17.00
N SER C 62 21.83 -17.41 -17.90
CA SER C 62 22.23 -16.32 -18.77
C SER C 62 21.02 -15.49 -19.16
N ALA C 63 21.27 -14.22 -19.45
CA ALA C 63 20.23 -13.28 -19.83
C ALA C 63 20.79 -12.27 -20.81
N VAL C 64 19.89 -11.61 -21.54
CA VAL C 64 20.23 -10.52 -22.44
C VAL C 64 19.39 -9.31 -22.08
N LEU C 65 19.99 -8.11 -22.22
CA LEU C 65 19.40 -6.84 -21.83
C LEU C 65 19.18 -5.98 -23.06
N THR C 66 18.06 -5.26 -23.11
CA THR C 66 17.79 -4.46 -24.31
C THR C 66 17.06 -3.16 -23.99
N ASN C 67 17.31 -2.17 -24.85
CA ASN C 67 16.67 -0.86 -24.80
C ASN C 67 16.82 -0.20 -23.42
N VAL C 68 18.06 -0.11 -22.95
CA VAL C 68 18.35 0.61 -21.72
C VAL C 68 17.91 2.06 -21.87
N LYS C 69 17.06 2.52 -20.95
CA LYS C 69 16.47 3.86 -20.99
C LYS C 69 16.77 4.63 -19.71
N ILE C 70 16.98 5.94 -19.84
CA ILE C 70 17.56 6.77 -18.78
C ILE C 70 16.92 8.16 -18.79
N ASN C 71 16.70 8.74 -17.60
CA ASN C 71 16.58 10.20 -17.47
C ASN C 71 16.99 10.63 -16.06
N ASP C 72 16.88 11.94 -15.79
CA ASP C 72 17.72 12.65 -14.83
C ASP C 72 16.97 13.83 -14.22
N LYS C 73 17.48 14.30 -13.07
CA LYS C 73 17.01 15.55 -12.48
C LYS C 73 18.17 16.38 -11.93
N CYS C 74 18.10 17.69 -12.18
CA CYS C 74 19.04 18.65 -11.60
C CYS C 74 18.93 18.69 -10.07
N PRO C 75 20.03 19.00 -9.38
CA PRO C 75 20.11 18.69 -7.95
C PRO C 75 18.95 19.19 -7.10
N SER C 76 18.39 20.35 -7.37
CA SER C 76 17.25 20.84 -6.59
C SER C 76 15.91 20.32 -7.06
N THR C 77 15.83 19.84 -8.29
CA THR C 77 14.55 19.63 -8.95
C THR C 77 13.92 18.30 -8.55
N GLY C 78 13.92 18.03 -7.26
CA GLY C 78 13.33 16.80 -6.75
C GLY C 78 14.15 15.57 -7.04
N GLU C 79 13.53 14.56 -7.63
CA GLU C 79 14.19 13.28 -7.79
C GLU C 79 13.71 12.58 -9.05
N ALA C 80 14.64 11.92 -9.73
CA ALA C 80 14.34 11.26 -10.98
C ALA C 80 13.57 9.96 -10.78
N HIS C 81 12.55 9.73 -11.59
CA HIS C 81 11.98 8.39 -11.71
C HIS C 81 11.29 8.24 -13.06
N LEU C 82 11.09 6.98 -13.46
CA LEU C 82 10.62 6.64 -14.80
C LEU C 82 9.65 5.48 -14.74
N GLU C 83 8.74 5.43 -15.72
CA GLU C 83 7.62 4.47 -15.67
C GLU C 83 8.06 3.05 -15.34
N GLU C 84 9.05 2.55 -16.06
CA GLU C 84 9.54 1.20 -15.81
C GLU C 84 9.95 0.97 -14.37
N GLU C 85 10.42 2.01 -13.69
CA GLU C 85 10.82 1.82 -12.29
C GLU C 85 9.65 1.36 -11.46
N ASN C 86 8.43 1.79 -11.80
CA ASN C 86 7.26 1.46 -11.00
C ASN C 86 6.83 0.02 -11.22
N GLU C 87 7.09 -0.52 -12.39
CA GLU C 87 6.78 -1.90 -12.68
C GLU C 87 8.03 -2.77 -12.48
N GLY C 88 7.83 -4.06 -12.68
CA GLY C 88 8.92 -5.02 -12.79
C GLY C 88 9.39 -5.22 -14.21
N ASP C 89 9.86 -6.43 -14.47
CA ASP C 89 10.25 -6.89 -15.79
C ASP C 89 11.41 -6.12 -16.41
N ASN C 90 12.04 -5.23 -15.65
CA ASN C 90 13.01 -4.32 -16.24
C ASN C 90 14.21 -4.05 -15.34
N ALA C 91 14.36 -4.78 -14.24
CA ALA C 91 15.62 -4.87 -13.51
C ALA C 91 16.23 -3.51 -13.16
N CYS C 92 15.39 -2.53 -12.89
CA CYS C 92 15.83 -1.14 -12.81
C CYS C 92 16.84 -0.91 -11.69
N LYS C 93 17.75 0.03 -11.90
CA LYS C 93 18.57 0.58 -10.80
C LYS C 93 18.68 2.09 -10.93
N ARG C 94 18.85 2.76 -9.79
CA ARG C 94 18.85 4.22 -9.72
C ARG C 94 19.82 4.70 -8.66
N THR C 95 20.36 5.91 -8.88
CA THR C 95 21.45 6.43 -8.07
C THR C 95 21.58 7.94 -8.30
N TYR C 96 22.44 8.57 -7.51
CA TYR C 96 22.80 9.96 -7.71
C TYR C 96 23.97 10.11 -8.67
N SER C 97 24.00 11.26 -9.35
CA SER C 97 25.09 11.65 -10.23
C SER C 97 25.56 13.07 -9.93
N ASP C 98 26.85 13.30 -10.05
CA ASP C 98 27.36 14.65 -10.20
C ASP C 98 26.76 15.32 -11.43
N ARG C 99 26.35 16.57 -11.28
CA ARG C 99 26.05 17.44 -12.42
C ARG C 99 26.42 18.88 -12.09
N GLY C 100 26.70 19.65 -13.14
CA GLY C 100 27.08 21.03 -12.97
C GLY C 100 26.69 21.89 -14.17
N TRP C 101 26.92 23.18 -13.99
CA TRP C 101 26.47 24.18 -14.96
C TRP C 101 27.02 23.88 -16.35
N GLY C 102 28.25 23.38 -16.41
CA GLY C 102 28.84 22.97 -17.67
C GLY C 102 28.21 21.76 -18.31
N ASN C 103 27.48 20.96 -17.56
CA ASN C 103 26.68 19.89 -18.15
C ASN C 103 25.33 20.38 -18.64
N GLY C 104 25.15 21.69 -18.73
CA GLY C 104 23.88 22.30 -19.02
C GLY C 104 22.96 22.39 -17.83
N CYS C 105 23.41 21.95 -16.68
CA CYS C 105 22.58 21.93 -15.48
C CYS C 105 22.30 23.35 -15.01
N GLY C 106 21.22 23.50 -14.24
CA GLY C 106 20.92 24.77 -13.60
C GLY C 106 21.79 25.08 -12.39
N LEU C 107 22.43 24.08 -11.81
CA LEU C 107 23.13 24.27 -10.53
C LEU C 107 24.16 23.16 -10.35
N PHE C 108 25.10 23.37 -9.43
CA PHE C 108 26.14 22.38 -9.15
C PHE C 108 25.80 21.53 -7.94
N GLY C 109 25.93 20.22 -8.08
CA GLY C 109 25.74 19.30 -6.98
C GLY C 109 25.35 17.92 -7.47
N LYS C 110 24.90 17.09 -6.54
CA LYS C 110 24.32 15.79 -6.86
C LYS C 110 22.94 15.96 -7.47
N GLY C 111 22.81 15.65 -8.75
CA GLY C 111 21.53 15.29 -9.32
C GLY C 111 21.21 13.84 -9.04
N SER C 112 20.08 13.39 -9.55
CA SER C 112 19.71 11.98 -9.45
C SER C 112 19.38 11.44 -10.83
N ILE C 113 19.58 10.14 -11.00
CA ILE C 113 19.47 9.49 -12.31
C ILE C 113 18.94 8.08 -12.15
N VAL C 114 18.12 7.63 -13.10
CA VAL C 114 17.50 6.31 -13.07
C VAL C 114 17.75 5.59 -14.38
N ALA C 115 17.99 4.28 -14.30
CA ALA C 115 18.27 3.46 -15.49
C ALA C 115 17.59 2.10 -15.39
N CYS C 116 17.02 1.65 -16.50
CA CYS C 116 16.42 0.32 -16.57
C CYS C 116 16.43 -0.18 -18.01
N ALA C 117 16.29 -1.49 -18.16
CA ALA C 117 16.26 -2.15 -19.46
C ALA C 117 15.41 -3.40 -19.38
N LYS C 118 14.78 -3.76 -20.50
CA LYS C 118 14.09 -5.05 -20.54
C LYS C 118 15.09 -6.17 -20.32
N PHE C 119 14.75 -7.07 -19.42
CA PHE C 119 15.52 -8.25 -19.07
C PHE C 119 14.83 -9.49 -19.64
N THR C 120 15.58 -10.35 -20.32
CA THR C 120 15.05 -11.66 -20.71
C THR C 120 16.10 -12.73 -20.50
N CYS C 121 15.70 -13.85 -19.90
CA CYS C 121 16.56 -15.02 -19.81
C CYS C 121 16.89 -15.56 -21.19
N ALA C 122 18.17 -15.80 -21.43
CA ALA C 122 18.59 -16.50 -22.63
C ALA C 122 18.54 -18.02 -22.45
N LYS C 123 19.18 -18.52 -21.40
CA LYS C 123 19.15 -19.94 -21.10
C LYS C 123 19.02 -20.16 -19.59
N SER C 124 18.28 -21.20 -19.23
CA SER C 124 17.85 -21.44 -17.87
C SER C 124 17.89 -22.91 -17.52
N MET C 125 18.31 -23.21 -16.30
CA MET C 125 18.10 -24.52 -15.72
C MET C 125 16.71 -24.60 -15.09
N SER C 126 16.20 -25.83 -14.98
CA SER C 126 14.96 -26.10 -14.27
C SER C 126 15.19 -27.04 -13.08
N LEU C 127 14.39 -26.86 -12.05
CA LEU C 127 14.43 -27.67 -10.84
C LEU C 127 13.12 -28.41 -10.65
N PHE C 128 13.17 -29.58 -10.01
CA PHE C 128 11.97 -30.38 -9.79
C PHE C 128 11.98 -31.06 -8.43
N GLU C 129 10.80 -31.08 -7.79
CA GLU C 129 10.60 -31.61 -6.44
C GLU C 129 10.49 -33.13 -6.43
N VAL C 130 11.38 -33.79 -5.71
CA VAL C 130 11.30 -35.24 -5.48
C VAL C 130 10.23 -35.58 -4.45
N ASP C 131 9.36 -36.53 -4.79
CA ASP C 131 8.51 -37.20 -3.81
C ASP C 131 9.08 -38.58 -3.51
N GLN C 132 9.40 -38.83 -2.23
CA GLN C 132 9.99 -40.12 -1.88
C GLN C 132 9.08 -41.28 -2.30
N THR C 133 7.78 -41.11 -2.11
CA THR C 133 6.81 -42.12 -2.51
C THR C 133 6.80 -42.35 -4.01
N LYS C 134 7.30 -41.40 -4.79
CA LYS C 134 7.44 -41.59 -6.21
C LYS C 134 8.78 -42.20 -6.60
N ILE C 135 9.67 -42.44 -5.64
CA ILE C 135 10.87 -43.22 -5.93
C ILE C 135 10.50 -44.62 -6.34
N GLN C 136 11.14 -45.12 -7.39
CA GLN C 136 11.09 -46.53 -7.73
C GLN C 136 12.49 -47.14 -7.66
N TYR C 137 12.57 -48.38 -7.19
CA TYR C 137 13.72 -49.25 -7.41
C TYR C 137 13.39 -50.31 -8.45
N VAL C 138 14.30 -50.52 -9.40
CA VAL C 138 14.21 -51.61 -10.38
C VAL C 138 15.40 -52.53 -10.20
N ILE C 139 15.14 -53.78 -9.83
CA ILE C 139 16.21 -54.74 -9.57
C ILE C 139 16.16 -55.87 -10.60
N ARG C 140 17.32 -56.13 -11.22
CA ARG C 140 17.55 -57.31 -12.04
C ARG C 140 17.81 -58.53 -11.18
N ALA C 141 17.34 -59.69 -11.63
CA ALA C 141 17.81 -60.95 -11.07
C ALA C 141 17.98 -61.98 -12.19
N GLN C 142 18.94 -62.86 -12.00
CA GLN C 142 19.07 -64.03 -12.85
C GLN C 142 19.59 -65.19 -12.01
N LEU C 143 19.05 -66.37 -12.26
CA LEU C 143 19.51 -67.61 -11.65
C LEU C 143 20.56 -68.28 -12.54
N HIS C 144 21.57 -68.90 -11.92
CA HIS C 144 22.71 -69.50 -12.65
C HIS C 144 22.34 -70.80 -13.37
N VAL C 145 21.34 -70.70 -14.24
CA VAL C 145 20.83 -71.86 -14.96
C VAL C 145 21.81 -72.41 -15.99
N GLY C 146 22.87 -71.69 -16.29
CA GLY C 146 23.76 -72.12 -17.35
C GLY C 146 23.27 -71.83 -18.74
N ALA C 147 22.20 -71.06 -18.87
CA ALA C 147 21.65 -70.71 -20.17
C ALA C 147 22.69 -70.00 -21.04
N LYS C 148 22.58 -70.25 -22.35
CA LYS C 148 23.42 -69.59 -23.34
C LYS C 148 23.47 -68.07 -23.10
N GLN C 149 24.66 -67.51 -23.28
CA GLN C 149 24.86 -66.07 -23.05
C GLN C 149 23.87 -65.24 -23.83
N GLU C 150 23.59 -65.60 -25.07
CA GLU C 150 22.63 -64.84 -25.85
C GLU C 150 21.27 -64.85 -25.16
N ASN C 151 20.87 -65.99 -24.63
CA ASN C 151 19.55 -66.09 -24.01
C ASN C 151 19.43 -65.28 -22.73
N TRP C 152 20.54 -64.77 -22.18
CA TRP C 152 20.46 -64.01 -20.94
C TRP C 152 19.42 -62.90 -21.01
N ASN C 153 19.36 -62.20 -22.14
CA ASN C 153 18.43 -61.07 -22.27
C ASN C 153 16.97 -61.49 -22.26
N THR C 154 16.68 -62.74 -22.57
CA THR C 154 15.31 -63.24 -22.50
C THR C 154 15.05 -64.02 -21.23
N ASP C 155 16.11 -64.55 -20.62
CA ASP C 155 16.06 -65.16 -19.31
C ASP C 155 15.88 -64.15 -18.18
N ILE C 156 16.56 -63.01 -18.25
CA ILE C 156 16.68 -62.11 -17.11
C ILE C 156 15.34 -61.64 -16.54
N LYS C 157 15.24 -61.70 -15.20
CA LYS C 157 14.14 -61.16 -14.41
C LYS C 157 14.39 -59.69 -14.04
N THR C 158 13.32 -58.90 -13.94
CA THR C 158 13.35 -57.59 -13.28
C THR C 158 12.11 -57.36 -12.43
N LEU C 159 12.30 -56.81 -11.23
CA LEU C 159 11.22 -56.52 -10.30
C LEU C 159 11.20 -55.04 -9.90
N LYS C 160 10.01 -54.46 -9.81
CA LYS C 160 9.84 -53.12 -9.27
C LYS C 160 9.85 -53.17 -7.76
N PHE C 161 10.41 -52.14 -7.13
CA PHE C 161 10.40 -52.04 -5.67
C PHE C 161 10.21 -50.61 -5.20
N ASP C 162 9.35 -50.46 -4.19
CA ASP C 162 9.00 -49.16 -3.59
C ASP C 162 8.31 -49.42 -2.25
N ALA C 163 8.16 -48.35 -1.47
CA ALA C 163 7.69 -48.52 -0.09
C ALA C 163 6.28 -49.07 0.00
N LEU C 164 5.44 -48.89 -1.02
CA LEU C 164 4.10 -49.44 -1.02
C LEU C 164 4.03 -50.85 -1.56
N SER C 165 5.17 -51.41 -1.96
CA SER C 165 5.22 -52.78 -2.47
C SER C 165 6.54 -53.41 -2.06
N GLY C 166 6.82 -53.41 -0.77
CA GLY C 166 8.11 -53.82 -0.23
C GLY C 166 8.44 -55.29 -0.35
N SER C 167 7.55 -56.12 -0.89
CA SER C 167 7.80 -57.54 -1.09
C SER C 167 7.37 -57.97 -2.48
N GLN C 168 8.18 -58.82 -3.11
CA GLN C 168 7.83 -59.39 -4.40
C GLN C 168 8.51 -60.76 -4.49
N GLU C 169 8.05 -61.59 -5.44
CA GLU C 169 8.60 -62.92 -5.62
C GLU C 169 8.97 -63.23 -7.06
N ALA C 170 10.23 -63.65 -7.26
CA ALA C 170 10.69 -64.18 -8.54
C ALA C 170 10.30 -65.65 -8.70
N GLU C 171 10.04 -66.04 -9.94
CA GLU C 171 9.75 -67.43 -10.29
C GLU C 171 10.57 -67.87 -11.49
N PHE C 172 11.02 -69.12 -11.45
CA PHE C 172 11.94 -69.70 -12.41
C PHE C 172 11.41 -71.05 -12.87
N THR C 173 11.30 -71.24 -14.20
CA THR C 173 10.57 -72.37 -14.75
C THR C 173 11.26 -73.68 -14.35
N GLY C 174 10.56 -74.50 -13.56
CA GLY C 174 11.13 -75.68 -12.95
C GLY C 174 12.17 -75.42 -11.90
N TYR C 175 12.57 -74.17 -11.70
CA TYR C 175 13.62 -73.78 -10.78
C TYR C 175 13.07 -73.14 -9.52
N GLY C 176 11.75 -73.16 -9.33
CA GLY C 176 11.12 -72.69 -8.11
C GLY C 176 11.02 -71.17 -8.02
N ARG C 177 11.08 -70.66 -6.78
CA ARG C 177 10.79 -69.25 -6.52
C ARG C 177 11.73 -68.68 -5.46
N ALA C 178 11.77 -67.36 -5.39
CA ALA C 178 12.45 -66.65 -4.30
C ALA C 178 11.79 -65.29 -4.09
N THR C 179 11.41 -64.97 -2.86
CA THR C 179 10.94 -63.62 -2.57
C THR C 179 12.11 -62.65 -2.43
N LEU C 180 11.83 -61.38 -2.73
CA LEU C 180 12.74 -60.27 -2.45
C LEU C 180 12.05 -59.15 -1.71
N GLU C 181 12.81 -58.47 -0.83
CA GLU C 181 12.31 -57.57 0.22
C GLU C 181 13.21 -56.33 0.33
N CYS C 182 12.96 -55.34 -0.52
CA CYS C 182 13.74 -54.10 -0.54
C CYS C 182 13.53 -53.26 0.72
N GLN C 183 14.49 -52.39 1.00
CA GLN C 183 14.40 -51.43 2.10
C GLN C 183 14.47 -49.99 1.60
N VAL C 184 13.43 -49.21 1.89
CA VAL C 184 13.32 -47.81 1.47
C VAL C 184 13.77 -46.85 2.56
N GLN C 185 13.36 -47.12 3.80
CA GLN C 185 13.37 -46.12 4.88
C GLN C 185 14.73 -45.46 5.11
N THR C 186 15.85 -46.11 4.78
CA THR C 186 17.18 -45.54 5.01
C THR C 186 18.07 -45.51 3.78
N ALA C 187 17.54 -45.78 2.59
CA ALA C 187 18.36 -45.78 1.37
C ALA C 187 18.81 -44.36 0.99
N VAL C 188 17.87 -43.44 0.82
CA VAL C 188 18.16 -42.12 0.25
C VAL C 188 17.24 -41.08 0.86
N ASP C 189 17.72 -39.83 0.89
CA ASP C 189 17.10 -38.72 1.63
C ASP C 189 16.57 -37.62 0.71
N PHE C 190 16.28 -37.97 -0.55
CA PHE C 190 16.01 -36.98 -1.59
C PHE C 190 14.91 -35.99 -1.26
N SER C 191 14.07 -36.28 -0.27
CA SER C 191 13.13 -35.29 0.25
C SER C 191 13.73 -33.91 0.50
N ASN C 192 14.99 -33.83 0.88
CA ASN C 192 15.61 -32.52 1.08
C ASN C 192 16.14 -31.86 -0.21
N SER C 193 15.77 -32.32 -1.41
CA SER C 193 16.54 -31.97 -2.60
C SER C 193 15.66 -31.73 -3.82
N TYR C 194 16.23 -30.99 -4.78
CA TYR C 194 15.72 -30.87 -6.14
C TYR C 194 16.49 -31.74 -7.12
N ILE C 195 15.77 -32.29 -8.10
CA ILE C 195 16.38 -32.60 -9.39
C ILE C 195 16.64 -31.29 -10.13
N ALA C 196 17.80 -31.18 -10.76
CA ALA C 196 18.17 -30.01 -11.55
C ALA C 196 18.66 -30.42 -12.94
N GLU C 197 18.20 -29.70 -13.96
CA GLU C 197 18.49 -30.06 -15.34
C GLU C 197 18.81 -28.82 -16.17
N MET C 198 19.74 -28.97 -17.11
CA MET C 198 20.15 -27.88 -17.99
C MET C 198 19.98 -28.23 -19.46
N GLU C 199 20.82 -29.11 -20.00
CA GLU C 199 20.79 -29.47 -21.43
C GLU C 199 21.10 -30.96 -21.52
N LYS C 200 20.06 -31.77 -21.38
CA LYS C 200 20.19 -33.22 -21.45
C LYS C 200 21.16 -33.73 -20.39
N GLU C 201 21.33 -32.96 -19.32
CA GLU C 201 22.21 -33.33 -18.23
C GLU C 201 21.61 -32.81 -16.95
N SER C 202 21.79 -33.55 -15.86
CA SER C 202 21.05 -33.23 -14.66
C SER C 202 21.73 -33.82 -13.43
N TRP C 203 21.40 -33.25 -12.29
CA TRP C 203 22.00 -33.58 -11.01
C TRP C 203 20.90 -33.51 -9.96
N ILE C 204 21.14 -34.14 -8.82
CA ILE C 204 20.33 -33.94 -7.62
C ILE C 204 21.13 -33.13 -6.61
N VAL C 205 20.50 -32.12 -6.03
CA VAL C 205 21.16 -31.31 -5.00
C VAL C 205 20.12 -30.76 -4.04
N ASP C 206 20.55 -30.48 -2.81
CA ASP C 206 19.63 -30.11 -1.74
C ASP C 206 18.95 -28.77 -2.03
N LYS C 207 17.75 -28.63 -1.48
CA LYS C 207 16.99 -27.40 -1.68
C LYS C 207 17.74 -26.17 -1.19
N GLN C 208 18.40 -26.26 -0.03
CA GLN C 208 19.05 -25.08 0.54
C GLN C 208 20.14 -24.52 -0.38
N TRP C 209 20.88 -25.39 -1.05
CA TRP C 209 21.83 -24.90 -2.06
C TRP C 209 21.12 -24.09 -3.13
N ALA C 210 20.04 -24.61 -3.67
CA ALA C 210 19.29 -23.90 -4.70
C ALA C 210 18.73 -22.57 -4.19
N GLN C 211 18.24 -22.56 -2.96
CA GLN C 211 17.77 -21.32 -2.36
C GLN C 211 18.89 -20.29 -2.27
N ASP C 212 20.11 -20.74 -2.00
CA ASP C 212 21.23 -19.85 -1.82
C ASP C 212 21.84 -19.34 -3.13
N LEU C 213 21.41 -19.86 -4.27
CA LEU C 213 21.97 -19.39 -5.55
C LEU C 213 21.79 -17.89 -5.72
N THR C 214 22.88 -17.22 -6.11
CA THR C 214 22.83 -15.79 -6.39
C THR C 214 22.09 -15.46 -7.68
N LEU C 215 21.99 -16.42 -8.59
CA LEU C 215 21.33 -16.20 -9.87
C LEU C 215 19.87 -15.79 -9.70
N PRO C 216 19.32 -15.05 -10.66
CA PRO C 216 17.89 -14.75 -10.66
C PRO C 216 17.06 -15.97 -11.00
N TRP C 217 15.80 -15.94 -10.56
CA TRP C 217 14.95 -17.12 -10.64
C TRP C 217 13.49 -16.77 -10.93
N GLN C 218 12.77 -17.79 -11.39
CA GLN C 218 11.43 -17.69 -11.94
C GLN C 218 10.50 -18.72 -11.31
N SER C 219 9.25 -18.31 -11.13
CA SER C 219 8.18 -19.19 -10.68
C SER C 219 7.99 -20.36 -11.64
N GLY C 220 7.31 -21.39 -11.13
CA GLY C 220 6.99 -22.53 -11.96
C GLY C 220 6.05 -22.22 -13.11
N SER C 221 5.39 -21.07 -13.11
CA SER C 221 4.21 -20.91 -13.96
C SER C 221 4.04 -19.54 -14.57
N GLY C 222 4.81 -18.52 -14.19
CA GLY C 222 4.54 -17.16 -14.60
C GLY C 222 5.74 -16.41 -15.15
N GLY C 223 5.62 -15.09 -15.27
CA GLY C 223 6.60 -14.27 -15.96
C GLY C 223 7.46 -13.36 -15.10
N VAL C 224 7.14 -13.24 -13.81
CA VAL C 224 7.83 -12.28 -12.95
C VAL C 224 9.18 -12.81 -12.47
N TRP C 225 10.23 -12.55 -13.23
CA TRP C 225 11.59 -12.80 -12.75
C TRP C 225 11.90 -11.91 -11.57
N ARG C 226 12.70 -12.42 -10.63
CA ARG C 226 12.66 -11.88 -9.27
C ARG C 226 13.90 -11.18 -8.73
N GLU C 227 15.12 -11.44 -9.24
CA GLU C 227 16.29 -10.88 -8.54
C GLU C 227 17.38 -10.47 -9.52
N MET C 228 16.98 -9.83 -10.62
CA MET C 228 17.89 -9.58 -11.73
C MET C 228 19.12 -8.79 -11.32
N HIS C 229 19.02 -7.99 -10.27
CA HIS C 229 20.16 -7.21 -9.82
C HIS C 229 21.35 -8.05 -9.37
N HIS C 230 21.21 -9.36 -9.26
CA HIS C 230 22.41 -10.17 -9.09
C HIS C 230 23.14 -10.38 -10.40
N LEU C 231 22.41 -10.51 -11.50
CA LEU C 231 23.03 -10.79 -12.78
C LEU C 231 23.50 -9.52 -13.48
N VAL C 232 22.72 -8.47 -13.41
CA VAL C 232 23.04 -7.21 -14.07
C VAL C 232 23.88 -6.34 -13.14
N GLU C 233 24.75 -5.51 -13.72
CA GLU C 233 25.41 -4.45 -12.95
C GLU C 233 25.54 -3.17 -13.76
N PHE C 234 25.57 -2.04 -13.05
CA PHE C 234 25.53 -0.71 -13.63
C PHE C 234 26.85 0.02 -13.36
N GLU C 235 27.43 0.61 -14.39
CA GLU C 235 28.62 1.43 -14.20
C GLU C 235 28.31 2.64 -13.32
N PRO C 236 29.30 3.19 -12.63
CA PRO C 236 29.15 4.51 -12.02
C PRO C 236 28.80 5.57 -13.06
N PRO C 237 27.85 6.45 -12.78
CA PRO C 237 27.36 7.36 -13.82
C PRO C 237 28.44 8.30 -14.36
N HIS C 238 28.32 8.59 -15.65
CA HIS C 238 28.86 9.80 -16.23
C HIS C 238 27.79 10.90 -16.28
N ALA C 239 28.22 12.09 -16.64
CA ALA C 239 27.43 13.30 -16.40
C ALA C 239 25.99 13.21 -16.86
N ALA C 240 25.69 12.38 -17.85
CA ALA C 240 24.30 12.22 -18.24
C ALA C 240 23.99 10.81 -18.71
N THR C 241 24.84 9.83 -18.41
CA THR C 241 24.68 8.51 -19.00
C THR C 241 25.29 7.44 -18.12
N ILE C 242 24.75 6.24 -18.26
CA ILE C 242 25.28 5.03 -17.66
C ILE C 242 25.27 3.97 -18.73
N LYS C 243 26.30 3.14 -18.78
CA LYS C 243 26.23 1.89 -19.53
C LYS C 243 26.08 0.71 -18.58
N VAL C 244 25.22 -0.24 -18.98
CA VAL C 244 24.76 -1.33 -18.13
C VAL C 244 25.27 -2.65 -18.70
N LEU C 245 25.83 -3.48 -17.82
CA LEU C 245 26.54 -4.69 -18.19
C LEU C 245 25.72 -5.92 -17.86
N ALA C 246 25.51 -6.78 -18.85
CA ALA C 246 25.11 -8.16 -18.62
C ALA C 246 26.36 -9.01 -18.42
N LEU C 247 26.46 -9.67 -17.27
CA LEU C 247 27.43 -10.74 -17.13
C LEU C 247 27.13 -11.86 -18.12
N GLY C 248 28.18 -12.53 -18.57
CA GLY C 248 28.05 -13.65 -19.49
C GLY C 248 27.36 -14.86 -18.90
N ASN C 249 27.20 -15.88 -19.74
CA ASN C 249 26.59 -17.12 -19.28
C ASN C 249 27.35 -17.64 -18.09
N GLN C 250 26.71 -17.68 -16.94
CA GLN C 250 27.35 -18.23 -15.77
C GLN C 250 27.42 -19.75 -15.81
N GLU C 251 26.91 -20.35 -16.88
CA GLU C 251 26.76 -21.80 -16.95
C GLU C 251 28.00 -22.53 -16.50
N GLY C 252 29.17 -22.18 -17.03
CA GLY C 252 30.36 -22.88 -16.66
C GLY C 252 30.65 -22.80 -15.17
N SER C 253 30.45 -21.62 -14.60
CA SER C 253 30.68 -21.49 -13.16
C SER C 253 29.74 -22.41 -12.41
N LEU C 254 28.46 -22.34 -12.75
CA LEU C 254 27.45 -23.16 -12.09
C LEU C 254 27.78 -24.64 -12.21
N LYS C 255 28.05 -25.07 -13.43
CA LYS C 255 28.37 -26.46 -13.73
C LYS C 255 29.67 -26.90 -13.07
N THR C 256 30.59 -25.97 -12.83
CA THR C 256 31.76 -26.31 -12.05
C THR C 256 31.40 -26.60 -10.60
N ALA C 257 30.56 -25.78 -10.00
CA ALA C 257 30.16 -26.01 -8.61
C ALA C 257 29.41 -27.33 -8.44
N LEU C 258 28.57 -27.71 -9.40
CA LEU C 258 27.86 -28.99 -9.36
C LEU C 258 28.75 -30.20 -9.60
N THR C 259 30.05 -30.04 -9.83
CA THR C 259 30.88 -31.19 -10.18
C THR C 259 30.85 -32.28 -9.12
N GLY C 260 30.60 -31.93 -7.86
CA GLY C 260 30.44 -32.91 -6.80
C GLY C 260 29.05 -33.50 -6.64
N ALA C 261 28.05 -32.95 -7.32
CA ALA C 261 26.69 -33.47 -7.24
C ALA C 261 26.51 -34.76 -8.01
N MET C 262 25.58 -35.59 -7.52
CA MET C 262 25.30 -36.90 -8.10
C MET C 262 24.52 -36.76 -9.42
N ARG C 263 25.00 -37.43 -10.46
CA ARG C 263 24.47 -37.30 -11.81
C ARG C 263 23.13 -38.01 -12.02
N VAL C 264 22.35 -37.47 -12.96
CA VAL C 264 21.01 -37.94 -13.28
C VAL C 264 20.80 -37.85 -14.78
N THR C 265 19.96 -38.75 -15.32
CA THR C 265 19.67 -38.73 -16.76
C THR C 265 18.21 -38.98 -17.04
N LYS C 266 17.70 -38.33 -18.09
CA LYS C 266 16.39 -38.66 -18.65
C LYS C 266 16.45 -39.97 -19.43
N ASP C 267 15.34 -40.71 -19.36
CA ASP C 267 15.05 -41.76 -20.34
C ASP C 267 14.88 -41.17 -21.74
N THR C 268 15.26 -41.96 -22.74
CA THR C 268 14.95 -41.61 -24.13
C THR C 268 13.44 -41.64 -24.39
N ASN C 269 12.74 -42.59 -23.78
CA ASN C 269 11.36 -42.89 -24.17
C ASN C 269 10.35 -42.05 -23.40
N ASN C 270 10.25 -42.23 -22.10
CA ASN C 270 9.50 -41.31 -21.25
C ASN C 270 10.40 -40.13 -20.86
N SER C 271 10.21 -39.01 -21.54
CA SER C 271 10.97 -37.80 -21.24
C SER C 271 10.82 -37.37 -19.79
N LYS C 272 9.76 -37.79 -19.11
CA LYS C 272 9.56 -37.43 -17.71
C LYS C 272 10.13 -38.44 -16.73
N LEU C 273 10.53 -39.61 -17.19
CA LEU C 273 11.26 -40.53 -16.31
C LEU C 273 12.70 -40.07 -16.15
N TYR C 274 13.09 -39.74 -14.92
CA TYR C 274 14.47 -39.46 -14.58
C TYR C 274 15.10 -40.64 -13.86
N LYS C 275 16.25 -41.07 -14.37
CA LYS C 275 16.99 -42.22 -13.86
C LYS C 275 18.24 -41.73 -13.18
N LEU C 276 18.43 -42.12 -11.93
CA LEU C 276 19.43 -41.53 -11.05
C LEU C 276 20.60 -42.49 -10.85
N HIS C 277 21.80 -42.03 -11.13
CA HIS C 277 23.01 -42.79 -10.86
C HIS C 277 23.45 -42.65 -9.41
N GLY C 278 24.44 -43.43 -9.03
CA GLY C 278 24.97 -43.40 -7.67
C GLY C 278 24.05 -43.97 -6.61
N GLY C 279 22.94 -44.57 -7.01
CA GLY C 279 22.01 -45.15 -6.06
C GLY C 279 22.51 -46.42 -5.41
N HIS C 280 22.07 -46.66 -4.17
CA HIS C 280 22.33 -47.89 -3.45
C HIS C 280 21.15 -48.22 -2.54
N VAL C 281 20.95 -49.52 -2.28
CA VAL C 281 19.84 -49.99 -1.45
C VAL C 281 20.23 -51.26 -0.72
N ALA C 282 19.49 -51.57 0.35
CA ALA C 282 19.51 -52.88 0.98
C ALA C 282 18.28 -53.70 0.62
N CYS C 283 18.43 -55.03 0.62
CA CYS C 283 17.32 -55.93 0.29
C CYS C 283 17.51 -57.29 0.97
N ARG C 284 16.40 -58.03 1.12
CA ARG C 284 16.42 -59.42 1.58
C ARG C 284 15.75 -60.34 0.57
N VAL C 285 16.12 -61.62 0.59
CA VAL C 285 15.61 -62.63 -0.35
C VAL C 285 15.30 -63.96 0.34
N LYS C 286 14.12 -64.52 0.05
CA LYS C 286 13.84 -65.92 0.40
C LYS C 286 14.54 -66.87 -0.57
N LEU C 287 15.53 -67.60 -0.04
CA LEU C 287 16.29 -68.60 -0.80
C LEU C 287 15.57 -69.94 -0.93
N SER C 288 14.87 -70.35 0.12
CA SER C 288 14.41 -71.72 0.24
C SER C 288 13.59 -72.19 -0.94
N ALA C 289 12.75 -71.33 -1.51
CA ALA C 289 11.75 -71.71 -2.50
C ALA C 289 12.29 -72.08 -3.89
N LEU C 290 13.60 -71.99 -4.14
CA LEU C 290 14.18 -72.44 -5.39
C LEU C 290 14.17 -73.96 -5.55
N THR C 291 14.43 -74.41 -6.79
CA THR C 291 14.42 -75.83 -7.17
C THR C 291 15.65 -76.16 -8.00
N LEU C 292 16.30 -77.30 -7.73
CA LEU C 292 17.27 -77.90 -8.65
C LEU C 292 16.53 -78.69 -9.73
N LYS C 293 16.47 -78.12 -10.95
CA LYS C 293 15.57 -78.64 -11.98
C LYS C 293 15.88 -80.07 -12.41
N GLY C 294 17.15 -80.41 -12.60
CA GLY C 294 17.50 -81.65 -13.29
C GLY C 294 18.47 -82.60 -12.60
N THR C 295 18.60 -82.50 -11.28
CA THR C 295 19.56 -83.33 -10.54
C THR C 295 19.34 -84.83 -10.74
N SER C 296 18.11 -85.24 -11.05
CA SER C 296 17.80 -86.65 -11.33
C SER C 296 18.25 -87.14 -12.70
N TYR C 297 18.63 -86.26 -13.62
CA TYR C 297 18.90 -86.64 -15.00
C TYR C 297 20.11 -87.56 -15.16
N LYS C 298 20.18 -88.20 -16.33
CA LYS C 298 21.30 -89.09 -16.68
C LYS C 298 22.64 -88.34 -16.66
N ILE C 299 23.62 -88.90 -15.95
CA ILE C 299 24.99 -88.41 -16.03
C ILE C 299 25.59 -88.74 -17.39
N CYS C 300 26.29 -87.77 -17.99
CA CYS C 300 26.69 -87.87 -19.40
C CYS C 300 27.73 -88.96 -19.64
N THR C 301 28.89 -88.86 -18.97
CA THR C 301 30.02 -89.80 -19.15
C THR C 301 30.34 -90.07 -20.62
N ASP C 302 30.27 -89.02 -21.45
CA ASP C 302 30.22 -89.13 -22.91
C ASP C 302 31.10 -88.02 -23.50
N LYS C 303 31.37 -88.11 -24.81
CA LYS C 303 32.22 -87.14 -25.51
C LYS C 303 31.47 -85.87 -25.89
N MET C 304 31.26 -85.01 -24.89
CA MET C 304 30.91 -83.61 -25.13
C MET C 304 32.08 -82.88 -25.81
N PHE C 305 31.79 -81.70 -26.37
CA PHE C 305 32.83 -80.88 -27.00
C PHE C 305 32.66 -79.40 -26.69
N PHE C 306 33.80 -78.71 -26.51
CA PHE C 306 33.85 -77.32 -26.07
C PHE C 306 33.46 -76.34 -27.17
N VAL C 307 32.82 -75.25 -26.78
CA VAL C 307 32.37 -74.20 -27.69
C VAL C 307 33.06 -72.87 -27.36
N LYS C 308 33.43 -72.68 -26.10
CA LYS C 308 34.27 -71.55 -25.68
C LYS C 308 35.12 -72.04 -24.51
N ASN C 309 36.43 -72.06 -24.72
CA ASN C 309 37.32 -72.77 -23.81
C ASN C 309 37.40 -72.08 -22.43
N PRO C 310 37.76 -72.85 -21.39
CA PRO C 310 37.94 -72.28 -20.05
C PRO C 310 38.79 -71.03 -20.00
N THR C 311 38.25 -69.95 -19.45
CA THR C 311 38.85 -68.63 -19.48
C THR C 311 38.57 -67.91 -18.17
N ASP C 312 39.49 -67.03 -17.79
CA ASP C 312 39.43 -66.36 -16.49
C ASP C 312 38.30 -65.32 -16.43
N THR C 313 37.52 -65.38 -15.35
CA THR C 313 36.52 -64.37 -15.03
C THR C 313 37.19 -63.06 -14.61
N GLY C 314 36.39 -62.00 -14.52
CA GLY C 314 36.88 -60.77 -13.90
C GLY C 314 37.47 -60.98 -12.52
N HIS C 315 36.87 -61.88 -11.74
CA HIS C 315 37.45 -62.36 -10.49
C HIS C 315 37.33 -63.86 -10.35
N GLY C 316 38.42 -64.47 -9.86
CA GLY C 316 38.39 -65.78 -9.24
C GLY C 316 38.04 -66.96 -10.13
N THR C 317 36.78 -67.03 -10.55
CA THR C 317 36.28 -68.21 -11.22
C THR C 317 36.79 -68.33 -12.66
N VAL C 318 36.57 -69.51 -13.23
CA VAL C 318 36.77 -69.81 -14.64
C VAL C 318 35.42 -70.13 -15.26
N VAL C 319 35.27 -69.77 -16.53
CA VAL C 319 34.03 -70.04 -17.28
C VAL C 319 34.35 -70.65 -18.63
N MET C 320 33.41 -71.44 -19.14
CA MET C 320 33.57 -72.11 -20.43
C MET C 320 32.19 -72.43 -21.01
N GLN C 321 32.17 -72.73 -22.31
CA GLN C 321 30.99 -73.27 -22.99
C GLN C 321 31.29 -74.65 -23.59
N VAL C 322 30.26 -75.50 -23.57
CA VAL C 322 30.35 -76.87 -24.07
C VAL C 322 28.96 -77.27 -24.58
N LYS C 323 28.90 -78.24 -25.49
CA LYS C 323 27.62 -78.90 -25.78
C LYS C 323 27.78 -80.40 -26.00
N VAL C 324 26.63 -81.09 -25.91
CA VAL C 324 26.53 -82.53 -26.17
C VAL C 324 25.90 -82.73 -27.55
N SER C 325 26.59 -83.44 -28.43
CA SER C 325 26.12 -83.63 -29.80
C SER C 325 24.91 -84.58 -29.86
N LYS C 326 24.97 -85.68 -29.12
CA LYS C 326 23.84 -86.60 -29.00
C LYS C 326 23.68 -86.99 -27.54
N GLY C 327 22.45 -86.88 -27.06
CA GLY C 327 22.17 -86.95 -25.63
C GLY C 327 20.71 -86.73 -25.34
N ALA C 328 20.42 -86.00 -24.28
CA ALA C 328 19.10 -86.02 -23.68
C ALA C 328 18.98 -84.86 -22.71
N PRO C 329 17.85 -84.68 -22.03
CA PRO C 329 17.93 -84.02 -20.72
C PRO C 329 18.93 -84.77 -19.85
N CYS C 330 20.10 -84.17 -19.71
CA CYS C 330 21.31 -84.84 -19.28
C CYS C 330 22.04 -83.91 -18.31
N ARG C 331 23.05 -84.43 -17.63
CA ARG C 331 23.84 -83.60 -16.74
C ARG C 331 25.31 -84.00 -16.78
N ILE C 332 26.17 -83.02 -16.52
CA ILE C 332 27.61 -83.13 -16.72
C ILE C 332 28.33 -83.03 -15.38
N PRO C 333 29.19 -83.99 -15.04
CA PRO C 333 30.03 -83.86 -13.84
C PRO C 333 31.23 -82.93 -14.05
N VAL C 334 31.54 -82.15 -13.02
CA VAL C 334 32.62 -81.16 -13.07
C VAL C 334 33.45 -81.21 -11.79
N ILE C 335 34.78 -81.23 -11.93
CA ILE C 335 35.70 -81.37 -10.81
C ILE C 335 36.91 -80.47 -11.05
N VAL C 336 37.46 -79.92 -9.96
CA VAL C 336 38.72 -79.17 -9.99
C VAL C 336 39.60 -79.60 -8.81
N ALA C 337 40.86 -80.00 -9.12
CA ALA C 337 41.69 -80.77 -8.19
C ALA C 337 43.17 -80.46 -8.36
N ASP C 338 43.97 -80.83 -7.35
CA ASP C 338 45.43 -80.68 -7.43
C ASP C 338 46.02 -81.56 -8.53
N ASP C 339 45.55 -82.80 -8.66
CA ASP C 339 46.17 -83.80 -9.51
C ASP C 339 45.12 -84.38 -10.43
N LEU C 340 45.58 -84.88 -11.59
CA LEU C 340 44.68 -85.60 -12.47
C LEU C 340 44.17 -86.89 -11.84
N THR C 341 44.76 -87.31 -10.71
CA THR C 341 44.13 -88.33 -9.89
C THR C 341 42.79 -87.84 -9.34
N ALA C 342 42.62 -86.52 -9.24
CA ALA C 342 41.37 -85.90 -8.81
C ALA C 342 40.85 -86.45 -7.48
N ALA C 343 41.70 -86.43 -6.46
CA ALA C 343 41.34 -87.04 -5.17
C ALA C 343 40.23 -86.26 -4.46
N ILE C 344 40.28 -84.93 -4.51
CA ILE C 344 39.20 -84.07 -4.03
C ILE C 344 38.93 -83.00 -5.08
N ASN C 345 37.66 -82.68 -5.32
CA ASN C 345 37.30 -81.43 -6.00
C ASN C 345 37.60 -80.27 -5.06
N LYS C 346 38.86 -79.86 -5.08
CA LYS C 346 39.36 -78.86 -4.13
C LYS C 346 38.58 -77.55 -4.22
N GLY C 347 38.13 -77.20 -5.43
CA GLY C 347 37.33 -76.01 -5.65
C GLY C 347 35.83 -76.24 -5.72
N ILE C 348 35.10 -75.13 -5.89
CA ILE C 348 33.65 -75.09 -5.76
C ILE C 348 33.01 -74.92 -7.14
N LEU C 349 32.08 -75.81 -7.47
CA LEU C 349 31.22 -75.68 -8.64
C LEU C 349 30.13 -74.62 -8.39
N VAL C 350 30.13 -73.54 -9.18
CA VAL C 350 29.30 -72.38 -8.87
C VAL C 350 27.88 -72.54 -9.39
N THR C 351 27.70 -72.96 -10.63
CA THR C 351 26.38 -73.47 -11.06
C THR C 351 26.23 -74.89 -10.51
N VAL C 352 25.55 -75.00 -9.38
CA VAL C 352 25.66 -76.16 -8.50
C VAL C 352 25.32 -77.48 -9.19
N ASN C 353 24.52 -77.47 -10.26
CA ASN C 353 24.69 -78.53 -11.24
C ASN C 353 24.36 -78.11 -12.66
N PRO C 354 25.33 -78.13 -13.57
CA PRO C 354 25.05 -77.80 -14.97
C PRO C 354 24.38 -78.96 -15.70
N ILE C 355 23.06 -79.01 -15.67
CA ILE C 355 22.34 -79.98 -16.46
C ILE C 355 22.42 -79.61 -17.93
N ALA C 356 22.85 -80.57 -18.74
CA ALA C 356 22.80 -80.48 -20.19
C ALA C 356 21.36 -80.69 -20.64
N SER C 357 20.61 -79.59 -20.64
CA SER C 357 19.17 -79.69 -20.71
C SER C 357 18.65 -80.27 -22.02
N THR C 358 19.40 -80.22 -23.12
CA THR C 358 18.83 -80.67 -24.39
C THR C 358 19.92 -81.04 -25.38
N ASN C 359 19.52 -81.83 -26.37
CA ASN C 359 20.31 -82.04 -27.58
C ASN C 359 20.54 -80.78 -28.39
N ASP C 360 19.70 -79.76 -28.23
CA ASP C 360 19.77 -78.59 -29.11
C ASP C 360 21.01 -77.75 -28.88
N ASP C 361 21.43 -77.55 -27.63
CA ASP C 361 22.14 -76.34 -27.28
C ASP C 361 23.26 -76.56 -26.27
N GLU C 362 24.27 -75.70 -26.35
CA GLU C 362 25.37 -75.62 -25.40
C GLU C 362 24.91 -75.19 -24.01
N VAL C 363 25.80 -75.41 -23.04
CA VAL C 363 25.65 -74.97 -21.66
C VAL C 363 26.89 -74.20 -21.22
N LEU C 364 26.70 -73.18 -20.40
CA LEU C 364 27.80 -72.49 -19.74
C LEU C 364 28.08 -73.11 -18.38
N ILE C 365 29.36 -73.15 -18.01
CA ILE C 365 29.79 -73.69 -16.73
C ILE C 365 30.68 -72.66 -16.04
N GLU C 366 30.55 -72.54 -14.71
CA GLU C 366 31.42 -71.67 -13.92
C GLU C 366 31.95 -72.39 -12.69
N VAL C 367 33.25 -72.23 -12.43
CA VAL C 367 33.94 -72.92 -11.34
C VAL C 367 34.88 -71.97 -10.62
N ASN C 368 34.90 -72.05 -9.29
CA ASN C 368 35.95 -71.43 -8.49
C ASN C 368 37.13 -72.40 -8.36
N PRO C 369 38.26 -72.15 -9.02
CA PRO C 369 39.45 -73.00 -8.83
C PRO C 369 40.13 -72.74 -7.50
N PRO C 370 40.93 -73.70 -7.02
CA PRO C 370 41.79 -73.44 -5.85
C PRO C 370 42.96 -72.53 -6.22
N PHE C 371 43.69 -72.12 -5.18
CA PHE C 371 44.98 -71.47 -5.38
C PHE C 371 46.00 -72.44 -6.00
N GLY C 372 47.02 -71.86 -6.65
CA GLY C 372 48.07 -72.62 -7.30
C GLY C 372 47.60 -73.38 -8.54
N ASP C 373 48.52 -74.20 -9.06
CA ASP C 373 48.19 -75.07 -10.18
C ASP C 373 47.05 -76.03 -9.83
N SER C 374 46.22 -76.32 -10.83
CA SER C 374 45.13 -77.27 -10.69
C SER C 374 44.74 -77.74 -12.07
N TYR C 375 44.02 -78.86 -12.15
CA TYR C 375 43.42 -79.32 -13.39
C TYR C 375 41.90 -79.16 -13.38
N ILE C 376 41.39 -78.57 -14.46
CA ILE C 376 39.97 -78.61 -14.80
C ILE C 376 39.61 -80.01 -15.26
N ILE C 377 38.49 -80.53 -14.77
CA ILE C 377 38.01 -81.83 -15.21
C ILE C 377 36.53 -81.72 -15.53
N VAL C 378 36.14 -82.24 -16.70
CA VAL C 378 34.73 -82.37 -17.08
C VAL C 378 34.51 -83.74 -17.72
N GLY C 379 33.36 -84.36 -17.42
CA GLY C 379 33.05 -85.69 -17.88
C GLY C 379 33.68 -86.81 -17.04
N ARG C 380 33.37 -88.04 -17.45
CA ARG C 380 33.78 -89.24 -16.72
C ARG C 380 34.15 -90.36 -17.69
N GLY C 381 34.84 -91.36 -17.15
CA GLY C 381 35.50 -92.40 -17.92
C GLY C 381 36.73 -91.86 -18.65
N ASP C 382 37.29 -92.72 -19.51
CA ASP C 382 38.35 -92.28 -20.40
C ASP C 382 37.88 -91.20 -21.36
N SER C 383 36.57 -91.04 -21.52
CA SER C 383 35.95 -89.96 -22.28
C SER C 383 36.04 -88.58 -21.60
N ARG C 384 36.58 -88.48 -20.38
CA ARG C 384 36.68 -87.18 -19.73
C ARG C 384 37.57 -86.20 -20.50
N LEU C 385 37.28 -84.91 -20.33
CA LEU C 385 37.98 -83.79 -20.96
C LEU C 385 38.57 -82.88 -19.88
N THR C 386 39.76 -82.34 -20.14
CA THR C 386 40.55 -81.68 -19.09
C THR C 386 41.43 -80.57 -19.66
N TYR C 387 41.80 -79.61 -18.79
CA TYR C 387 42.92 -78.70 -19.07
C TYR C 387 43.56 -78.19 -17.79
N GLN C 388 44.81 -77.76 -17.92
CA GLN C 388 45.54 -77.09 -16.85
C GLN C 388 44.85 -75.82 -16.37
N TRP C 389 45.10 -75.44 -15.11
CA TRP C 389 44.65 -74.18 -14.54
C TRP C 389 45.60 -73.75 -13.43
N HIS C 390 45.52 -72.46 -13.08
CA HIS C 390 46.29 -71.93 -11.94
C HIS C 390 45.49 -70.89 -11.17
N LYS C 391 45.55 -70.97 -9.84
CA LYS C 391 45.00 -69.98 -8.91
C LYS C 391 43.74 -69.30 -9.46
N GLU D 1 -32.19 53.37 29.16
CA GLU D 1 -31.77 54.40 28.16
C GLU D 1 -30.41 54.04 27.56
N VAL D 2 -30.36 53.86 26.24
CA VAL D 2 -29.14 53.46 25.55
C VAL D 2 -28.89 54.38 24.35
N LYS D 3 -29.31 55.63 24.46
CA LYS D 3 -29.20 56.57 23.35
C LYS D 3 -27.76 56.75 22.90
N LEU D 4 -27.54 56.60 21.60
CA LEU D 4 -26.23 56.66 20.97
C LEU D 4 -26.32 57.58 19.76
N VAL D 5 -25.40 58.54 19.62
CA VAL D 5 -25.59 59.70 18.74
C VAL D 5 -24.34 60.05 17.93
N GLU D 6 -24.32 59.62 16.67
CA GLU D 6 -23.25 59.91 15.71
C GLU D 6 -23.17 61.38 15.34
N SER D 7 -21.98 61.78 14.87
CA SER D 7 -21.72 63.15 14.43
C SER D 7 -20.57 63.17 13.42
N GLY D 8 -20.55 64.23 12.59
CA GLY D 8 -19.45 64.50 11.68
C GLY D 8 -19.60 64.00 10.25
N GLY D 9 -20.61 63.18 9.96
CA GLY D 9 -20.83 62.77 8.58
C GLY D 9 -21.19 63.92 7.65
N GLY D 10 -20.66 63.86 6.43
CA GLY D 10 -20.92 64.90 5.45
C GLY D 10 -20.19 64.66 4.14
N LEU D 11 -20.16 65.70 3.30
CA LEU D 11 -19.41 65.68 2.04
C LEU D 11 -17.91 65.75 2.25
N VAL D 12 -17.16 65.07 1.38
CA VAL D 12 -15.71 65.19 1.35
C VAL D 12 -15.15 65.02 -0.06
N LYS D 13 -13.96 65.58 -0.27
CA LYS D 13 -13.22 65.42 -1.53
C LYS D 13 -12.72 63.98 -1.69
N PRO D 14 -12.80 63.42 -2.90
CA PRO D 14 -12.13 62.13 -3.14
C PRO D 14 -10.64 62.21 -2.87
N GLY D 15 -10.11 61.14 -2.29
CA GLY D 15 -8.76 61.13 -1.75
C GLY D 15 -8.58 61.91 -0.48
N GLY D 16 -9.62 62.59 0.00
CA GLY D 16 -9.55 63.36 1.23
C GLY D 16 -9.53 62.49 2.47
N SER D 17 -9.78 63.14 3.61
CA SER D 17 -9.77 62.51 4.91
C SER D 17 -10.85 63.12 5.79
N LEU D 18 -11.29 62.36 6.79
CA LEU D 18 -12.30 62.83 7.73
C LEU D 18 -12.15 62.09 9.05
N LYS D 19 -12.60 62.74 10.12
CA LYS D 19 -12.76 62.10 11.43
C LYS D 19 -14.22 62.17 11.88
N LEU D 20 -14.87 61.02 11.91
CA LEU D 20 -16.20 60.84 12.46
C LEU D 20 -16.15 60.67 13.97
N SER D 21 -17.29 60.89 14.62
CA SER D 21 -17.37 60.68 16.06
C SER D 21 -18.78 60.24 16.44
N CYS D 22 -18.91 59.68 17.64
CA CYS D 22 -20.22 59.45 18.22
C CYS D 22 -20.15 59.59 19.74
N ALA D 23 -21.25 60.05 20.33
CA ALA D 23 -21.42 60.12 21.78
C ALA D 23 -22.37 59.03 22.27
N ALA D 24 -21.94 58.30 23.29
CA ALA D 24 -22.80 57.36 24.00
C ALA D 24 -23.41 57.99 25.26
N SER D 25 -24.33 57.26 25.89
CA SER D 25 -24.93 57.68 27.13
C SER D 25 -25.52 56.47 27.85
N GLY D 26 -25.80 56.65 29.14
CA GLY D 26 -26.69 55.78 29.86
C GLY D 26 -26.14 54.44 30.30
N PHE D 27 -24.91 54.09 29.93
CA PHE D 27 -24.31 52.86 30.44
C PHE D 27 -22.82 53.04 30.64
N THR D 28 -22.22 52.14 31.42
CA THR D 28 -20.78 52.21 31.73
C THR D 28 -19.97 51.84 30.49
N PHE D 29 -19.89 52.82 29.61
CA PHE D 29 -19.36 52.75 28.27
C PHE D 29 -18.06 51.96 28.14
N THR D 30 -17.16 52.11 29.10
CA THR D 30 -15.91 51.37 29.05
C THR D 30 -16.13 49.88 28.89
N ASN D 31 -17.13 49.32 29.57
CA ASN D 31 -17.27 47.87 29.56
C ASN D 31 -17.58 47.31 28.19
N TYR D 32 -18.33 48.02 27.38
CA TYR D 32 -18.78 47.46 26.10
C TYR D 32 -17.71 47.57 25.03
N ALA D 33 -17.71 46.60 24.12
CA ALA D 33 -17.10 46.75 22.83
C ALA D 33 -18.05 47.51 21.89
N MET D 34 -17.51 48.01 20.79
CA MET D 34 -18.31 48.76 19.83
C MET D 34 -17.88 48.48 18.39
N SER D 35 -18.75 48.87 17.46
CA SER D 35 -18.52 48.66 16.03
C SER D 35 -19.09 49.82 15.21
N TRP D 36 -18.46 50.08 14.06
CA TRP D 36 -18.98 50.98 13.03
C TRP D 36 -19.48 50.18 11.83
N VAL D 37 -20.60 50.63 11.25
CA VAL D 37 -21.25 49.94 10.14
C VAL D 37 -21.83 50.97 9.18
N ARG D 38 -21.80 50.65 7.89
CA ARG D 38 -22.24 51.54 6.83
C ARG D 38 -23.36 50.90 6.00
N GLN D 39 -24.51 51.56 5.96
CA GLN D 39 -25.65 51.19 5.11
C GLN D 39 -25.45 51.79 3.72
N THR D 40 -25.19 50.92 2.74
CA THR D 40 -24.95 51.34 1.36
C THR D 40 -26.22 51.93 0.76
N PRO D 41 -26.10 52.89 -0.18
CA PRO D 41 -27.32 53.53 -0.68
C PRO D 41 -28.23 52.56 -1.41
N GLU D 42 -27.67 51.64 -2.20
CA GLU D 42 -28.34 50.38 -2.42
C GLU D 42 -28.20 49.57 -1.14
N LYS D 43 -29.32 49.11 -0.61
CA LYS D 43 -29.43 48.85 0.83
C LYS D 43 -28.66 47.61 1.30
N ARG D 44 -27.35 47.60 1.05
CA ARG D 44 -26.43 46.61 1.61
C ARG D 44 -25.80 47.16 2.89
N LEU D 45 -26.09 46.54 4.03
CA LEU D 45 -25.34 46.78 5.26
C LEU D 45 -23.94 46.22 5.14
N GLU D 46 -22.94 46.98 5.61
CA GLU D 46 -21.56 46.49 5.61
C GLU D 46 -20.81 46.91 6.87
N TRP D 47 -20.08 45.94 7.45
CA TRP D 47 -19.25 46.20 8.62
C TRP D 47 -18.05 47.06 8.28
N VAL D 48 -17.85 48.12 9.06
CA VAL D 48 -16.71 49.01 8.84
C VAL D 48 -15.56 48.68 9.77
N ALA D 49 -15.84 48.59 11.07
CA ALA D 49 -14.76 48.42 12.04
C ALA D 49 -15.36 48.05 13.38
N SER D 50 -14.52 47.50 14.25
CA SER D 50 -14.93 47.26 15.62
C SER D 50 -13.74 47.45 16.56
N ILE D 51 -14.06 47.67 17.83
CA ILE D 51 -13.07 47.99 18.84
C ILE D 51 -13.39 47.25 20.13
N SER D 52 -12.38 46.61 20.72
CA SER D 52 -12.61 45.85 21.94
C SER D 52 -12.74 46.76 23.15
N SER D 53 -13.31 46.18 24.21
CA SER D 53 -13.25 46.84 25.51
C SER D 53 -11.84 46.93 26.01
N GLY D 54 -10.92 46.18 25.42
CA GLY D 54 -9.50 46.37 25.64
C GLY D 54 -8.83 47.28 24.63
N HIS D 55 -9.60 48.07 23.90
CA HIS D 55 -9.05 48.98 22.90
C HIS D 55 -8.39 48.23 21.76
N THR D 56 -8.62 46.95 21.62
CA THR D 56 -8.08 46.21 20.49
C THR D 56 -8.94 46.45 19.26
N PRO D 57 -8.41 47.04 18.20
CA PRO D 57 -9.21 47.32 17.01
C PRO D 57 -9.36 46.11 16.11
N TYR D 58 -10.37 46.17 15.24
CA TYR D 58 -10.55 45.21 14.16
C TYR D 58 -11.10 45.90 12.93
N TYR D 59 -10.63 45.49 11.75
CA TYR D 59 -11.06 46.07 10.50
C TYR D 59 -11.17 45.01 9.43
N PRO D 60 -12.10 45.17 8.49
CA PRO D 60 -12.03 44.39 7.25
C PRO D 60 -10.86 44.84 6.40
N ASP D 61 -10.35 43.90 5.62
CA ASP D 61 -9.24 44.18 4.72
C ASP D 61 -9.52 45.37 3.80
N SER D 62 -10.78 45.62 3.48
CA SER D 62 -11.17 46.72 2.62
C SER D 62 -10.84 48.11 3.13
N VAL D 63 -10.51 48.29 4.41
CA VAL D 63 -10.15 49.61 4.92
C VAL D 63 -8.87 49.58 5.75
N LYS D 64 -8.15 48.46 5.70
CA LYS D 64 -6.86 48.35 6.36
C LYS D 64 -6.02 49.60 6.10
N GLY D 65 -5.48 50.15 7.17
CA GLY D 65 -4.72 51.39 7.11
C GLY D 65 -5.56 52.63 6.93
N ARG D 66 -6.41 52.65 5.91
CA ARG D 66 -7.13 53.89 5.59
C ARG D 66 -8.04 54.34 6.73
N PHE D 67 -8.59 53.42 7.51
CA PHE D 67 -9.50 53.76 8.59
C PHE D 67 -8.92 53.32 9.92
N THR D 68 -9.25 54.05 10.99
CA THR D 68 -8.96 53.55 12.34
C THR D 68 -9.96 54.06 13.36
N ILE D 69 -10.29 53.20 14.32
CA ILE D 69 -11.04 53.60 15.52
C ILE D 69 -10.11 54.13 16.60
N SER D 70 -10.64 55.04 17.42
CA SER D 70 -10.15 55.20 18.79
C SER D 70 -11.31 55.62 19.67
N ARG D 71 -11.14 55.45 20.99
CA ARG D 71 -12.19 55.74 21.94
C ARG D 71 -11.66 56.52 23.13
N ASP D 72 -12.52 57.39 23.68
CA ASP D 72 -12.23 58.21 24.87
C ASP D 72 -13.26 57.94 25.95
N ASN D 73 -12.99 56.94 26.76
CA ASN D 73 -13.89 56.53 27.84
C ASN D 73 -13.86 57.46 29.04
N ALA D 74 -12.99 58.48 29.06
CA ALA D 74 -13.15 59.53 30.05
C ALA D 74 -14.36 60.41 29.74
N ARG D 75 -14.88 60.33 28.52
CA ARG D 75 -15.98 61.19 28.10
C ARG D 75 -17.03 60.40 27.33
N ASN D 76 -16.93 59.06 27.31
CA ASN D 76 -17.89 58.19 26.64
C ASN D 76 -18.05 58.51 25.16
N ILE D 77 -16.97 58.88 24.49
CA ILE D 77 -17.03 59.29 23.10
C ILE D 77 -16.21 58.34 22.25
N LEU D 78 -16.75 57.99 21.09
CA LEU D 78 -16.08 57.19 20.09
C LEU D 78 -15.57 58.07 18.96
N PHE D 79 -14.40 57.71 18.43
CA PHE D 79 -13.87 58.35 17.23
C PHE D 79 -13.57 57.31 16.16
N LEU D 80 -13.75 57.73 14.91
CA LEU D 80 -13.32 56.98 13.73
C LEU D 80 -12.69 57.94 12.74
N GLN D 81 -11.37 57.95 12.68
CA GLN D 81 -10.60 58.76 11.74
C GLN D 81 -10.28 57.95 10.51
N MET D 82 -10.29 58.59 9.34
CA MET D 82 -10.07 57.88 8.10
C MET D 82 -9.54 58.80 7.01
N SER D 83 -8.81 58.21 6.06
CA SER D 83 -8.05 58.94 5.06
C SER D 83 -8.08 58.19 3.73
N SER D 84 -7.70 58.91 2.67
CA SER D 84 -7.80 58.39 1.30
C SER D 84 -9.22 57.91 1.00
N LEU D 85 -10.18 58.74 1.39
CA LEU D 85 -11.59 58.43 1.26
C LEU D 85 -11.99 58.35 -0.21
N ARG D 86 -12.84 57.37 -0.55
CA ARG D 86 -13.18 57.11 -1.95
C ARG D 86 -14.66 56.85 -2.09
N SER D 87 -15.21 57.30 -3.22
CA SER D 87 -16.64 57.24 -3.49
C SER D 87 -17.15 55.81 -3.68
N GLU D 88 -16.28 54.80 -3.62
CA GLU D 88 -16.74 53.46 -3.29
C GLU D 88 -17.63 53.48 -2.05
N ASP D 89 -17.43 54.45 -1.17
CA ASP D 89 -18.31 54.70 -0.04
C ASP D 89 -18.96 56.07 -0.12
N THR D 90 -20.29 56.09 -0.08
CA THR D 90 -21.07 57.28 0.25
C THR D 90 -22.25 56.88 1.12
N ALA D 91 -22.03 55.91 2.00
CA ALA D 91 -23.09 55.29 2.79
C ALA D 91 -23.61 56.21 3.88
N MET D 92 -24.77 55.84 4.42
CA MET D 92 -25.11 56.20 5.79
C MET D 92 -24.23 55.40 6.73
N TYR D 93 -23.61 56.08 7.71
CA TYR D 93 -22.85 55.42 8.75
C TYR D 93 -23.62 55.33 10.07
N TYR D 94 -23.44 54.19 10.76
CA TYR D 94 -23.95 53.99 12.10
C TYR D 94 -22.87 53.34 12.96
N CYS D 95 -23.05 53.42 14.29
CA CYS D 95 -22.23 52.68 15.25
C CYS D 95 -23.09 52.00 16.31
N ALA D 96 -22.52 51.00 16.97
CA ALA D 96 -23.26 50.15 17.91
C ALA D 96 -22.33 49.59 18.99
N ARG D 97 -22.91 49.28 20.15
CA ARG D 97 -22.21 48.54 21.20
C ARG D 97 -22.49 47.04 21.14
N GLY D 98 -21.61 46.27 21.74
CA GLY D 98 -21.71 44.80 21.83
C GLY D 98 -22.27 44.27 23.13
N ASP D 99 -21.66 43.19 23.60
CA ASP D 99 -21.97 42.55 24.88
C ASP D 99 -21.50 43.37 26.07
N TYR D 100 -22.20 43.20 27.19
CA TYR D 100 -21.66 43.72 28.43
C TYR D 100 -20.45 42.94 28.90
N TYR D 101 -20.30 41.68 28.47
CA TYR D 101 -19.04 41.00 28.65
C TYR D 101 -17.90 41.70 27.92
N GLY D 102 -18.22 42.54 26.95
CA GLY D 102 -17.22 43.39 26.33
C GLY D 102 -16.23 42.65 25.47
N SER D 103 -16.64 42.26 24.27
CA SER D 103 -15.77 41.52 23.37
C SER D 103 -16.16 41.84 21.93
N VAL D 104 -15.21 41.71 21.02
CA VAL D 104 -15.51 41.97 19.62
C VAL D 104 -16.54 40.97 19.12
N TYR D 105 -16.40 39.71 19.51
CA TYR D 105 -17.29 38.65 19.06
C TYR D 105 -18.61 38.72 19.81
N SER D 106 -19.44 39.68 19.40
CA SER D 106 -20.81 39.80 19.86
C SER D 106 -21.70 40.21 18.70
N ALA D 107 -22.96 39.84 18.78
CA ALA D 107 -23.96 40.54 17.98
C ALA D 107 -24.00 42.02 18.36
N MET D 108 -24.59 42.82 17.47
CA MET D 108 -24.86 44.21 17.80
C MET D 108 -26.03 44.32 18.76
N ASP D 109 -25.86 45.17 19.78
CA ASP D 109 -26.91 45.38 20.78
C ASP D 109 -27.91 46.44 20.37
N TYR D 110 -27.43 47.67 20.16
CA TYR D 110 -28.29 48.79 19.82
C TYR D 110 -27.49 49.75 18.93
N TRP D 111 -28.18 50.45 18.04
CA TRP D 111 -27.52 51.27 17.04
C TRP D 111 -27.90 52.74 17.21
N GLY D 112 -26.93 53.61 16.93
CA GLY D 112 -27.17 55.05 16.90
C GLY D 112 -27.97 55.49 15.68
N GLN D 113 -28.40 56.75 15.70
CA GLN D 113 -29.24 57.27 14.64
C GLN D 113 -28.49 57.46 13.32
N GLY D 114 -27.16 57.46 13.34
CA GLY D 114 -26.34 57.49 12.15
C GLY D 114 -26.12 58.87 11.56
N THR D 115 -25.08 58.95 10.71
CA THR D 115 -24.78 60.09 9.85
C THR D 115 -24.14 59.56 8.58
N SER D 116 -24.37 60.23 7.45
CA SER D 116 -23.99 59.70 6.15
C SER D 116 -22.80 60.44 5.50
N LEU D 117 -21.93 59.65 4.87
CA LEU D 117 -20.84 60.10 4.01
C LEU D 117 -21.32 60.41 2.59
N THR D 118 -20.69 61.42 1.95
CA THR D 118 -20.69 61.48 0.49
C THR D 118 -19.37 62.06 -0.02
N VAL D 119 -19.02 61.69 -1.26
CA VAL D 119 -17.70 61.94 -1.83
C VAL D 119 -17.85 62.58 -3.21
N SER D 120 -17.22 63.74 -3.41
CA SER D 120 -17.30 64.44 -4.71
C SER D 120 -16.17 65.45 -4.89
N GLU E 1 -12.92 34.61 4.05
CA GLU E 1 -14.16 35.05 3.35
C GLU E 1 -15.37 34.29 3.90
N ILE E 2 -16.48 35.00 4.09
CA ILE E 2 -17.76 34.38 4.45
C ILE E 2 -18.86 35.00 3.60
N ARG E 3 -19.87 34.20 3.27
CA ARG E 3 -21.00 34.65 2.46
C ARG E 3 -22.31 34.17 3.08
N MET E 4 -23.34 35.00 2.96
CA MET E 4 -24.69 34.68 3.40
C MET E 4 -25.67 34.87 2.25
N THR E 5 -26.71 34.04 2.23
CA THR E 5 -27.76 34.12 1.21
C THR E 5 -29.11 33.86 1.88
N GLN E 6 -29.82 34.94 2.19
CA GLN E 6 -31.21 34.78 2.63
C GLN E 6 -32.10 34.41 1.44
N SER E 7 -33.06 33.52 1.68
CA SER E 7 -33.74 32.85 0.57
C SER E 7 -34.73 33.74 -0.19
N PRO E 8 -35.75 34.33 0.47
CA PRO E 8 -36.63 35.29 -0.23
C PRO E 8 -35.99 36.64 -0.51
N SER E 9 -36.74 37.53 -1.17
CA SER E 9 -36.32 38.92 -1.29
C SER E 9 -37.48 39.92 -1.28
N SER E 10 -38.71 39.48 -1.62
CA SER E 10 -39.77 40.42 -1.95
C SER E 10 -41.18 39.95 -1.57
N MET E 11 -41.32 39.05 -0.59
CA MET E 11 -42.60 38.52 -0.16
C MET E 11 -43.60 39.61 0.28
N TYR E 12 -44.88 39.27 0.20
CA TYR E 12 -46.00 40.05 0.72
C TYR E 12 -46.89 39.16 1.57
N ALA E 13 -47.46 39.72 2.64
CA ALA E 13 -48.31 38.96 3.55
C ALA E 13 -49.32 39.89 4.22
N SER E 14 -50.46 39.32 4.61
CA SER E 14 -51.53 40.10 5.20
C SER E 14 -51.18 40.52 6.63
N LEU E 15 -51.85 41.58 7.09
CA LEU E 15 -51.77 42.01 8.48
C LEU E 15 -52.17 40.88 9.43
N GLY E 16 -51.19 40.42 10.21
CA GLY E 16 -51.37 39.30 11.12
C GLY E 16 -51.13 37.93 10.52
N GLU E 17 -50.69 37.85 9.28
CA GLU E 17 -50.31 36.59 8.66
C GLU E 17 -49.06 36.00 9.33
N ARG E 18 -48.89 34.68 9.20
CA ARG E 18 -47.71 33.96 9.69
C ARG E 18 -46.72 33.72 8.55
N VAL E 19 -45.44 34.07 8.76
CA VAL E 19 -44.41 33.97 7.72
C VAL E 19 -43.09 33.48 8.29
N THR E 20 -42.40 32.63 7.51
CA THR E 20 -41.02 32.20 7.77
C THR E 20 -40.08 32.77 6.72
N VAL E 21 -38.91 33.26 7.17
CA VAL E 21 -37.81 33.64 6.29
C VAL E 21 -36.51 33.06 6.80
N THR E 22 -35.58 32.76 5.89
CA THR E 22 -34.49 31.84 6.20
C THR E 22 -33.24 32.17 5.39
N CYS E 23 -32.08 31.81 5.96
CA CYS E 23 -30.78 32.03 5.33
C CYS E 23 -29.82 30.86 5.55
N LYS E 24 -29.06 30.54 4.51
CA LYS E 24 -27.92 29.62 4.58
C LYS E 24 -26.62 30.40 4.49
N ALA E 25 -25.65 30.02 5.31
CA ALA E 25 -24.31 30.59 5.26
C ALA E 25 -23.33 29.68 4.51
N SER E 26 -22.20 30.27 4.12
CA SER E 26 -21.20 29.59 3.32
C SER E 26 -20.45 28.51 4.08
N GLN E 27 -20.55 28.46 5.40
CA GLN E 27 -19.94 27.39 6.18
C GLN E 27 -20.62 27.35 7.54
N ASP E 28 -20.03 26.63 8.49
CA ASP E 28 -20.49 26.70 9.87
C ASP E 28 -20.47 28.11 10.44
N ILE E 29 -21.50 28.44 11.21
CA ILE E 29 -21.57 29.67 11.97
C ILE E 29 -21.89 29.41 13.43
N ASN E 30 -22.15 28.17 13.81
CA ASN E 30 -22.38 27.76 15.18
C ASN E 30 -23.36 28.67 15.91
N SER E 31 -24.41 29.09 15.20
CA SER E 31 -25.47 29.96 15.69
C SER E 31 -25.02 31.33 16.19
N TYR E 32 -23.79 31.76 15.93
CA TYR E 32 -23.45 33.16 16.13
C TYR E 32 -24.01 34.01 14.98
N LEU E 33 -25.33 33.94 14.84
CA LEU E 33 -26.09 34.71 13.89
C LEU E 33 -27.03 35.64 14.62
N SER E 34 -27.32 36.76 13.99
CA SER E 34 -28.28 37.71 14.50
C SER E 34 -29.24 38.09 13.39
N TRP E 35 -30.40 38.57 13.81
CA TRP E 35 -31.43 39.02 12.89
C TRP E 35 -31.81 40.45 13.22
N LEU E 36 -31.94 41.26 12.16
CA LEU E 36 -32.02 42.70 12.25
C LEU E 36 -33.10 43.20 11.32
N GLN E 37 -33.72 44.31 11.71
CA GLN E 37 -34.73 44.97 10.88
C GLN E 37 -34.29 46.39 10.61
N GLN E 38 -34.48 46.85 9.37
CA GLN E 38 -34.54 48.28 9.09
C GLN E 38 -35.98 48.67 8.76
N LYS E 39 -36.59 49.43 9.65
CA LYS E 39 -37.79 50.17 9.30
C LYS E 39 -37.38 51.34 8.40
N PRO E 40 -38.09 51.58 7.30
CA PRO E 40 -37.53 52.40 6.23
C PRO E 40 -37.29 53.84 6.66
N GLY E 41 -36.15 54.37 6.21
CA GLY E 41 -35.75 55.74 6.49
C GLY E 41 -35.25 56.01 7.88
N LYS E 42 -35.15 55.00 8.75
CA LYS E 42 -34.67 55.22 10.10
C LYS E 42 -33.74 54.09 10.53
N SER E 43 -32.99 54.36 11.59
CA SER E 43 -31.87 53.52 11.99
C SER E 43 -32.31 52.10 12.36
N PRO E 44 -31.55 51.08 11.96
CA PRO E 44 -31.91 49.68 12.20
C PRO E 44 -32.20 49.26 13.64
N LYS E 45 -32.71 48.03 13.77
CA LYS E 45 -33.12 47.45 15.05
C LYS E 45 -32.68 46.00 15.11
N THR E 46 -32.55 45.51 16.34
CA THR E 46 -32.01 44.18 16.65
C THR E 46 -33.12 43.26 17.14
N LEU E 47 -33.20 42.04 16.57
CA LEU E 47 -34.33 41.16 16.76
C LEU E 47 -33.96 39.92 17.56
N ILE E 48 -33.01 39.15 17.06
CA ILE E 48 -32.57 37.89 17.65
C ILE E 48 -31.06 37.89 17.52
N TYR E 49 -30.35 37.56 18.59
CA TYR E 49 -28.91 37.62 18.55
C TYR E 49 -28.23 36.26 18.62
N ARG E 50 -28.98 35.22 18.95
CA ARG E 50 -28.68 33.88 18.50
C ARG E 50 -30.03 33.21 18.31
N ALA E 51 -30.07 32.21 17.44
CA ALA E 51 -31.31 31.47 17.30
C ALA E 51 -31.78 30.95 18.65
N ASN E 52 -33.09 30.92 18.84
CA ASN E 52 -33.69 30.67 20.15
C ASN E 52 -33.35 31.74 21.19
N ARG E 53 -33.06 32.97 20.78
CA ARG E 53 -32.88 34.05 21.75
C ARG E 53 -33.56 35.35 21.32
N LEU E 54 -34.74 35.59 21.89
CA LEU E 54 -35.42 36.89 21.86
C LEU E 54 -34.54 37.98 22.46
N PHE E 55 -34.29 39.04 21.69
CA PHE E 55 -33.68 40.23 22.27
C PHE E 55 -34.68 40.98 23.14
N ASP E 56 -34.15 41.80 24.05
CA ASP E 56 -34.99 42.57 24.96
C ASP E 56 -35.96 43.49 24.23
N GLY E 57 -37.20 43.54 24.73
CA GLY E 57 -38.26 44.34 24.14
C GLY E 57 -38.82 43.84 22.84
N VAL E 58 -38.20 42.84 22.22
CA VAL E 58 -38.77 42.21 21.03
C VAL E 58 -39.97 41.36 21.42
N PRO E 59 -41.12 41.51 20.77
CA PRO E 59 -42.31 40.77 21.18
C PRO E 59 -42.22 39.29 20.82
N SER E 60 -42.88 38.47 21.64
CA SER E 60 -42.84 37.01 21.50
C SER E 60 -43.37 36.48 20.17
N ARG E 61 -44.09 37.27 19.39
CA ARG E 61 -44.48 36.85 18.04
C ARG E 61 -43.32 36.68 17.06
N PHE E 62 -42.16 37.28 17.31
CA PHE E 62 -40.95 36.93 16.57
C PHE E 62 -40.29 35.67 17.13
N SER E 63 -39.66 34.91 16.24
CA SER E 63 -38.93 33.70 16.63
C SER E 63 -37.97 33.30 15.52
N GLY E 64 -37.06 32.38 15.84
CA GLY E 64 -36.18 31.82 14.82
C GLY E 64 -35.40 30.62 15.29
N SER E 65 -34.98 29.80 14.33
CA SER E 65 -34.36 28.50 14.56
C SER E 65 -33.18 28.32 13.62
N GLY E 66 -32.31 27.37 13.96
CA GLY E 66 -30.99 27.31 13.35
C GLY E 66 -30.39 25.93 13.30
N SER E 67 -29.17 25.87 12.77
CA SER E 67 -28.43 24.62 12.60
C SER E 67 -26.93 24.88 12.67
N GLY E 68 -26.13 24.09 11.97
CA GLY E 68 -24.76 24.50 11.70
C GLY E 68 -24.67 25.61 10.67
N GLN E 69 -25.51 25.55 9.66
CA GLN E 69 -25.23 26.27 8.41
C GLN E 69 -26.45 26.92 7.79
N ASP E 70 -27.66 26.56 8.21
CA ASP E 70 -28.91 27.08 7.67
C ASP E 70 -29.86 27.45 8.81
N TYR E 71 -30.54 28.58 8.66
CA TYR E 71 -31.19 29.23 9.80
C TYR E 71 -32.42 29.99 9.30
N SER E 72 -33.37 30.25 10.21
CA SER E 72 -34.59 30.95 9.81
C SER E 72 -35.19 31.78 10.95
N LEU E 73 -35.88 32.84 10.55
CA LEU E 73 -36.94 33.48 11.33
C LEU E 73 -38.29 32.86 11.03
N THR E 74 -39.17 32.83 12.04
CA THR E 74 -40.61 32.70 11.81
C THR E 74 -41.38 33.74 12.61
N ILE E 75 -42.36 34.39 11.96
CA ILE E 75 -43.23 35.38 12.58
C ILE E 75 -44.64 34.82 12.67
N SER E 76 -45.13 34.67 13.91
CA SER E 76 -46.42 34.02 14.09
C SER E 76 -47.59 34.93 13.69
N SER E 77 -47.40 36.26 13.75
CA SER E 77 -48.46 37.19 13.35
C SER E 77 -47.81 38.51 12.95
N LEU E 78 -47.87 38.83 11.65
CA LEU E 78 -47.26 40.04 11.09
C LEU E 78 -48.10 41.28 11.42
N GLU E 79 -48.04 41.67 12.69
CA GLU E 79 -48.59 42.95 13.13
C GLU E 79 -47.90 44.10 12.38
N TYR E 80 -48.61 45.24 12.35
CA TYR E 80 -48.34 46.33 11.40
C TYR E 80 -46.93 46.90 11.43
N GLU E 81 -46.12 46.63 12.44
CA GLU E 81 -44.71 47.01 12.39
C GLU E 81 -43.88 46.06 11.52
N ASP E 82 -44.49 45.01 10.98
CA ASP E 82 -43.84 44.11 10.05
C ASP E 82 -43.16 44.82 8.88
N MET E 83 -43.79 45.87 8.36
CA MET E 83 -43.32 46.53 7.14
C MET E 83 -41.91 47.11 7.29
N GLY E 84 -40.97 46.59 6.50
CA GLY E 84 -39.58 46.98 6.55
C GLY E 84 -38.69 45.96 5.87
N ILE E 85 -37.38 46.11 6.10
CA ILE E 85 -36.36 45.26 5.48
C ILE E 85 -35.67 44.44 6.56
N PHE E 86 -35.63 43.11 6.38
CA PHE E 86 -35.04 42.18 7.35
C PHE E 86 -33.70 41.63 6.88
N TYR E 87 -32.70 41.67 7.76
CA TYR E 87 -31.34 41.24 7.47
C TYR E 87 -30.87 40.21 8.48
N CYS E 88 -30.22 39.17 7.99
CA CYS E 88 -29.34 38.34 8.82
C CYS E 88 -27.94 38.94 8.91
N LEU E 89 -27.25 38.64 10.00
CA LEU E 89 -25.85 39.04 10.16
C LEU E 89 -25.09 37.97 10.94
N GLN E 90 -24.08 37.37 10.31
CA GLN E 90 -23.18 36.47 11.01
C GLN E 90 -22.10 37.25 11.73
N TYR E 91 -21.66 36.72 12.86
CA TYR E 91 -20.54 37.31 13.59
C TYR E 91 -19.60 36.29 14.22
N ASP E 92 -19.61 35.04 13.77
CA ASP E 92 -18.59 34.13 14.26
C ASP E 92 -17.22 34.48 13.72
N GLU E 93 -17.14 34.94 12.48
CA GLU E 93 -15.87 35.11 11.80
C GLU E 93 -15.65 36.57 11.45
N PHE E 94 -14.46 37.07 11.80
CA PHE E 94 -14.28 38.51 11.98
C PHE E 94 -14.60 39.38 10.78
N PRO E 95 -14.41 38.99 9.52
CA PRO E 95 -15.06 39.74 8.45
C PRO E 95 -16.57 39.56 8.48
N PHE E 96 -17.18 40.27 9.41
CA PHE E 96 -18.62 40.25 9.58
C PHE E 96 -19.32 40.63 8.28
N THR E 97 -20.47 40.00 8.03
CA THR E 97 -21.11 40.12 6.72
C THR E 97 -22.61 39.94 6.85
N PHE E 98 -23.35 40.48 5.87
CA PHE E 98 -24.79 40.65 5.93
C PHE E 98 -25.51 39.91 4.80
N GLY E 99 -26.72 39.46 5.08
CA GLY E 99 -27.65 39.07 4.03
C GLY E 99 -28.06 40.21 3.12
N SER E 100 -28.76 39.84 2.05
CA SER E 100 -29.23 40.83 1.09
C SER E 100 -30.20 41.85 1.67
N GLY E 101 -30.87 41.55 2.79
CA GLY E 101 -32.14 42.17 3.09
C GLY E 101 -33.30 41.50 2.37
N THR E 102 -34.52 41.85 2.81
CA THR E 102 -35.76 41.37 2.20
C THR E 102 -36.91 42.30 2.60
N LYS E 103 -37.71 42.75 1.63
CA LYS E 103 -38.80 43.68 1.90
C LYS E 103 -40.15 42.99 2.18
N LEU E 104 -41.10 43.79 2.66
CA LEU E 104 -42.48 43.38 2.95
C LEU E 104 -43.43 44.58 2.82
N GLU E 105 -44.66 44.36 2.32
CA GLU E 105 -45.54 45.49 1.96
C GLU E 105 -47.01 45.05 1.87
N LEU E 106 -47.89 46.07 1.87
CA LEU E 106 -49.33 45.93 1.62
C LEU E 106 -49.82 46.95 0.59
N LYS E 107 -50.69 46.50 -0.33
CA LYS E 107 -51.08 47.30 -1.51
C LYS E 107 -52.32 46.70 -2.18
N GLU F 1 -4.79 -25.46 -27.21
CA GLU F 1 -6.27 -25.68 -27.10
C GLU F 1 -6.64 -26.17 -25.70
N VAL F 2 -7.70 -25.61 -25.13
CA VAL F 2 -8.24 -26.05 -23.85
C VAL F 2 -9.74 -26.30 -23.97
N LYS F 3 -10.23 -27.26 -23.19
CA LYS F 3 -11.67 -27.50 -23.09
C LYS F 3 -12.07 -27.95 -21.69
N LEU F 4 -13.20 -27.41 -21.24
CA LEU F 4 -13.92 -27.85 -20.05
C LEU F 4 -15.29 -28.38 -20.47
N VAL F 5 -15.77 -29.44 -19.83
CA VAL F 5 -17.17 -29.84 -20.01
C VAL F 5 -17.74 -30.48 -18.76
N GLU F 6 -18.99 -30.13 -18.46
CA GLU F 6 -19.74 -30.48 -17.25
C GLU F 6 -20.31 -31.90 -17.29
N SER F 7 -20.64 -32.41 -16.10
CA SER F 7 -21.33 -33.69 -15.97
C SER F 7 -22.06 -33.74 -14.63
N GLY F 8 -23.09 -34.60 -14.56
CA GLY F 8 -23.88 -34.82 -13.37
C GLY F 8 -25.15 -33.99 -13.21
N GLY F 9 -25.52 -33.20 -14.21
CA GLY F 9 -26.73 -32.41 -14.16
C GLY F 9 -28.01 -33.21 -14.34
N GLY F 10 -29.14 -32.50 -14.24
CA GLY F 10 -30.45 -33.09 -14.47
C GLY F 10 -31.53 -32.73 -13.46
N LEU F 11 -32.14 -33.72 -12.82
CA LEU F 11 -33.24 -33.52 -11.88
C LEU F 11 -32.98 -34.31 -10.60
N VAL F 12 -33.35 -33.73 -9.46
CA VAL F 12 -33.47 -34.47 -8.20
C VAL F 12 -34.67 -33.92 -7.43
N LYS F 13 -35.18 -34.73 -6.51
CA LYS F 13 -36.25 -34.28 -5.64
C LYS F 13 -35.77 -33.15 -4.72
N PRO F 14 -36.62 -32.17 -4.43
CA PRO F 14 -36.22 -31.08 -3.52
C PRO F 14 -35.71 -31.59 -2.18
N GLY F 15 -34.74 -30.88 -1.62
CA GLY F 15 -34.00 -31.32 -0.47
C GLY F 15 -32.94 -32.35 -0.76
N GLY F 16 -32.90 -32.89 -1.96
CA GLY F 16 -31.98 -33.94 -2.34
C GLY F 16 -30.55 -33.47 -2.57
N SER F 17 -29.76 -34.37 -3.17
CA SER F 17 -28.31 -34.24 -3.22
C SER F 17 -27.76 -34.75 -4.54
N LEU F 18 -26.59 -34.23 -4.92
CA LEU F 18 -25.88 -34.62 -6.14
C LEU F 18 -24.40 -34.44 -5.94
N LYS F 19 -23.61 -34.98 -6.87
CA LYS F 19 -22.20 -34.59 -7.04
C LYS F 19 -21.92 -34.32 -8.50
N LEU F 20 -22.00 -33.06 -8.89
CA LEU F 20 -21.61 -32.59 -10.21
C LEU F 20 -20.11 -32.71 -10.39
N SER F 21 -19.67 -32.67 -11.65
CA SER F 21 -18.24 -32.75 -11.94
C SER F 21 -17.96 -32.09 -13.27
N CYS F 22 -16.67 -31.84 -13.51
CA CYS F 22 -16.15 -31.41 -14.81
C CYS F 22 -14.87 -32.14 -15.15
N ALA F 23 -14.73 -32.51 -16.42
CA ALA F 23 -13.46 -32.89 -17.00
C ALA F 23 -12.87 -31.72 -17.78
N ALA F 24 -11.59 -31.46 -17.57
CA ALA F 24 -10.91 -30.32 -18.14
C ALA F 24 -9.59 -30.73 -18.77
N SER F 25 -9.09 -29.91 -19.70
CA SER F 25 -8.04 -30.36 -20.58
C SER F 25 -7.27 -29.18 -21.17
N GLY F 26 -6.05 -29.48 -21.63
CA GLY F 26 -5.19 -28.53 -22.30
C GLY F 26 -4.33 -27.65 -21.42
N PHE F 27 -4.41 -27.75 -20.10
CA PHE F 27 -3.53 -26.96 -19.24
C PHE F 27 -3.05 -27.77 -18.05
N THR F 28 -1.90 -27.37 -17.53
CA THR F 28 -1.31 -28.01 -16.36
C THR F 28 -2.20 -27.73 -15.15
N PHE F 29 -3.12 -28.64 -14.91
CA PHE F 29 -4.32 -28.36 -14.15
C PHE F 29 -4.03 -27.94 -12.72
N THR F 30 -2.96 -28.45 -12.12
CA THR F 30 -2.52 -27.97 -10.81
C THR F 30 -2.38 -26.45 -10.77
N ASN F 31 -1.85 -25.86 -11.83
CA ASN F 31 -1.50 -24.44 -11.77
C ASN F 31 -2.71 -23.51 -11.74
N TYR F 32 -3.85 -23.91 -12.28
CA TYR F 32 -5.01 -23.02 -12.33
C TYR F 32 -5.89 -23.13 -11.08
N ALA F 33 -6.56 -22.03 -10.77
CA ALA F 33 -7.75 -22.02 -9.93
C ALA F 33 -9.01 -22.15 -10.78
N MET F 34 -10.09 -22.60 -10.15
CA MET F 34 -11.32 -22.91 -10.88
C MET F 34 -12.55 -22.58 -10.05
N SER F 35 -13.70 -22.47 -10.72
CA SER F 35 -14.89 -21.87 -10.12
C SER F 35 -16.16 -22.32 -10.84
N TRP F 36 -17.31 -22.05 -10.21
CA TRP F 36 -18.62 -22.38 -10.74
C TRP F 36 -19.57 -21.16 -10.73
N VAL F 37 -20.43 -21.08 -11.75
CA VAL F 37 -21.40 -20.00 -11.88
C VAL F 37 -22.74 -20.54 -12.39
N ARG F 38 -23.83 -19.94 -11.89
CA ARG F 38 -25.18 -20.26 -12.35
C ARG F 38 -25.65 -19.26 -13.39
N GLN F 39 -26.41 -19.76 -14.37
CA GLN F 39 -27.37 -18.94 -15.13
C GLN F 39 -28.76 -19.36 -14.67
N THR F 40 -29.45 -18.45 -14.00
CA THR F 40 -30.74 -18.74 -13.40
C THR F 40 -31.86 -18.83 -14.43
N PRO F 41 -33.00 -19.39 -14.05
CA PRO F 41 -34.19 -19.31 -14.92
C PRO F 41 -34.59 -17.87 -15.20
N GLU F 42 -34.26 -16.96 -14.28
CA GLU F 42 -34.41 -15.53 -14.51
C GLU F 42 -33.42 -15.01 -15.54
N LYS F 43 -32.55 -15.88 -16.03
CA LYS F 43 -31.45 -15.53 -16.95
C LYS F 43 -30.51 -14.50 -16.34
N ARG F 44 -30.44 -14.49 -15.02
CA ARG F 44 -29.49 -13.69 -14.26
C ARG F 44 -28.34 -14.59 -13.82
N LEU F 45 -27.11 -14.15 -14.05
CA LEU F 45 -25.93 -14.92 -13.65
C LEU F 45 -25.66 -14.83 -12.16
N GLU F 46 -24.93 -15.82 -11.64
CA GLU F 46 -24.57 -15.85 -10.23
C GLU F 46 -23.28 -16.65 -10.00
N TRP F 47 -22.45 -16.19 -9.06
CA TRP F 47 -21.28 -16.96 -8.63
C TRP F 47 -21.64 -18.04 -7.63
N VAL F 48 -21.10 -19.23 -7.82
CA VAL F 48 -21.35 -20.32 -6.91
C VAL F 48 -20.18 -20.53 -5.95
N ALA F 49 -19.00 -20.80 -6.49
CA ALA F 49 -17.90 -21.25 -5.63
C ALA F 49 -16.59 -21.15 -6.39
N SER F 50 -15.49 -21.24 -5.64
CA SER F 50 -14.19 -21.38 -6.28
C SER F 50 -13.20 -22.08 -5.36
N ILE F 51 -12.15 -22.61 -5.97
CA ILE F 51 -11.04 -23.24 -5.26
C ILE F 51 -9.72 -22.73 -5.80
N SER F 52 -8.77 -22.46 -4.90
CA SER F 52 -7.46 -22.00 -5.31
C SER F 52 -6.65 -23.10 -5.98
N SER F 53 -5.65 -22.66 -6.74
CA SER F 53 -4.60 -23.58 -7.15
C SER F 53 -3.89 -24.14 -5.94
N GLY F 54 -3.82 -23.37 -4.87
CA GLY F 54 -3.37 -23.89 -3.60
C GLY F 54 -4.38 -24.79 -2.92
N HIS F 55 -5.40 -25.20 -3.64
CA HIS F 55 -6.37 -26.15 -3.11
C HIS F 55 -7.02 -25.63 -1.83
N THR F 56 -7.67 -24.48 -1.96
CA THR F 56 -8.39 -23.85 -0.87
C THR F 56 -9.76 -23.35 -1.34
N PRO F 57 -10.83 -23.62 -0.60
CA PRO F 57 -12.18 -23.34 -1.09
C PRO F 57 -12.74 -21.98 -0.69
N TYR F 58 -13.69 -21.50 -1.49
CA TYR F 58 -14.40 -20.24 -1.26
C TYR F 58 -15.88 -20.36 -1.61
N TYR F 59 -16.74 -19.74 -0.80
CA TYR F 59 -18.18 -19.75 -1.06
C TYR F 59 -18.84 -18.44 -0.67
N PRO F 60 -19.89 -18.05 -1.36
CA PRO F 60 -20.75 -16.97 -0.89
C PRO F 60 -21.73 -17.44 0.17
N ASP F 61 -22.23 -16.48 0.95
CA ASP F 61 -23.14 -16.76 2.06
C ASP F 61 -24.45 -17.40 1.61
N SER F 62 -24.76 -17.36 0.32
CA SER F 62 -25.94 -18.06 -0.19
C SER F 62 -25.86 -19.57 -0.02
N VAL F 63 -24.68 -20.15 0.09
CA VAL F 63 -24.57 -21.61 0.05
C VAL F 63 -23.51 -22.14 1.00
N LYS F 64 -23.07 -21.32 1.94
CA LYS F 64 -21.95 -21.63 2.82
C LYS F 64 -21.93 -23.05 3.36
N GLY F 65 -23.08 -23.61 3.72
CA GLY F 65 -23.11 -24.97 4.22
C GLY F 65 -23.68 -26.01 3.27
N ARG F 66 -24.06 -25.59 2.07
CA ARG F 66 -24.90 -26.40 1.20
C ARG F 66 -24.10 -27.15 0.15
N PHE F 67 -23.37 -26.43 -0.69
CA PHE F 67 -22.45 -27.04 -1.65
C PHE F 67 -21.11 -27.40 -0.99
N THR F 68 -20.33 -28.22 -1.68
CA THR F 68 -18.88 -28.24 -1.51
C THR F 68 -18.19 -28.37 -2.86
N ILE F 69 -17.26 -27.45 -3.14
CA ILE F 69 -16.38 -27.57 -4.30
C ILE F 69 -15.15 -28.41 -3.93
N SER F 70 -14.64 -29.17 -4.90
CA SER F 70 -13.37 -29.87 -4.74
C SER F 70 -12.86 -30.33 -6.09
N ARG F 71 -11.58 -30.72 -6.12
CA ARG F 71 -10.99 -31.27 -7.34
C ARG F 71 -9.88 -32.26 -7.00
N ASP F 72 -9.65 -33.21 -7.92
CA ASP F 72 -8.44 -34.04 -7.94
C ASP F 72 -7.56 -33.58 -9.09
N ASN F 73 -6.42 -32.99 -8.76
CA ASN F 73 -5.55 -32.42 -9.77
C ASN F 73 -4.72 -33.46 -10.50
N ALA F 74 -4.34 -34.54 -9.82
CA ALA F 74 -3.56 -35.58 -10.49
C ALA F 74 -4.38 -36.23 -11.60
N ARG F 75 -5.64 -36.50 -11.34
CA ARG F 75 -6.57 -36.96 -12.37
C ARG F 75 -7.24 -35.80 -13.09
N ASN F 76 -6.97 -34.58 -12.66
CA ASN F 76 -7.58 -33.37 -13.23
C ASN F 76 -9.09 -33.53 -13.42
N ILE F 77 -9.73 -34.06 -12.38
CA ILE F 77 -11.17 -34.17 -12.30
C ILE F 77 -11.63 -33.13 -11.29
N LEU F 78 -12.64 -32.36 -11.65
CA LEU F 78 -13.20 -31.38 -10.73
C LEU F 78 -14.59 -31.81 -10.29
N PHE F 79 -14.92 -31.50 -9.04
CA PHE F 79 -16.15 -31.99 -8.43
C PHE F 79 -16.91 -30.87 -7.72
N LEU F 80 -18.22 -31.06 -7.62
CA LEU F 80 -19.11 -30.14 -6.88
C LEU F 80 -20.22 -30.96 -6.23
N GLN F 81 -20.01 -31.31 -4.97
CA GLN F 81 -21.03 -32.00 -4.17
C GLN F 81 -22.14 -31.01 -3.80
N MET F 82 -23.39 -31.49 -3.76
CA MET F 82 -24.50 -30.64 -3.35
C MET F 82 -25.58 -31.40 -2.58
N SER F 83 -26.27 -30.68 -1.70
CA SER F 83 -27.34 -31.24 -0.86
C SER F 83 -28.37 -30.15 -0.53
N SER F 84 -29.51 -30.58 -0.01
CA SER F 84 -30.61 -29.68 0.37
C SER F 84 -31.19 -28.89 -0.80
N LEU F 85 -31.04 -29.38 -2.02
CA LEU F 85 -31.36 -28.61 -3.22
C LEU F 85 -32.79 -28.09 -3.24
N ARG F 86 -32.94 -26.77 -3.21
CA ARG F 86 -34.24 -26.11 -3.15
C ARG F 86 -34.66 -25.64 -4.54
N SER F 87 -35.94 -25.27 -4.65
CA SER F 87 -36.50 -24.82 -5.93
C SER F 87 -35.60 -23.78 -6.59
N GLU F 88 -35.20 -22.77 -5.84
CA GLU F 88 -34.35 -21.71 -6.35
C GLU F 88 -33.01 -22.21 -6.87
N ASP F 89 -32.60 -23.42 -6.51
CA ASP F 89 -31.37 -23.98 -7.05
C ASP F 89 -31.51 -24.51 -8.46
N THR F 90 -32.72 -24.65 -8.98
CA THR F 90 -32.93 -25.02 -10.38
C THR F 90 -32.37 -23.97 -11.33
N ALA F 91 -31.34 -24.30 -12.09
CA ALA F 91 -30.65 -23.35 -12.94
C ALA F 91 -29.74 -24.11 -13.89
N MET F 92 -29.20 -23.39 -14.88
CA MET F 92 -28.02 -23.85 -15.60
C MET F 92 -26.76 -23.59 -14.78
N TYR F 93 -25.85 -24.57 -14.77
CA TYR F 93 -24.57 -24.46 -14.08
C TYR F 93 -23.41 -24.60 -15.07
N TYR F 94 -22.46 -23.68 -14.99
CA TYR F 94 -21.23 -23.71 -15.75
C TYR F 94 -20.03 -23.67 -14.81
N CYS F 95 -18.95 -24.34 -15.19
CA CYS F 95 -17.66 -24.24 -14.51
C CYS F 95 -16.64 -23.47 -15.36
N ALA F 96 -15.60 -22.93 -14.71
CA ALA F 96 -14.64 -22.06 -15.39
C ALA F 96 -13.31 -22.06 -14.65
N ARG F 97 -12.28 -21.51 -15.32
CA ARG F 97 -10.93 -21.39 -14.77
C ARG F 97 -10.47 -19.93 -14.67
N GLY F 98 -9.56 -19.69 -13.72
CA GLY F 98 -8.91 -18.41 -13.52
C GLY F 98 -7.65 -18.16 -14.33
N ASP F 99 -6.48 -18.16 -13.68
CA ASP F 99 -5.23 -17.87 -14.35
C ASP F 99 -4.09 -18.72 -13.82
N TYR F 100 -2.94 -18.59 -14.50
CA TYR F 100 -1.78 -19.44 -14.25
C TYR F 100 -1.11 -19.20 -12.90
N TYR F 101 -1.32 -18.07 -12.25
CA TYR F 101 -0.92 -18.00 -10.86
C TYR F 101 -2.00 -18.51 -9.95
N GLY F 102 -3.25 -18.42 -10.39
CA GLY F 102 -4.30 -19.23 -9.81
C GLY F 102 -4.61 -18.89 -8.37
N SER F 103 -4.65 -17.61 -8.03
CA SER F 103 -5.48 -17.18 -6.93
C SER F 103 -6.94 -17.09 -7.39
N VAL F 104 -7.87 -17.27 -6.46
CA VAL F 104 -9.27 -17.10 -6.81
C VAL F 104 -9.56 -15.68 -7.25
N TYR F 105 -8.81 -14.72 -6.73
CA TYR F 105 -8.91 -13.37 -7.23
C TYR F 105 -8.36 -13.29 -8.63
N SER F 106 -9.23 -13.47 -9.61
CA SER F 106 -8.79 -13.64 -11.00
C SER F 106 -9.95 -13.34 -11.94
N ALA F 107 -9.66 -12.65 -13.03
CA ALA F 107 -10.62 -12.55 -14.11
C ALA F 107 -10.78 -13.93 -14.74
N MET F 108 -11.96 -14.53 -14.58
CA MET F 108 -12.21 -15.85 -15.13
C MET F 108 -12.15 -15.89 -16.66
N ASP F 109 -11.70 -17.04 -17.18
CA ASP F 109 -11.10 -17.16 -18.51
C ASP F 109 -11.96 -17.88 -19.52
N TYR F 110 -12.14 -19.19 -19.36
CA TYR F 110 -12.94 -20.02 -20.24
C TYR F 110 -14.02 -20.75 -19.45
N TRP F 111 -15.16 -20.96 -20.10
CA TRP F 111 -16.30 -21.61 -19.47
C TRP F 111 -16.67 -22.88 -20.23
N GLY F 112 -17.17 -23.87 -19.49
CA GLY F 112 -17.64 -25.11 -20.10
C GLY F 112 -18.94 -24.92 -20.85
N GLN F 113 -19.36 -25.99 -21.53
CA GLN F 113 -20.61 -25.95 -22.28
C GLN F 113 -21.83 -25.84 -21.37
N GLY F 114 -21.69 -26.20 -20.09
CA GLY F 114 -22.73 -26.14 -19.08
C GLY F 114 -23.50 -27.45 -18.94
N THR F 115 -24.11 -27.62 -17.76
CA THR F 115 -25.16 -28.60 -17.58
C THR F 115 -26.24 -28.05 -16.65
N SER F 116 -27.49 -28.40 -16.92
CA SER F 116 -28.63 -27.92 -16.14
C SER F 116 -28.84 -28.73 -14.87
N LEU F 117 -29.49 -28.11 -13.89
CA LEU F 117 -29.98 -28.77 -12.68
C LEU F 117 -31.39 -28.30 -12.35
N THR F 118 -32.22 -29.23 -11.85
CA THR F 118 -33.62 -28.94 -11.56
C THR F 118 -34.07 -29.73 -10.34
N VAL F 119 -35.11 -29.22 -9.66
CA VAL F 119 -35.84 -29.98 -8.65
C VAL F 119 -37.34 -29.77 -8.82
N SER F 120 -38.11 -30.78 -8.43
CA SER F 120 -39.57 -30.79 -8.62
C SER F 120 -40.29 -31.59 -7.53
N GLU G 1 -20.99 -5.91 1.35
CA GLU G 1 -21.39 -6.82 0.25
C GLU G 1 -21.65 -6.01 -1.02
N ILE G 2 -20.83 -6.24 -2.05
CA ILE G 2 -20.99 -5.52 -3.30
C ILE G 2 -22.32 -5.85 -3.97
N ARG G 3 -22.84 -4.89 -4.71
CA ARG G 3 -23.78 -5.12 -5.79
C ARG G 3 -23.37 -4.28 -6.99
N MET G 4 -23.95 -4.60 -8.15
CA MET G 4 -23.68 -3.88 -9.38
C MET G 4 -24.97 -3.63 -10.14
N THR G 5 -24.95 -2.61 -11.00
CA THR G 5 -26.14 -2.23 -11.75
C THR G 5 -25.74 -1.64 -13.10
N GLN G 6 -26.56 -1.91 -14.12
CA GLN G 6 -26.41 -1.32 -15.44
C GLN G 6 -27.49 -0.25 -15.63
N SER G 7 -27.08 0.94 -16.02
CA SER G 7 -28.05 1.97 -16.39
C SER G 7 -28.81 1.62 -17.67
N PRO G 8 -28.16 1.03 -18.67
CA PRO G 8 -28.91 0.44 -19.79
C PRO G 8 -29.70 -0.79 -19.38
N SER G 9 -30.49 -1.28 -20.33
CA SER G 9 -31.21 -2.54 -20.18
C SER G 9 -31.52 -3.09 -21.56
N SER G 10 -31.92 -4.36 -21.57
CA SER G 10 -32.25 -5.10 -22.79
C SER G 10 -33.05 -4.27 -23.80
N MET G 11 -32.57 -4.24 -25.04
CA MET G 11 -33.00 -3.24 -26.01
C MET G 11 -32.82 -3.77 -27.42
N TYR G 12 -33.49 -3.12 -28.38
CA TYR G 12 -33.06 -3.12 -29.78
C TYR G 12 -31.90 -2.13 -29.96
N ALA G 13 -31.11 -2.36 -31.01
CA ALA G 13 -29.95 -1.50 -31.24
C ALA G 13 -29.64 -1.42 -32.74
N SER G 14 -29.05 -0.29 -33.14
CA SER G 14 -28.77 0.00 -34.54
C SER G 14 -27.59 -0.83 -35.06
N LEU G 15 -27.90 -2.03 -35.56
CA LEU G 15 -26.91 -2.91 -36.16
C LEU G 15 -26.04 -2.20 -37.18
N GLY G 16 -24.75 -2.53 -37.16
CA GLY G 16 -23.73 -1.84 -37.92
C GLY G 16 -23.17 -0.60 -37.27
N GLU G 17 -23.97 0.14 -36.51
CA GLU G 17 -23.45 1.30 -35.78
C GLU G 17 -22.67 0.87 -34.54
N ARG G 18 -21.93 1.83 -33.97
CA ARG G 18 -21.38 1.68 -32.63
C ARG G 18 -22.51 1.52 -31.61
N VAL G 19 -22.22 0.76 -30.55
CA VAL G 19 -23.16 0.55 -29.45
C VAL G 19 -22.42 0.62 -28.11
N THR G 20 -23.13 1.09 -27.08
CA THR G 20 -22.58 1.36 -25.76
C THR G 20 -23.45 0.76 -24.66
N VAL G 21 -22.81 0.25 -23.61
CA VAL G 21 -23.48 -0.27 -22.42
C VAL G 21 -22.64 0.08 -21.18
N THR G 22 -23.30 0.27 -20.05
CA THR G 22 -22.70 0.98 -18.92
C THR G 22 -23.11 0.38 -17.58
N CYS G 23 -22.19 0.44 -16.61
CA CYS G 23 -22.39 -0.18 -15.30
C CYS G 23 -21.79 0.68 -14.18
N LYS G 24 -22.37 0.54 -12.99
CA LYS G 24 -21.87 1.14 -11.77
C LYS G 24 -21.92 0.12 -10.63
N ALA G 25 -20.97 0.22 -9.71
CA ALA G 25 -20.89 -0.67 -8.55
C ALA G 25 -21.27 0.05 -7.26
N SER G 26 -21.31 -0.74 -6.17
CA SER G 26 -21.47 -0.16 -4.84
C SER G 26 -20.31 0.74 -4.45
N GLN G 27 -19.14 0.52 -5.02
CA GLN G 27 -17.95 1.22 -4.54
C GLN G 27 -16.85 1.14 -5.59
N ASP G 28 -15.71 1.73 -5.26
CA ASP G 28 -14.48 1.49 -6.01
C ASP G 28 -14.15 0.01 -6.07
N ILE G 29 -13.94 -0.49 -7.29
CA ILE G 29 -13.51 -1.85 -7.54
C ILE G 29 -12.16 -1.90 -8.26
N ASN G 30 -11.46 -0.78 -8.31
CA ASN G 30 -10.09 -0.70 -8.81
C ASN G 30 -9.88 -1.38 -10.17
N SER G 31 -10.86 -1.24 -11.07
CA SER G 31 -10.80 -1.81 -12.42
C SER G 31 -10.55 -3.31 -12.45
N TYR G 32 -10.85 -4.02 -11.37
CA TYR G 32 -10.98 -5.47 -11.39
C TYR G 32 -12.27 -5.88 -12.10
N LEU G 33 -12.53 -5.29 -13.26
CA LEU G 33 -13.79 -5.45 -13.97
C LEU G 33 -13.62 -6.23 -15.26
N SER G 34 -14.53 -7.17 -15.50
CA SER G 34 -14.59 -7.93 -16.74
C SER G 34 -15.97 -7.80 -17.40
N TRP G 35 -15.99 -7.94 -18.72
CA TRP G 35 -17.22 -7.95 -19.51
C TRP G 35 -17.34 -9.23 -20.31
N LEU G 36 -18.59 -9.69 -20.47
CA LEU G 36 -18.90 -11.02 -20.98
C LEU G 36 -20.20 -10.96 -21.75
N GLN G 37 -20.41 -11.95 -22.61
CA GLN G 37 -21.57 -11.97 -23.50
C GLN G 37 -22.14 -13.38 -23.62
N GLN G 38 -23.44 -13.44 -23.85
CA GLN G 38 -24.15 -14.67 -24.12
C GLN G 38 -25.07 -14.49 -25.33
N LYS G 39 -25.19 -15.55 -26.13
CA LYS G 39 -26.26 -15.70 -27.09
C LYS G 39 -27.18 -16.83 -26.60
N PRO G 40 -28.49 -16.75 -26.82
CA PRO G 40 -29.40 -17.67 -26.13
C PRO G 40 -28.99 -19.13 -26.27
N GLY G 41 -29.12 -19.84 -25.16
CA GLY G 41 -28.78 -21.26 -25.05
C GLY G 41 -27.31 -21.58 -24.96
N LYS G 42 -26.51 -21.09 -25.90
CA LYS G 42 -25.09 -21.44 -25.91
C LYS G 42 -24.35 -20.77 -24.76
N SER G 43 -23.27 -21.42 -24.33
CA SER G 43 -22.53 -21.01 -23.14
C SER G 43 -21.88 -19.63 -23.30
N PRO G 44 -21.87 -18.81 -22.25
CA PRO G 44 -21.25 -17.48 -22.33
C PRO G 44 -19.75 -17.55 -22.61
N LYS G 45 -19.20 -16.40 -23.00
CA LYS G 45 -17.76 -16.22 -23.12
C LYS G 45 -17.34 -14.82 -22.67
N THR G 46 -16.05 -14.70 -22.35
CA THR G 46 -15.42 -13.50 -21.83
C THR G 46 -14.98 -12.55 -22.94
N LEU G 47 -15.01 -11.25 -22.63
CA LEU G 47 -14.66 -10.22 -23.61
C LEU G 47 -13.58 -9.30 -23.09
N ILE G 48 -13.83 -8.66 -21.95
CA ILE G 48 -12.91 -7.71 -21.34
C ILE G 48 -12.49 -8.29 -20.01
N TYR G 49 -11.20 -8.24 -19.69
CA TYR G 49 -10.75 -8.81 -18.43
C TYR G 49 -10.19 -7.79 -17.45
N ARG G 50 -9.68 -6.67 -17.93
CA ARG G 50 -9.68 -5.44 -17.13
C ARG G 50 -10.08 -4.33 -18.09
N ALA G 51 -10.53 -3.21 -17.53
CA ALA G 51 -10.90 -2.10 -18.38
C ALA G 51 -9.80 -1.80 -19.38
N ASN G 52 -10.16 -1.66 -20.64
CA ASN G 52 -9.20 -1.46 -21.72
C ASN G 52 -8.20 -2.61 -21.84
N ARG G 53 -8.53 -3.83 -21.45
CA ARG G 53 -7.65 -4.95 -21.77
C ARG G 53 -8.44 -6.19 -22.16
N LEU G 54 -7.90 -6.90 -23.17
CA LEU G 54 -8.61 -7.85 -24.02
C LEU G 54 -7.91 -9.21 -24.05
N PHE G 55 -8.69 -10.27 -24.23
CA PHE G 55 -8.13 -11.56 -24.57
C PHE G 55 -7.53 -11.54 -25.98
N ASP G 56 -6.81 -12.60 -26.31
CA ASP G 56 -6.67 -12.97 -27.70
C ASP G 56 -8.01 -13.46 -28.24
N GLY G 57 -8.12 -13.45 -29.56
CA GLY G 57 -9.28 -14.01 -30.24
C GLY G 57 -10.56 -13.20 -30.16
N VAL G 58 -10.75 -12.43 -29.10
CA VAL G 58 -11.88 -11.49 -29.06
C VAL G 58 -11.65 -10.36 -30.05
N PRO G 59 -12.69 -9.88 -30.74
CA PRO G 59 -12.50 -8.89 -31.81
C PRO G 59 -12.03 -7.55 -31.27
N SER G 60 -11.03 -6.99 -31.94
CA SER G 60 -10.56 -5.62 -31.67
C SER G 60 -11.67 -4.58 -31.81
N ARG G 61 -12.78 -4.91 -32.45
CA ARG G 61 -13.94 -4.01 -32.52
C ARG G 61 -14.46 -3.59 -31.15
N PHE G 62 -14.33 -4.44 -30.12
CA PHE G 62 -14.71 -4.04 -28.77
C PHE G 62 -13.66 -3.17 -28.08
N SER G 63 -14.14 -2.28 -27.22
CA SER G 63 -13.35 -1.78 -26.09
C SER G 63 -14.27 -1.22 -25.02
N GLY G 64 -13.91 -1.45 -23.76
CA GLY G 64 -14.62 -0.89 -22.63
C GLY G 64 -13.68 -0.16 -21.69
N SER G 65 -14.22 0.85 -21.02
CA SER G 65 -13.39 1.71 -20.20
C SER G 65 -14.16 2.25 -19.01
N GLY G 66 -13.41 2.72 -18.02
CA GLY G 66 -13.97 3.29 -16.82
C GLY G 66 -12.92 3.35 -15.71
N SER G 67 -13.39 3.67 -14.51
CA SER G 67 -12.52 3.74 -13.35
C SER G 67 -13.37 3.77 -12.10
N GLY G 68 -12.71 3.55 -10.96
CA GLY G 68 -13.37 3.68 -9.68
C GLY G 68 -14.58 2.81 -9.53
N GLN G 69 -15.74 3.45 -9.50
CA GLN G 69 -16.99 2.77 -9.22
C GLN G 69 -17.89 2.57 -10.44
N ASP G 70 -17.55 3.13 -11.61
CA ASP G 70 -18.43 3.01 -12.76
C ASP G 70 -17.65 2.97 -14.07
N TYR G 71 -18.22 2.27 -15.06
CA TYR G 71 -17.50 1.77 -16.23
C TYR G 71 -18.49 1.50 -17.35
N SER G 72 -17.97 1.44 -18.58
CA SER G 72 -18.82 1.17 -19.74
C SER G 72 -18.06 0.40 -20.81
N LEU G 73 -18.77 -0.53 -21.47
CA LEU G 73 -18.32 -1.19 -22.67
C LEU G 73 -18.88 -0.51 -23.93
N THR G 74 -18.08 -0.49 -25.00
CA THR G 74 -18.54 -0.15 -26.34
C THR G 74 -18.10 -1.20 -27.34
N ILE G 75 -18.86 -1.36 -28.42
CA ILE G 75 -18.32 -1.84 -29.68
C ILE G 75 -18.38 -0.70 -30.70
N SER G 76 -17.27 -0.50 -31.42
CA SER G 76 -17.14 0.56 -32.41
C SER G 76 -17.92 0.30 -33.70
N SER G 77 -18.38 -0.93 -33.92
CA SER G 77 -19.40 -1.20 -34.95
C SER G 77 -19.96 -2.60 -34.75
N LEU G 78 -21.29 -2.70 -34.67
CA LEU G 78 -21.99 -3.93 -34.32
C LEU G 78 -22.09 -4.90 -35.49
N GLU G 79 -22.36 -6.17 -35.14
CA GLU G 79 -22.51 -7.27 -36.08
C GLU G 79 -23.69 -8.14 -35.65
N TYR G 80 -24.38 -8.74 -36.64
CA TYR G 80 -25.57 -9.56 -36.37
C TYR G 80 -25.28 -10.72 -35.41
N GLU G 81 -24.13 -11.36 -35.56
CA GLU G 81 -23.72 -12.41 -34.62
C GLU G 81 -23.38 -11.85 -33.24
N ASP G 82 -23.02 -10.59 -33.14
CA ASP G 82 -22.53 -10.01 -31.89
C ASP G 82 -23.60 -9.30 -31.06
N MET G 83 -24.72 -8.90 -31.65
CA MET G 83 -25.87 -8.49 -30.85
C MET G 83 -26.47 -9.66 -30.07
N GLY G 84 -26.61 -9.46 -28.76
CA GLY G 84 -26.98 -10.51 -27.84
C GLY G 84 -27.12 -9.90 -26.45
N ILE G 85 -27.02 -10.71 -25.39
CA ILE G 85 -27.08 -10.19 -24.03
C ILE G 85 -25.67 -10.09 -23.45
N PHE G 86 -25.34 -8.90 -22.96
CA PHE G 86 -24.04 -8.55 -22.42
C PHE G 86 -24.06 -8.39 -20.91
N TYR G 87 -23.10 -9.00 -20.24
CA TYR G 87 -22.97 -9.00 -18.79
C TYR G 87 -21.61 -8.46 -18.38
N CYS G 88 -21.60 -7.83 -17.20
CA CYS G 88 -20.38 -7.30 -16.58
C CYS G 88 -20.20 -7.93 -15.20
N LEU G 89 -18.94 -8.09 -14.80
CA LEU G 89 -18.60 -8.89 -13.62
C LEU G 89 -17.36 -8.34 -12.94
N GLN G 90 -17.51 -7.88 -11.70
CA GLN G 90 -16.36 -7.57 -10.86
C GLN G 90 -15.90 -8.83 -10.15
N TYR G 91 -14.60 -8.92 -9.94
CA TYR G 91 -14.00 -10.08 -9.31
C TYR G 91 -12.92 -9.69 -8.30
N ASP G 92 -13.00 -8.49 -7.75
CA ASP G 92 -12.11 -8.18 -6.63
C ASP G 92 -12.67 -8.69 -5.31
N GLU G 93 -13.93 -8.44 -5.04
CA GLU G 93 -14.43 -8.61 -3.69
C GLU G 93 -14.97 -10.01 -3.42
N PHE G 94 -14.85 -10.40 -2.16
CA PHE G 94 -14.91 -11.76 -1.65
C PHE G 94 -16.08 -12.53 -2.25
N PRO G 95 -17.33 -12.09 -2.14
CA PRO G 95 -18.38 -12.56 -3.05
C PRO G 95 -18.33 -11.81 -4.37
N PHE G 96 -18.04 -12.53 -5.44
CA PHE G 96 -18.13 -11.97 -6.79
C PHE G 96 -19.57 -11.66 -7.17
N THR G 97 -19.73 -10.75 -8.13
CA THR G 97 -21.05 -10.25 -8.49
C THR G 97 -21.15 -9.86 -9.96
N PHE G 98 -22.32 -10.13 -10.55
CA PHE G 98 -22.65 -9.77 -11.93
C PHE G 98 -23.62 -8.59 -11.99
N GLY G 99 -23.36 -7.66 -12.90
CA GLY G 99 -24.34 -6.62 -13.24
C GLY G 99 -25.35 -7.06 -14.29
N SER G 100 -26.63 -6.76 -14.04
CA SER G 100 -27.73 -7.31 -14.82
C SER G 100 -27.63 -6.95 -16.30
N GLY G 101 -27.67 -8.00 -17.15
CA GLY G 101 -27.23 -7.87 -18.53
C GLY G 101 -28.24 -7.17 -19.44
N THR G 102 -27.73 -6.70 -20.59
CA THR G 102 -28.52 -6.00 -21.61
C THR G 102 -28.52 -6.78 -22.93
N LYS G 103 -29.72 -7.18 -23.39
CA LYS G 103 -29.93 -7.69 -24.74
C LYS G 103 -29.75 -6.62 -25.83
N LEU G 104 -29.36 -7.07 -27.03
CA LEU G 104 -29.37 -6.27 -28.25
C LEU G 104 -30.06 -7.01 -29.39
N GLU G 105 -30.88 -6.29 -30.17
CA GLU G 105 -31.60 -6.85 -31.31
C GLU G 105 -31.88 -5.76 -32.35
N LEU G 106 -32.04 -6.18 -33.62
CA LEU G 106 -32.68 -5.32 -34.62
C LEU G 106 -33.44 -6.16 -35.66
N LYS G 107 -34.53 -5.59 -36.17
CA LYS G 107 -35.32 -6.25 -37.23
C LYS G 107 -34.47 -6.48 -38.47
N GLU H 1 -6.25 25.84 -20.95
CA GLU H 1 -5.81 24.80 -21.92
C GLU H 1 -4.29 24.65 -21.92
N VAL H 2 -3.81 23.42 -22.09
CA VAL H 2 -2.40 23.22 -22.41
C VAL H 2 -2.11 23.72 -23.81
N LYS H 3 -1.08 24.54 -23.95
CA LYS H 3 -0.77 25.17 -25.22
C LYS H 3 0.73 25.29 -25.45
N LEU H 4 1.12 25.14 -26.72
CA LEU H 4 2.41 25.51 -27.24
C LEU H 4 2.22 26.47 -28.41
N VAL H 5 3.13 27.43 -28.58
CA VAL H 5 3.12 28.26 -29.79
C VAL H 5 4.52 28.66 -30.21
N GLU H 6 4.93 28.19 -31.39
CA GLU H 6 6.24 28.46 -31.98
C GLU H 6 6.39 29.90 -32.47
N SER H 7 7.64 30.35 -32.51
CA SER H 7 8.01 31.67 -33.01
C SER H 7 9.43 31.62 -33.55
N GLY H 8 9.76 32.62 -34.39
CA GLY H 8 11.09 32.74 -34.97
C GLY H 8 11.33 32.01 -36.29
N GLY H 9 10.30 31.56 -36.97
CA GLY H 9 10.40 31.18 -38.37
C GLY H 9 10.72 32.36 -39.29
N GLY H 10 11.02 32.05 -40.54
CA GLY H 10 11.35 33.07 -41.54
C GLY H 10 12.40 32.59 -42.55
N LEU H 11 13.20 33.55 -43.03
CA LEU H 11 14.23 33.32 -44.04
C LEU H 11 15.59 33.82 -43.58
N VAL H 12 16.64 33.09 -43.95
CA VAL H 12 18.02 33.47 -43.63
C VAL H 12 18.95 32.94 -44.74
N LYS H 13 20.15 33.52 -44.79
CA LYS H 13 21.15 33.07 -45.74
C LYS H 13 21.75 31.74 -45.29
N PRO H 14 22.16 30.87 -46.22
CA PRO H 14 22.84 29.65 -45.82
C PRO H 14 24.10 29.96 -45.03
N GLY H 15 24.38 29.12 -44.04
CA GLY H 15 25.47 29.37 -43.12
C GLY H 15 25.19 30.40 -42.06
N GLY H 16 24.04 31.07 -42.12
CA GLY H 16 23.62 31.99 -41.08
C GLY H 16 23.08 31.27 -39.85
N SER H 17 22.36 32.03 -39.02
CA SER H 17 21.80 31.49 -37.79
C SER H 17 20.48 32.17 -37.46
N LEU H 18 19.64 31.47 -36.68
CA LEU H 18 18.35 32.00 -36.24
C LEU H 18 18.02 31.48 -34.84
N LYS H 19 17.17 32.24 -34.15
CA LYS H 19 16.42 31.73 -32.99
C LYS H 19 15.07 31.19 -33.46
N LEU H 20 14.94 29.88 -33.55
CA LEU H 20 13.64 29.26 -33.41
C LEU H 20 13.25 29.22 -31.94
N SER H 21 11.96 29.41 -31.65
CA SER H 21 11.52 29.47 -30.26
C SER H 21 10.05 29.04 -30.16
N CYS H 22 9.61 28.74 -28.93
CA CYS H 22 8.20 28.50 -28.64
C CYS H 22 7.87 28.84 -27.20
N ALA H 23 6.62 29.27 -26.98
CA ALA H 23 6.05 29.47 -25.66
C ALA H 23 5.12 28.33 -25.26
N ALA H 24 5.23 27.89 -24.01
CA ALA H 24 4.38 26.87 -23.40
C ALA H 24 3.52 27.45 -22.29
N SER H 25 2.29 26.96 -22.16
CA SER H 25 1.41 27.42 -21.08
C SER H 25 0.41 26.34 -20.70
N GLY H 26 -0.15 26.51 -19.50
CA GLY H 26 -1.22 25.67 -18.99
C GLY H 26 -0.79 24.53 -18.08
N PHE H 27 0.49 24.42 -17.75
CA PHE H 27 0.97 23.30 -16.94
C PHE H 27 2.30 23.68 -16.29
N THR H 28 2.69 22.89 -15.28
CA THR H 28 3.97 23.08 -14.60
C THR H 28 5.09 22.70 -15.55
N PHE H 29 5.39 23.63 -16.45
CA PHE H 29 6.26 23.37 -17.60
C PHE H 29 7.61 22.78 -17.22
N THR H 30 8.19 23.20 -16.10
CA THR H 30 9.49 22.65 -15.73
C THR H 30 9.47 21.14 -15.60
N ASN H 31 8.36 20.55 -15.15
CA ASN H 31 8.32 19.11 -14.92
C ASN H 31 8.22 18.27 -16.17
N TYR H 32 7.74 18.80 -17.29
CA TYR H 32 7.68 18.02 -18.52
C TYR H 32 9.01 17.99 -19.27
N ALA H 33 9.19 16.96 -20.09
CA ALA H 33 10.19 16.99 -21.14
C ALA H 33 9.67 17.72 -22.38
N MET H 34 10.60 18.17 -23.22
CA MET H 34 10.28 18.97 -24.39
C MET H 34 11.07 18.50 -25.62
N SER H 35 10.45 18.64 -26.80
CA SER H 35 10.98 18.00 -28.01
C SER H 35 10.67 18.81 -29.27
N TRP H 36 11.56 18.73 -30.27
CA TRP H 36 11.44 19.44 -31.55
C TRP H 36 11.44 18.49 -32.76
N VAL H 37 10.59 18.82 -33.75
CA VAL H 37 10.32 17.97 -34.91
C VAL H 37 9.97 18.86 -36.11
N ARG H 38 10.10 18.31 -37.33
CA ARG H 38 9.77 19.06 -38.55
C ARG H 38 9.16 18.16 -39.62
N GLN H 39 8.32 18.73 -40.48
CA GLN H 39 8.00 18.15 -41.79
C GLN H 39 8.72 18.92 -42.90
N THR H 40 9.55 18.22 -43.64
CA THR H 40 10.21 18.75 -44.82
C THR H 40 9.26 18.77 -46.01
N PRO H 41 9.64 19.41 -47.11
CA PRO H 41 9.13 18.97 -48.41
C PRO H 41 9.43 17.49 -48.62
N GLU H 42 8.83 16.94 -49.68
CA GLU H 42 8.79 15.49 -49.89
C GLU H 42 8.04 14.78 -48.76
N LYS H 43 7.21 15.52 -48.05
CA LYS H 43 6.14 14.96 -47.21
C LYS H 43 6.64 13.92 -46.21
N ARG H 44 7.76 14.21 -45.54
CA ARG H 44 8.28 13.37 -44.46
C ARG H 44 8.39 14.17 -43.17
N LEU H 45 8.09 13.48 -42.06
CA LEU H 45 8.09 14.03 -40.71
C LEU H 45 9.31 13.52 -39.95
N GLU H 46 10.08 14.43 -39.34
CA GLU H 46 11.42 14.11 -38.84
C GLU H 46 11.70 14.70 -37.47
N TRP H 47 12.24 13.89 -36.57
CA TRP H 47 12.75 14.37 -35.29
C TRP H 47 14.02 15.18 -35.50
N VAL H 48 14.22 16.22 -34.68
CA VAL H 48 15.47 16.97 -34.69
C VAL H 48 16.16 17.02 -33.33
N ALA H 49 15.42 17.14 -32.23
CA ALA H 49 16.09 17.05 -30.93
C ALA H 49 15.07 17.04 -29.81
N SER H 50 15.54 16.67 -28.61
CA SER H 50 14.72 16.77 -27.41
C SER H 50 15.59 17.07 -26.20
N ILE H 51 14.96 17.60 -25.15
CA ILE H 51 15.59 17.80 -23.86
C ILE H 51 14.74 17.21 -22.75
N SER H 52 15.41 16.61 -21.77
CA SER H 52 14.74 16.07 -20.60
C SER H 52 14.14 17.17 -19.74
N SER H 53 13.30 16.75 -18.80
CA SER H 53 12.93 17.66 -17.73
C SER H 53 14.17 18.09 -16.97
N GLY H 54 15.09 17.16 -16.75
CA GLY H 54 16.45 17.55 -16.45
C GLY H 54 17.07 18.15 -17.69
N HIS H 55 17.72 19.29 -17.53
CA HIS H 55 18.18 20.03 -18.71
C HIS H 55 19.29 19.24 -19.37
N THR H 56 18.94 18.46 -20.38
CA THR H 56 19.82 17.44 -20.92
C THR H 56 19.40 17.12 -22.35
N PRO H 57 20.28 17.30 -23.33
CA PRO H 57 19.85 17.21 -24.73
C PRO H 57 20.09 15.86 -25.41
N TYR H 58 19.34 15.61 -26.47
CA TYR H 58 19.52 14.44 -27.34
C TYR H 58 19.43 14.83 -28.80
N TYR H 59 20.34 14.27 -29.61
CA TYR H 59 20.55 14.75 -30.97
C TYR H 59 20.76 13.66 -32.02
N PRO H 60 20.17 13.80 -33.20
CA PRO H 60 20.56 12.98 -34.35
C PRO H 60 21.80 13.49 -35.07
N ASP H 61 22.51 12.54 -35.68
CA ASP H 61 23.75 12.87 -36.40
C ASP H 61 23.51 13.87 -37.53
N SER H 62 22.29 13.93 -38.07
CA SER H 62 21.98 14.95 -39.07
C SER H 62 22.20 16.36 -38.53
N VAL H 63 22.10 16.54 -37.22
CA VAL H 63 22.12 17.86 -36.61
C VAL H 63 23.17 17.98 -35.53
N LYS H 64 23.72 16.86 -35.06
CA LYS H 64 24.76 16.85 -34.06
C LYS H 64 25.87 17.83 -34.40
N GLY H 65 26.18 18.69 -33.43
CA GLY H 65 27.14 19.75 -33.60
C GLY H 65 26.65 20.97 -34.36
N ARG H 66 25.57 20.87 -35.13
CA ARG H 66 24.97 22.08 -35.68
C ARG H 66 24.23 22.88 -34.62
N PHE H 67 23.20 22.29 -34.01
CA PHE H 67 22.27 23.03 -33.16
C PHE H 67 22.45 22.68 -31.69
N THR H 68 21.76 23.45 -30.85
CA THR H 68 21.39 23.03 -29.50
C THR H 68 19.99 23.52 -29.20
N ILE H 69 19.26 22.76 -28.35
CA ILE H 69 18.10 23.30 -27.63
C ILE H 69 18.56 24.04 -26.39
N SER H 70 17.75 25.01 -25.94
CA SER H 70 17.70 25.40 -24.53
C SER H 70 16.27 25.77 -24.16
N ARG H 71 16.02 25.92 -22.87
CA ARG H 71 14.73 26.40 -22.39
C ARG H 71 14.93 27.21 -21.11
N ASP H 72 13.90 27.98 -20.73
CA ASP H 72 13.86 28.64 -19.43
C ASP H 72 12.65 28.26 -18.61
N ASN H 73 12.86 28.11 -17.30
CA ASN H 73 11.74 28.13 -16.36
C ASN H 73 11.16 29.53 -16.28
N ALA H 74 12.00 30.54 -16.53
CA ALA H 74 11.62 31.93 -16.28
C ALA H 74 10.34 32.30 -17.03
N ARG H 75 10.17 31.75 -18.22
CA ARG H 75 9.06 32.13 -19.07
C ARG H 75 8.44 30.94 -19.79
N ASN H 76 8.94 29.73 -19.56
CA ASN H 76 8.47 28.54 -20.26
C ASN H 76 8.66 28.69 -21.76
N ILE H 77 9.80 29.23 -22.15
CA ILE H 77 10.13 29.46 -23.56
C ILE H 77 11.17 28.44 -23.99
N LEU H 78 10.90 27.79 -25.12
CA LEU H 78 11.92 27.02 -25.83
C LEU H 78 12.77 27.90 -26.73
N PHE H 79 14.00 27.47 -26.94
CA PHE H 79 14.87 28.06 -27.95
C PHE H 79 15.61 26.94 -28.66
N LEU H 80 15.93 27.18 -29.93
CA LEU H 80 16.69 26.21 -30.72
C LEU H 80 17.64 26.97 -31.63
N GLN H 81 18.94 26.75 -31.44
CA GLN H 81 20.02 27.46 -32.14
C GLN H 81 20.19 26.96 -33.57
N MET H 82 19.26 27.38 -34.43
CA MET H 82 19.45 27.24 -35.87
C MET H 82 20.77 27.85 -36.30
N SER H 83 21.74 27.04 -36.72
CA SER H 83 23.11 27.49 -36.92
C SER H 83 23.79 26.69 -38.03
N SER H 84 24.76 27.31 -38.69
CA SER H 84 25.50 26.68 -39.79
C SER H 84 24.55 26.07 -40.82
N LEU H 85 23.47 26.79 -41.09
CA LEU H 85 22.30 26.27 -41.76
C LEU H 85 22.60 25.85 -43.20
N ARG H 86 21.91 24.82 -43.68
CA ARG H 86 22.24 24.20 -44.96
C ARG H 86 20.97 23.72 -45.66
N SER H 87 21.02 23.73 -47.00
CA SER H 87 19.83 23.85 -47.86
C SER H 87 18.70 22.88 -47.52
N GLU H 88 19.02 21.68 -47.08
CA GLU H 88 18.00 20.67 -46.77
C GLU H 88 17.12 21.04 -45.59
N ASP H 89 17.58 21.92 -44.70
CA ASP H 89 16.90 22.18 -43.45
C ASP H 89 15.66 23.08 -43.56
N THR H 90 15.27 23.48 -44.77
CA THR H 90 13.99 24.16 -44.98
C THR H 90 12.81 23.23 -44.70
N ALA H 91 11.95 23.63 -43.75
CA ALA H 91 10.84 22.78 -43.32
C ALA H 91 9.86 23.61 -42.48
N MET H 92 8.67 23.06 -42.28
CA MET H 92 7.79 23.45 -41.18
C MET H 92 8.24 22.74 -39.92
N TYR H 93 8.82 23.48 -38.99
CA TYR H 93 9.18 22.95 -37.69
C TYR H 93 8.00 22.95 -36.71
N TYR H 94 8.06 22.05 -35.74
CA TYR H 94 7.08 21.98 -34.65
C TYR H 94 7.77 21.55 -33.38
N CYS H 95 7.13 21.87 -32.24
CA CYS H 95 7.52 21.32 -30.94
C CYS H 95 6.28 20.78 -30.22
N ALA H 96 6.47 19.76 -29.36
CA ALA H 96 5.32 18.97 -28.93
C ALA H 96 5.53 18.31 -27.56
N ARG H 97 6.13 19.00 -26.61
CA ARG H 97 6.23 18.52 -25.20
C ARG H 97 6.92 17.16 -25.11
N GLY H 98 6.30 16.17 -24.44
CA GLY H 98 6.97 14.99 -23.91
C GLY H 98 6.04 14.21 -22.99
N ASP H 99 6.45 13.88 -21.77
CA ASP H 99 5.56 13.14 -20.87
C ASP H 99 5.59 13.67 -19.44
N TYR H 100 4.62 13.15 -18.67
CA TYR H 100 4.44 13.49 -17.27
C TYR H 100 5.68 13.29 -16.41
N TYR H 101 6.48 12.28 -16.70
CA TYR H 101 7.64 11.97 -15.87
C TYR H 101 8.87 12.75 -16.27
N GLY H 102 8.83 13.44 -17.40
CA GLY H 102 10.01 14.09 -17.92
C GLY H 102 10.97 13.17 -18.61
N SER H 103 10.48 12.06 -19.15
CA SER H 103 11.28 11.20 -20.00
C SER H 103 11.41 11.79 -21.39
N VAL H 104 12.61 11.72 -21.97
CA VAL H 104 12.70 11.92 -23.41
C VAL H 104 12.19 10.67 -24.12
N TYR H 105 12.46 9.50 -23.55
CA TYR H 105 11.95 8.25 -24.09
C TYR H 105 10.47 8.15 -23.76
N SER H 106 9.63 8.61 -24.69
CA SER H 106 8.19 8.48 -24.52
C SER H 106 7.52 8.78 -25.86
N ALA H 107 6.25 8.42 -25.96
CA ALA H 107 5.36 9.15 -26.86
C ALA H 107 5.19 10.58 -26.34
N MET H 108 4.49 11.42 -27.13
CA MET H 108 4.15 12.77 -26.67
C MET H 108 2.77 13.17 -27.15
N ASP H 109 2.11 14.01 -26.35
CA ASP H 109 0.68 14.32 -26.54
C ASP H 109 0.44 15.48 -27.51
N TYR H 110 0.80 16.69 -27.10
CA TYR H 110 0.28 17.90 -27.73
C TYR H 110 1.35 18.65 -28.51
N TRP H 111 0.93 19.15 -29.69
CA TRP H 111 1.80 19.75 -30.68
C TRP H 111 1.50 21.23 -30.84
N GLY H 112 2.54 22.07 -30.84
CA GLY H 112 2.38 23.46 -31.24
C GLY H 112 1.99 23.60 -32.69
N GLN H 113 1.51 24.80 -33.05
CA GLN H 113 1.04 25.06 -34.41
C GLN H 113 2.16 24.99 -35.45
N GLY H 114 3.42 25.01 -35.02
CA GLY H 114 4.58 25.02 -35.90
C GLY H 114 4.90 26.39 -36.48
N THR H 115 6.03 26.46 -37.18
CA THR H 115 6.39 27.64 -37.96
C THR H 115 7.37 27.26 -39.07
N SER H 116 7.29 27.98 -40.20
CA SER H 116 8.11 27.71 -41.37
C SER H 116 9.50 28.34 -41.27
N LEU H 117 10.55 27.53 -41.46
CA LEU H 117 11.91 27.99 -41.65
C LEU H 117 12.35 27.77 -43.10
N THR H 118 12.99 28.78 -43.68
CA THR H 118 13.39 28.77 -45.07
C THR H 118 14.79 29.37 -45.22
N VAL H 119 15.48 28.98 -46.28
CA VAL H 119 16.86 29.39 -46.51
C VAL H 119 17.06 29.62 -48.00
N SER H 120 17.77 30.70 -48.33
CA SER H 120 18.03 31.03 -49.73
C SER H 120 19.42 30.57 -50.15
N GLU I 1 20.07 2.95 -35.40
CA GLU I 1 19.01 3.66 -36.19
C GLU I 1 17.96 2.67 -36.71
N ILE I 2 16.84 2.62 -36.00
CA ILE I 2 15.74 1.75 -36.42
C ILE I 2 15.16 2.23 -37.74
N ARG I 3 15.22 1.36 -38.74
CA ARG I 3 14.37 1.49 -39.92
C ARG I 3 12.98 0.97 -39.60
N MET I 4 11.97 1.57 -40.22
CA MET I 4 10.63 0.98 -40.22
C MET I 4 9.81 1.57 -41.36
N THR I 5 8.77 0.83 -41.77
CA THR I 5 7.76 1.35 -42.69
C THR I 5 6.41 0.68 -42.47
N GLN I 6 5.36 1.42 -42.84
CA GLN I 6 4.06 0.88 -43.23
C GLN I 6 3.87 1.09 -44.73
N SER I 7 3.20 0.12 -45.39
CA SER I 7 3.22 0.06 -46.86
C SER I 7 2.32 1.06 -47.60
N PRO I 8 1.05 1.26 -47.23
CA PRO I 8 0.13 1.96 -48.14
C PRO I 8 0.57 3.37 -48.49
N SER I 9 0.49 3.69 -49.78
CA SER I 9 0.63 5.07 -50.23
C SER I 9 -0.57 5.93 -49.82
N SER I 10 -1.78 5.39 -49.93
CA SER I 10 -2.95 5.99 -49.31
C SER I 10 -4.06 4.96 -49.22
N MET I 11 -5.08 5.30 -48.44
CA MET I 11 -6.38 4.63 -48.47
C MET I 11 -7.44 5.57 -49.02
N TYR I 12 -8.04 5.19 -50.15
CA TYR I 12 -9.36 5.70 -50.52
C TYR I 12 -10.45 4.97 -49.74
N ALA I 13 -11.34 5.72 -49.09
CA ALA I 13 -12.23 5.16 -48.08
C ALA I 13 -13.50 5.99 -48.00
N SER I 14 -14.51 5.46 -47.30
CA SER I 14 -15.87 5.98 -47.36
C SER I 14 -16.53 5.94 -45.99
N LEU I 15 -17.64 6.68 -45.86
CA LEU I 15 -18.34 6.83 -44.59
C LEU I 15 -18.87 5.49 -44.06
N GLY I 16 -18.49 5.16 -42.83
CA GLY I 16 -18.84 3.90 -42.20
C GLY I 16 -17.92 2.73 -42.51
N GLU I 17 -16.87 2.94 -43.29
CA GLU I 17 -15.95 1.86 -43.68
C GLU I 17 -14.96 1.55 -42.56
N ARG I 18 -14.45 0.31 -42.56
CA ARG I 18 -13.32 -0.08 -41.71
C ARG I 18 -12.03 -0.12 -42.52
N VAL I 19 -10.97 0.51 -42.00
CA VAL I 19 -9.68 0.62 -42.68
C VAL I 19 -8.54 0.52 -41.67
N THR I 20 -7.38 0.05 -42.15
CA THR I 20 -6.24 -0.26 -41.28
C THR I 20 -4.91 0.09 -41.94
N VAL I 21 -3.87 0.19 -41.09
CA VAL I 21 -2.48 0.34 -41.51
C VAL I 21 -1.61 -0.56 -40.63
N THR I 22 -0.49 -1.05 -41.20
CA THR I 22 0.44 -1.90 -40.44
C THR I 22 1.90 -1.51 -40.70
N CYS I 23 2.69 -1.50 -39.62
CA CYS I 23 4.09 -1.10 -39.63
C CYS I 23 5.03 -2.21 -39.15
N LYS I 24 6.24 -2.23 -39.74
CA LYS I 24 7.28 -3.22 -39.48
C LYS I 24 8.61 -2.51 -39.31
N ALA I 25 9.41 -2.93 -38.32
CA ALA I 25 10.68 -2.29 -38.00
C ALA I 25 11.88 -3.19 -38.28
N SER I 26 13.07 -2.63 -38.06
CA SER I 26 14.32 -3.37 -38.09
C SER I 26 14.71 -4.01 -36.77
N GLN I 27 14.09 -3.63 -35.66
CA GLN I 27 14.40 -4.26 -34.38
C GLN I 27 13.14 -4.49 -33.58
N ASP I 28 13.22 -5.49 -32.71
CA ASP I 28 12.08 -5.94 -31.92
C ASP I 28 11.76 -4.93 -30.82
N ILE I 29 11.25 -3.77 -31.22
CA ILE I 29 10.93 -2.73 -30.27
C ILE I 29 9.84 -3.20 -29.31
N ASN I 30 9.82 -2.60 -28.12
CA ASN I 30 9.05 -3.09 -27.00
C ASN I 30 7.62 -2.61 -27.01
N SER I 31 7.03 -2.45 -28.19
CA SER I 31 5.78 -1.72 -28.39
C SER I 31 5.85 -0.26 -27.95
N TYR I 32 7.05 0.28 -27.79
CA TYR I 32 7.24 1.71 -27.56
C TYR I 32 7.05 2.47 -28.87
N LEU I 33 5.82 2.40 -29.37
CA LEU I 33 5.46 2.94 -30.67
C LEU I 33 4.09 3.59 -30.61
N SER I 34 3.91 4.61 -31.45
CA SER I 34 2.72 5.43 -31.49
C SER I 34 2.28 5.64 -32.93
N TRP I 35 0.99 5.97 -33.10
CA TRP I 35 0.47 6.44 -34.37
C TRP I 35 -0.06 7.87 -34.26
N LEU I 36 0.19 8.65 -35.32
CA LEU I 36 -0.02 10.09 -35.38
C LEU I 36 -0.83 10.43 -36.62
N GLN I 37 -1.69 11.44 -36.52
CA GLN I 37 -2.55 11.83 -37.63
C GLN I 37 -2.46 13.34 -37.84
N GLN I 38 -2.47 13.77 -39.10
CA GLN I 38 -2.39 15.20 -39.45
C GLN I 38 -3.31 15.51 -40.63
N LYS I 39 -4.46 16.12 -40.32
CA LYS I 39 -5.23 16.82 -41.35
C LYS I 39 -4.48 18.05 -41.85
N PRO I 40 -4.60 18.39 -43.14
CA PRO I 40 -3.71 19.39 -43.74
C PRO I 40 -3.89 20.79 -43.17
N GLY I 41 -2.83 21.57 -43.24
CA GLY I 41 -2.82 22.94 -42.80
C GLY I 41 -2.76 23.14 -41.30
N LYS I 42 -2.70 22.08 -40.50
CA LYS I 42 -2.53 22.19 -39.06
C LYS I 42 -1.58 21.10 -38.57
N SER I 43 -1.15 21.24 -37.31
CA SER I 43 -0.16 20.33 -36.73
C SER I 43 -0.69 18.91 -36.60
N PRO I 44 0.22 17.93 -36.52
CA PRO I 44 -0.19 16.55 -36.19
C PRO I 44 -0.89 16.44 -34.85
N LYS I 45 -1.60 15.32 -34.67
CA LYS I 45 -2.15 14.92 -33.39
C LYS I 45 -1.85 13.45 -33.10
N THR I 46 -1.59 13.15 -31.83
CA THR I 46 -1.26 11.79 -31.38
C THR I 46 -2.52 11.05 -30.93
N LEU I 47 -2.81 9.93 -31.58
CA LEU I 47 -3.99 9.13 -31.23
C LEU I 47 -3.66 8.11 -30.15
N ILE I 48 -2.66 7.28 -30.40
CA ILE I 48 -2.35 6.11 -29.59
C ILE I 48 -0.89 6.17 -29.17
N TYR I 49 -0.63 6.04 -27.87
CA TYR I 49 0.65 6.47 -27.33
C TYR I 49 1.58 5.29 -27.05
N ARG I 50 1.29 4.46 -26.07
CA ARG I 50 1.79 3.10 -26.13
C ARG I 50 0.97 2.37 -27.17
N ALA I 51 1.59 1.46 -27.90
CA ALA I 51 1.01 1.02 -29.17
C ALA I 51 -0.39 0.43 -29.02
N ASN I 52 -0.85 0.18 -27.81
CA ASN I 52 -2.16 -0.39 -27.58
C ASN I 52 -3.21 0.57 -27.00
N ARG I 53 -2.85 1.78 -26.58
CA ARG I 53 -3.75 2.59 -25.78
C ARG I 53 -3.69 4.08 -26.09
N LEU I 54 -4.87 4.71 -26.07
CA LEU I 54 -5.14 6.05 -26.56
C LEU I 54 -4.89 7.14 -25.52
N PHE I 55 -4.59 8.34 -26.01
CA PHE I 55 -4.76 9.56 -25.22
C PHE I 55 -6.24 9.96 -25.15
N ASP I 56 -6.52 10.90 -24.24
CA ASP I 56 -7.87 11.34 -23.98
C ASP I 56 -8.56 11.90 -25.22
N GLY I 57 -9.87 11.72 -25.27
CA GLY I 57 -10.72 12.27 -26.32
C GLY I 57 -10.67 11.61 -27.68
N VAL I 58 -9.66 10.77 -27.92
CA VAL I 58 -9.59 10.03 -29.17
C VAL I 58 -10.72 8.99 -29.19
N PRO I 59 -11.60 9.01 -30.18
CA PRO I 59 -12.82 8.19 -30.11
C PRO I 59 -12.56 6.72 -30.38
N SER I 60 -13.50 5.90 -29.91
CA SER I 60 -13.50 4.45 -30.14
C SER I 60 -13.47 4.10 -31.62
N ARG I 61 -13.74 5.05 -32.51
CA ARG I 61 -13.48 4.89 -33.94
C ARG I 61 -12.06 4.41 -34.26
N PHE I 62 -11.09 4.62 -33.36
CA PHE I 62 -9.71 4.18 -33.56
C PHE I 62 -9.28 3.12 -32.56
N SER I 63 -8.37 2.24 -32.98
CA SER I 63 -7.68 1.32 -32.08
C SER I 63 -6.37 0.85 -32.75
N GLY I 64 -5.50 0.23 -31.93
CA GLY I 64 -4.23 -0.28 -32.44
C GLY I 64 -3.66 -1.44 -31.64
N SER I 65 -2.68 -2.12 -32.25
CA SER I 65 -2.20 -3.42 -31.76
C SER I 65 -0.80 -3.73 -32.31
N GLY I 66 -0.14 -4.70 -31.69
CA GLY I 66 1.10 -5.23 -32.23
C GLY I 66 2.03 -5.77 -31.15
N SER I 67 3.17 -6.30 -31.60
CA SER I 67 4.22 -6.76 -30.72
C SER I 67 5.53 -6.85 -31.48
N GLY I 68 6.64 -6.78 -30.73
CA GLY I 68 7.97 -6.96 -31.28
C GLY I 68 8.27 -6.10 -32.49
N GLN I 69 8.37 -6.75 -33.65
CA GLN I 69 8.66 -6.06 -34.91
C GLN I 69 7.43 -5.44 -35.54
N ASP I 70 6.22 -5.87 -35.19
CA ASP I 70 5.04 -5.68 -36.03
C ASP I 70 3.91 -5.01 -35.29
N TYR I 71 3.26 -4.05 -35.95
CA TYR I 71 2.22 -3.25 -35.31
C TYR I 71 1.14 -2.89 -36.33
N SER I 72 -0.01 -2.46 -35.83
CA SER I 72 -1.08 -1.99 -36.70
C SER I 72 -1.97 -0.98 -35.98
N LEU I 73 -2.59 -0.10 -36.77
CA LEU I 73 -3.73 0.72 -36.34
C LEU I 73 -4.95 0.38 -37.18
N THR I 74 -6.13 0.42 -36.55
CA THR I 74 -7.40 0.21 -37.23
C THR I 74 -8.37 1.35 -36.96
N ILE I 75 -9.20 1.65 -37.96
CA ILE I 75 -10.34 2.54 -37.84
C ILE I 75 -11.61 1.74 -38.09
N SER I 76 -12.56 1.82 -37.16
CA SER I 76 -13.87 1.19 -37.29
C SER I 76 -14.93 2.24 -37.60
N SER I 77 -15.63 2.07 -38.73
CA SER I 77 -16.66 3.01 -39.20
C SER I 77 -16.10 4.42 -39.38
N LEU I 78 -15.15 4.51 -40.31
CA LEU I 78 -14.54 5.76 -40.75
C LEU I 78 -15.55 6.85 -41.06
N GLU I 79 -15.14 8.10 -40.84
CA GLU I 79 -15.83 9.28 -41.34
C GLU I 79 -14.85 10.24 -41.99
N TYR I 80 -15.40 11.14 -42.83
CA TYR I 80 -14.59 12.14 -43.54
C TYR I 80 -13.85 13.06 -42.59
N GLU I 81 -14.35 13.24 -41.37
CA GLU I 81 -13.65 13.99 -40.34
C GLU I 81 -12.31 13.38 -39.95
N ASP I 82 -12.08 12.10 -40.27
CA ASP I 82 -10.86 11.39 -39.91
C ASP I 82 -9.81 11.38 -41.01
N MET I 83 -10.10 11.93 -42.18
CA MET I 83 -9.21 11.88 -43.35
C MET I 83 -7.87 12.57 -43.12
N GLY I 84 -6.97 12.50 -44.11
CA GLY I 84 -5.67 13.16 -44.06
C GLY I 84 -4.49 12.26 -43.76
N ILE I 85 -3.38 12.89 -43.36
CA ILE I 85 -2.07 12.22 -43.24
C ILE I 85 -2.03 11.31 -42.01
N PHE I 86 -1.23 10.23 -42.12
CA PHE I 86 -0.95 9.32 -41.01
C PHE I 86 0.54 9.00 -40.91
N TYR I 87 1.05 8.84 -39.68
CA TYR I 87 2.42 8.43 -39.41
C TYR I 87 2.48 7.51 -38.19
N CYS I 88 3.42 6.56 -38.21
CA CYS I 88 3.89 5.85 -37.02
C CYS I 88 5.09 6.55 -36.38
N LEU I 89 5.51 6.07 -35.20
CA LEU I 89 6.71 6.61 -34.56
C LEU I 89 7.26 5.64 -33.52
N GLN I 90 8.55 5.28 -33.61
CA GLN I 90 9.24 4.53 -32.56
C GLN I 90 9.87 5.49 -31.56
N TYR I 91 9.98 5.03 -30.30
CA TYR I 91 10.70 5.81 -29.30
C TYR I 91 11.42 5.00 -28.22
N ASP I 92 11.97 3.82 -28.53
CA ASP I 92 12.81 3.12 -27.56
C ASP I 92 14.27 3.02 -27.96
N GLU I 93 14.72 3.82 -28.93
CA GLU I 93 16.12 4.23 -28.96
C GLU I 93 16.18 5.64 -29.50
N PHE I 94 17.22 6.37 -29.09
CA PHE I 94 17.21 7.82 -29.22
C PHE I 94 17.23 8.40 -30.63
N PRO I 95 17.63 7.67 -31.68
CA PRO I 95 17.28 8.21 -33.01
C PRO I 95 15.81 7.99 -33.34
N PHE I 96 14.97 8.75 -32.64
CA PHE I 96 13.54 8.75 -32.84
C PHE I 96 13.19 9.01 -34.31
N THR I 97 12.30 8.20 -34.87
CA THR I 97 11.96 8.37 -36.28
C THR I 97 10.62 7.73 -36.62
N PHE I 98 10.04 8.20 -37.73
CA PHE I 98 8.63 8.04 -38.05
C PHE I 98 8.33 7.02 -39.13
N GLY I 99 9.34 6.47 -39.79
CA GLY I 99 9.15 5.60 -40.94
C GLY I 99 8.42 6.27 -42.09
N SER I 100 7.78 5.44 -42.90
CA SER I 100 6.93 5.93 -43.99
C SER I 100 5.68 6.63 -43.47
N GLY I 101 5.28 7.70 -44.18
CA GLY I 101 3.97 8.30 -44.02
C GLY I 101 2.94 7.70 -44.97
N THR I 102 1.66 8.01 -44.68
CA THR I 102 0.56 7.60 -45.56
C THR I 102 -0.61 8.57 -45.35
N LYS I 103 -1.71 8.33 -46.05
CA LYS I 103 -2.83 9.25 -46.02
C LYS I 103 -4.15 8.56 -46.33
N LEU I 104 -5.24 9.19 -45.88
CA LEU I 104 -6.60 8.69 -45.98
C LEU I 104 -7.50 9.66 -46.76
N GLU I 105 -8.18 9.13 -47.79
CA GLU I 105 -8.83 9.91 -48.83
C GLU I 105 -10.25 9.40 -49.07
N LEU I 106 -11.18 10.32 -49.40
CA LEU I 106 -12.57 9.93 -49.65
C LEU I 106 -12.71 9.35 -51.06
N LYS I 107 -13.44 8.22 -51.16
CA LYS I 107 -13.95 7.72 -52.44
C LYS I 107 -15.46 7.90 -52.52
#